data_2E61
#
_entry.id   2E61
#
loop_
_entity.id
_entity.type
_entity.pdbx_description
1 polymer 'Zinc finger CW-type PWWP domain protein 1'
2 non-polymer 'ZINC ION'
#
_entity_poly.entity_id   1
_entity_poly.type   'polypeptide(L)'
_entity_poly.pdbx_seq_one_letter_code
;GSSGSSGEISGFGQCLVWVQCSFPNCGKWRRLCGNIDPSVLPDNWSCDQNTDVQYNRCDIPEETWTGLE
;
_entity_poly.pdbx_strand_id   A
#
loop_
_chem_comp.id
_chem_comp.type
_chem_comp.name
_chem_comp.formula
ZN non-polymer 'ZINC ION' 'Zn 2'
#
# COMPACT_ATOMS: atom_id res chain seq x y z
N GLY A 1 11.78 7.18 19.56
CA GLY A 1 11.13 7.81 18.43
C GLY A 1 12.06 8.75 17.68
N SER A 2 11.74 9.02 16.42
CA SER A 2 12.56 9.89 15.59
C SER A 2 11.69 10.69 14.62
N SER A 3 12.07 11.94 14.39
CA SER A 3 11.32 12.81 13.48
C SER A 3 11.81 12.65 12.05
N GLY A 4 10.88 12.40 11.14
CA GLY A 4 11.23 12.22 9.75
C GLY A 4 11.59 13.53 9.06
N SER A 5 12.83 13.98 9.27
CA SER A 5 13.30 15.23 8.68
C SER A 5 13.20 15.18 7.16
N SER A 6 12.64 16.25 6.59
CA SER A 6 12.48 16.33 5.14
C SER A 6 13.35 17.44 4.56
N GLY A 7 14.56 17.08 4.13
CA GLY A 7 15.48 18.05 3.56
C GLY A 7 16.90 17.57 3.56
N GLU A 8 17.24 16.69 4.51
CA GLU A 8 18.58 16.15 4.61
C GLU A 8 18.90 15.22 3.45
N ILE A 9 20.03 15.45 2.80
CA ILE A 9 20.44 14.64 1.67
C ILE A 9 20.73 13.20 2.10
N SER A 10 21.14 13.03 3.35
CA SER A 10 21.45 11.71 3.89
C SER A 10 20.19 11.03 4.41
N GLY A 11 20.03 9.75 4.10
CA GLY A 11 18.88 9.02 4.56
C GLY A 11 17.86 8.79 3.45
N PHE A 12 17.02 7.77 3.62
CA PHE A 12 16.01 7.46 2.62
C PHE A 12 14.80 8.37 2.77
N GLY A 13 14.46 9.07 1.69
CA GLY A 13 13.33 9.98 1.72
C GLY A 13 12.16 9.48 0.88
N GLN A 14 12.13 8.17 0.64
CA GLN A 14 11.06 7.57 -0.14
C GLN A 14 9.71 7.75 0.54
N CYS A 15 8.65 7.82 -0.26
CA CYS A 15 7.30 7.99 0.26
C CYS A 15 6.66 6.65 0.58
N LEU A 16 5.44 6.68 1.09
CA LEU A 16 4.72 5.46 1.45
C LEU A 16 3.22 5.65 1.29
N VAL A 17 2.58 4.75 0.56
CA VAL A 17 1.13 4.81 0.34
C VAL A 17 0.45 3.53 0.81
N TRP A 18 -0.80 3.67 1.24
CA TRP A 18 -1.57 2.52 1.71
C TRP A 18 -2.95 2.48 1.06
N VAL A 19 -3.39 1.28 0.69
CA VAL A 19 -4.69 1.12 0.06
C VAL A 19 -5.54 0.10 0.81
N GLN A 20 -6.77 0.48 1.12
CA GLN A 20 -7.69 -0.40 1.84
C GLN A 20 -8.54 -1.22 0.87
N CYS A 21 -8.63 -2.52 1.12
CA CYS A 21 -9.41 -3.41 0.27
C CYS A 21 -10.83 -2.88 0.08
N SER A 22 -11.49 -3.32 -0.99
CA SER A 22 -12.85 -2.89 -1.27
C SER A 22 -13.85 -3.75 -0.52
N PHE A 23 -13.47 -4.98 -0.21
CA PHE A 23 -14.34 -5.90 0.51
C PHE A 23 -14.42 -5.54 1.98
N PRO A 24 -15.61 -5.73 2.58
CA PRO A 24 -15.84 -5.43 3.99
C PRO A 24 -15.11 -6.39 4.92
N ASN A 25 -15.25 -7.68 4.66
CA ASN A 25 -14.60 -8.71 5.47
C ASN A 25 -13.09 -8.49 5.51
N CYS A 26 -12.56 -7.81 4.50
CA CYS A 26 -11.14 -7.53 4.42
C CYS A 26 -10.79 -6.25 5.17
N GLY A 27 -11.11 -5.12 4.55
CA GLY A 27 -10.83 -3.83 5.17
C GLY A 27 -9.40 -3.71 5.62
N LYS A 28 -8.50 -4.43 4.95
CA LYS A 28 -7.08 -4.40 5.30
C LYS A 28 -6.34 -3.37 4.44
N TRP A 29 -5.33 -2.74 5.03
CA TRP A 29 -4.54 -1.75 4.31
C TRP A 29 -3.27 -2.37 3.73
N ARG A 30 -3.29 -2.62 2.43
CA ARG A 30 -2.15 -3.22 1.75
C ARG A 30 -1.09 -2.16 1.43
N ARG A 31 0.17 -2.60 1.35
CA ARG A 31 1.27 -1.69 1.05
C ARG A 31 1.68 -1.80 -0.42
N LEU A 32 1.75 -0.66 -1.10
CA LEU A 32 2.13 -0.63 -2.50
C LEU A 32 3.60 -0.24 -2.65
N CYS A 33 4.07 -0.23 -3.90
CA CYS A 33 5.47 0.12 -4.17
C CYS A 33 5.81 1.48 -3.58
N GLY A 34 5.18 2.53 -4.11
CA GLY A 34 5.43 3.87 -3.63
C GLY A 34 5.04 4.94 -4.63
N ASN A 35 5.01 4.56 -5.91
CA ASN A 35 4.65 5.49 -6.97
C ASN A 35 3.20 5.30 -7.39
N ILE A 36 2.34 5.00 -6.43
CA ILE A 36 0.92 4.78 -6.71
C ILE A 36 0.05 5.67 -5.83
N ASP A 37 -1.00 6.23 -6.42
CA ASP A 37 -1.91 7.10 -5.69
C ASP A 37 -3.34 6.57 -5.75
N PRO A 38 -4.12 6.86 -4.71
CA PRO A 38 -5.52 6.42 -4.62
C PRO A 38 -6.42 7.14 -5.62
N SER A 39 -6.04 8.36 -5.99
CA SER A 39 -6.81 9.15 -6.94
C SER A 39 -6.87 8.46 -8.30
N VAL A 40 -5.76 7.85 -8.69
CA VAL A 40 -5.68 7.16 -9.98
C VAL A 40 -6.16 5.71 -9.84
N LEU A 41 -6.08 5.18 -8.63
CA LEU A 41 -6.51 3.81 -8.38
C LEU A 41 -8.03 3.68 -8.48
N PRO A 42 -8.50 2.47 -8.81
CA PRO A 42 -9.93 2.19 -8.94
C PRO A 42 -10.67 2.22 -7.61
N ASP A 43 -11.99 2.24 -7.67
CA ASP A 43 -12.81 2.28 -6.47
C ASP A 43 -13.04 0.87 -5.92
N ASN A 44 -13.00 -0.11 -6.81
CA ASN A 44 -13.22 -1.51 -6.43
C ASN A 44 -11.89 -2.23 -6.26
N TRP A 45 -10.88 -1.50 -5.79
CA TRP A 45 -9.56 -2.07 -5.59
C TRP A 45 -9.57 -3.10 -4.46
N SER A 46 -8.77 -4.14 -4.60
CA SER A 46 -8.70 -5.19 -3.59
C SER A 46 -7.25 -5.65 -3.38
N CYS A 47 -7.06 -6.57 -2.45
CA CYS A 47 -5.74 -7.10 -2.14
C CYS A 47 -5.12 -7.76 -3.38
N ASP A 48 -5.98 -8.31 -4.23
CA ASP A 48 -5.51 -8.97 -5.45
C ASP A 48 -4.86 -7.97 -6.40
N GLN A 49 -5.13 -6.69 -6.17
CA GLN A 49 -4.56 -5.63 -7.00
C GLN A 49 -3.34 -5.01 -6.35
N ASN A 50 -2.67 -5.78 -5.49
CA ASN A 50 -1.49 -5.30 -4.79
C ASN A 50 -0.22 -5.64 -5.56
N THR A 51 0.82 -4.84 -5.36
CA THR A 51 2.09 -5.06 -6.04
C THR A 51 3.01 -5.96 -5.20
N ASP A 52 2.76 -6.00 -3.89
CA ASP A 52 3.57 -6.81 -2.99
C ASP A 52 2.98 -8.22 -2.87
N VAL A 53 3.68 -9.19 -3.46
CA VAL A 53 3.23 -10.58 -3.41
C VAL A 53 3.03 -11.04 -1.97
N GLN A 54 3.73 -10.40 -1.04
CA GLN A 54 3.63 -10.76 0.37
C GLN A 54 2.25 -10.42 0.92
N TYR A 55 1.56 -9.50 0.25
CA TYR A 55 0.22 -9.08 0.67
C TYR A 55 -0.65 -8.75 -0.54
N ASN A 56 -0.73 -9.70 -1.47
CA ASN A 56 -1.54 -9.50 -2.68
C ASN A 56 -2.75 -10.41 -2.67
N ARG A 57 -3.16 -10.85 -1.47
CA ARG A 57 -4.31 -11.72 -1.33
C ARG A 57 -5.25 -11.21 -0.23
N CYS A 58 -6.51 -11.60 -0.32
CA CYS A 58 -7.51 -11.18 0.66
C CYS A 58 -7.47 -12.08 1.89
N ASP A 59 -6.58 -13.07 1.86
CA ASP A 59 -6.45 -14.00 2.98
C ASP A 59 -5.26 -13.63 3.86
N ILE A 60 -4.30 -12.92 3.27
CA ILE A 60 -3.11 -12.50 4.00
C ILE A 60 -3.46 -11.46 5.07
N PRO A 61 -2.94 -11.67 6.30
CA PRO A 61 -3.18 -10.76 7.42
C PRO A 61 -2.48 -9.42 7.24
N GLU A 62 -2.88 -8.44 8.05
CA GLU A 62 -2.29 -7.11 7.98
C GLU A 62 -0.93 -7.09 8.67
N GLU A 63 -0.09 -6.13 8.29
CA GLU A 63 1.24 -5.99 8.86
C GLU A 63 1.16 -5.79 10.38
N THR A 64 1.65 -6.77 11.13
CA THR A 64 1.62 -6.70 12.59
C THR A 64 2.25 -5.41 13.08
N TRP A 65 1.79 -4.93 14.23
CA TRP A 65 2.31 -3.71 14.81
C TRP A 65 3.74 -3.88 15.27
N THR A 66 4.66 -3.14 14.66
CA THR A 66 6.07 -3.22 15.00
C THR A 66 6.52 -1.97 15.77
N GLY A 67 7.48 -2.16 16.66
CA GLY A 67 7.98 -1.05 17.44
C GLY A 67 8.78 -1.50 18.66
N LEU A 68 10.05 -1.11 18.71
CA LEU A 68 10.92 -1.49 19.82
C LEU A 68 10.57 -0.69 21.08
N GLU A 69 10.67 -1.34 22.23
CA GLU A 69 10.36 -0.69 23.49
C GLU A 69 11.49 0.24 23.92
ZN ZN B . -8.92 -8.00 0.35
N GLY A 1 35.18 -3.07 -4.08
CA GLY A 1 35.85 -4.02 -4.96
C GLY A 1 34.93 -4.54 -6.06
N SER A 2 34.19 -3.63 -6.68
CA SER A 2 33.27 -3.99 -7.75
C SER A 2 33.32 -2.97 -8.89
N SER A 3 33.56 -3.46 -10.10
CA SER A 3 33.63 -2.59 -11.26
C SER A 3 32.44 -2.81 -12.18
N GLY A 4 31.58 -1.81 -12.30
CA GLY A 4 30.41 -1.92 -13.14
C GLY A 4 29.12 -2.02 -12.35
N SER A 5 28.00 -1.78 -13.02
CA SER A 5 26.69 -1.84 -12.36
C SER A 5 26.59 -0.78 -11.27
N SER A 6 26.98 0.45 -11.60
CA SER A 6 26.93 1.55 -10.63
C SER A 6 25.71 2.41 -10.87
N GLY A 7 24.95 2.66 -9.79
CA GLY A 7 23.75 3.48 -9.90
C GLY A 7 23.44 4.21 -8.61
N GLU A 8 24.16 5.31 -8.37
CA GLU A 8 23.95 6.10 -7.16
C GLU A 8 22.64 6.88 -7.24
N ILE A 9 21.60 6.35 -6.61
CA ILE A 9 20.30 7.00 -6.60
C ILE A 9 20.29 8.23 -5.70
N SER A 10 19.46 9.21 -6.04
CA SER A 10 19.36 10.43 -5.26
C SER A 10 18.18 10.37 -4.29
N GLY A 11 18.40 10.88 -3.08
CA GLY A 11 17.34 10.87 -2.08
C GLY A 11 17.17 9.50 -1.43
N PHE A 12 17.10 9.50 -0.11
CA PHE A 12 16.94 8.25 0.63
C PHE A 12 15.55 8.16 1.26
N GLY A 13 14.56 8.70 0.55
CA GLY A 13 13.19 8.67 1.05
C GLY A 13 12.22 8.13 0.01
N GLN A 14 11.28 7.29 0.46
CA GLN A 14 10.30 6.71 -0.43
C GLN A 14 8.89 7.18 -0.07
N CYS A 15 7.94 6.94 -0.96
CA CYS A 15 6.56 7.34 -0.74
C CYS A 15 5.81 6.30 0.09
N LEU A 16 5.15 6.75 1.15
CA LEU A 16 4.41 5.86 2.02
C LEU A 16 2.91 5.94 1.73
N VAL A 17 2.45 5.13 0.79
CA VAL A 17 1.04 5.11 0.42
C VAL A 17 0.39 3.77 0.79
N TRP A 18 -0.86 3.84 1.22
CA TRP A 18 -1.59 2.63 1.61
C TRP A 18 -2.93 2.55 0.87
N VAL A 19 -3.48 1.34 0.78
CA VAL A 19 -4.76 1.13 0.11
C VAL A 19 -5.60 0.11 0.86
N GLN A 20 -6.84 0.48 1.17
CA GLN A 20 -7.75 -0.39 1.89
C GLN A 20 -8.60 -1.21 0.90
N CYS A 21 -8.65 -2.52 1.13
CA CYS A 21 -9.42 -3.41 0.27
C CYS A 21 -10.85 -2.90 0.10
N SER A 22 -11.48 -3.31 -1.00
CA SER A 22 -12.85 -2.90 -1.28
C SER A 22 -13.85 -3.76 -0.53
N PHE A 23 -13.46 -5.00 -0.26
CA PHE A 23 -14.33 -5.94 0.45
C PHE A 23 -14.41 -5.57 1.93
N PRO A 24 -15.60 -5.77 2.53
CA PRO A 24 -15.84 -5.48 3.95
C PRO A 24 -15.11 -6.44 4.87
N ASN A 25 -15.24 -7.73 4.60
CA ASN A 25 -14.59 -8.75 5.41
C ASN A 25 -13.09 -8.53 5.46
N CYS A 26 -12.56 -7.85 4.45
CA CYS A 26 -11.13 -7.56 4.39
C CYS A 26 -10.80 -6.28 5.14
N GLY A 27 -11.11 -5.14 4.54
CA GLY A 27 -10.83 -3.86 5.17
C GLY A 27 -9.40 -3.74 5.63
N LYS A 28 -8.50 -4.45 4.95
CA LYS A 28 -7.09 -4.42 5.31
C LYS A 28 -6.34 -3.39 4.46
N TRP A 29 -5.32 -2.78 5.05
CA TRP A 29 -4.52 -1.78 4.34
C TRP A 29 -3.26 -2.40 3.77
N ARG A 30 -3.26 -2.66 2.45
CA ARG A 30 -2.12 -3.25 1.78
C ARG A 30 -1.06 -2.20 1.48
N ARG A 31 0.16 -2.65 1.23
CA ARG A 31 1.27 -1.75 0.94
C ARG A 31 1.53 -1.69 -0.57
N LEU A 32 1.82 -0.49 -1.07
CA LEU A 32 2.08 -0.29 -2.49
C LEU A 32 3.53 0.14 -2.71
N CYS A 33 3.87 0.40 -3.97
CA CYS A 33 5.22 0.82 -4.32
C CYS A 33 5.40 2.32 -4.10
N GLY A 34 6.57 2.83 -4.45
CA GLY A 34 6.85 4.25 -4.27
C GLY A 34 6.48 5.06 -5.50
N ASN A 35 6.34 4.40 -6.63
CA ASN A 35 5.98 5.06 -7.88
C ASN A 35 4.50 4.88 -8.19
N ILE A 36 3.69 4.83 -7.14
CA ILE A 36 2.25 4.66 -7.30
C ILE A 36 1.48 5.64 -6.43
N ASP A 37 0.48 6.30 -7.00
CA ASP A 37 -0.33 7.26 -6.27
C ASP A 37 -1.75 6.74 -6.08
N PRO A 38 -2.39 7.16 -4.98
CA PRO A 38 -3.76 6.75 -4.65
C PRO A 38 -4.79 7.34 -5.60
N SER A 39 -4.41 8.43 -6.28
CA SER A 39 -5.30 9.10 -7.22
C SER A 39 -5.46 8.28 -8.49
N VAL A 40 -4.42 7.54 -8.85
CA VAL A 40 -4.45 6.71 -10.05
C VAL A 40 -4.88 5.29 -9.72
N LEU A 41 -5.89 5.17 -8.87
CA LEU A 41 -6.41 3.87 -8.47
C LEU A 41 -7.89 3.74 -8.81
N PRO A 42 -8.36 2.50 -9.01
CA PRO A 42 -9.76 2.21 -9.34
C PRO A 42 -10.69 2.47 -8.17
N ASP A 43 -11.97 2.13 -8.34
CA ASP A 43 -12.96 2.32 -7.30
C ASP A 43 -13.20 1.03 -6.51
N ASN A 44 -12.94 -0.10 -7.17
CA ASN A 44 -13.13 -1.40 -6.54
C ASN A 44 -11.80 -2.13 -6.38
N TRP A 45 -10.82 -1.44 -5.79
CA TRP A 45 -9.51 -2.03 -5.57
C TRP A 45 -9.54 -3.06 -4.45
N SER A 46 -8.73 -4.10 -4.60
CA SER A 46 -8.67 -5.16 -3.60
C SER A 46 -7.23 -5.63 -3.38
N CYS A 47 -7.05 -6.56 -2.45
CA CYS A 47 -5.72 -7.08 -2.14
C CYS A 47 -5.10 -7.74 -3.38
N ASP A 48 -5.94 -8.28 -4.24
CA ASP A 48 -5.47 -8.93 -5.46
C ASP A 48 -4.81 -7.92 -6.40
N GLN A 49 -5.09 -6.64 -6.16
CA GLN A 49 -4.52 -5.57 -6.98
C GLN A 49 -3.30 -4.96 -6.30
N ASN A 50 -2.63 -5.73 -5.46
CA ASN A 50 -1.45 -5.26 -4.75
C ASN A 50 -0.18 -5.58 -5.53
N THR A 51 0.88 -4.82 -5.27
CA THR A 51 2.16 -5.02 -5.94
C THR A 51 3.07 -5.93 -5.13
N ASP A 52 2.81 -6.01 -3.83
CA ASP A 52 3.61 -6.84 -2.94
C ASP A 52 3.02 -8.24 -2.83
N VAL A 53 3.70 -9.21 -3.42
CA VAL A 53 3.24 -10.60 -3.38
C VAL A 53 3.02 -11.07 -1.95
N GLN A 54 3.73 -10.45 -1.02
CA GLN A 54 3.62 -10.81 0.39
C GLN A 54 2.23 -10.48 0.93
N TYR A 55 1.55 -9.54 0.27
CA TYR A 55 0.22 -9.13 0.68
C TYR A 55 -0.64 -8.78 -0.53
N ASN A 56 -0.72 -9.72 -1.48
CA ASN A 56 -1.51 -9.52 -2.69
C ASN A 56 -2.73 -10.43 -2.69
N ARG A 57 -3.15 -10.87 -1.51
CA ARG A 57 -4.30 -11.75 -1.38
C ARG A 57 -5.25 -11.25 -0.30
N CYS A 58 -6.52 -11.62 -0.41
CA CYS A 58 -7.52 -11.22 0.57
C CYS A 58 -7.51 -12.12 1.79
N ASP A 59 -6.61 -13.11 1.78
CA ASP A 59 -6.48 -14.04 2.90
C ASP A 59 -5.30 -13.67 3.78
N ILE A 60 -4.33 -12.97 3.21
CA ILE A 60 -3.15 -12.56 3.96
C ILE A 60 -3.51 -11.53 5.03
N PRO A 61 -3.00 -11.75 6.26
CA PRO A 61 -3.25 -10.85 7.38
C PRO A 61 -2.55 -9.50 7.22
N GLU A 62 -2.95 -8.53 8.03
CA GLU A 62 -2.34 -7.19 7.98
C GLU A 62 -0.97 -7.19 8.65
N GLU A 63 -0.10 -6.31 8.19
CA GLU A 63 1.25 -6.20 8.75
C GLU A 63 1.19 -6.01 10.26
N THR A 64 2.35 -6.11 10.91
CA THR A 64 2.44 -5.95 12.35
C THR A 64 1.90 -4.60 12.79
N TRP A 65 0.79 -4.61 13.52
CA TRP A 65 0.17 -3.39 13.99
C TRP A 65 1.16 -2.56 14.82
N THR A 66 1.93 -3.25 15.66
CA THR A 66 2.91 -2.58 16.51
C THR A 66 4.32 -2.78 15.96
N GLY A 67 4.80 -1.79 15.19
CA GLY A 67 6.12 -1.87 14.62
C GLY A 67 6.61 -0.53 14.09
N LEU A 68 6.88 0.39 15.00
CA LEU A 68 7.36 1.71 14.62
C LEU A 68 8.83 1.89 14.96
N GLU A 69 9.43 2.97 14.46
CA GLU A 69 10.84 3.25 14.71
C GLU A 69 11.13 3.23 16.21
ZN ZN B . -8.95 -8.03 0.28
N GLY A 1 3.45 33.36 -2.94
CA GLY A 1 3.87 32.68 -4.15
C GLY A 1 4.35 31.27 -3.89
N SER A 2 5.26 31.12 -2.92
CA SER A 2 5.80 29.81 -2.59
C SER A 2 5.28 29.35 -1.22
N SER A 3 5.07 30.31 -0.33
CA SER A 3 4.58 29.99 1.02
C SER A 3 3.30 29.15 0.95
N GLY A 4 3.43 27.88 1.28
CA GLY A 4 2.28 26.98 1.26
C GLY A 4 2.64 25.60 0.78
N SER A 5 1.82 25.04 -0.10
CA SER A 5 2.05 23.70 -0.64
C SER A 5 1.60 23.61 -2.08
N SER A 6 2.44 23.01 -2.92
CA SER A 6 2.14 22.86 -4.34
C SER A 6 1.80 21.40 -4.66
N GLY A 7 2.82 20.55 -4.63
CA GLY A 7 2.60 19.15 -4.93
C GLY A 7 3.58 18.61 -5.96
N GLU A 8 4.86 18.79 -5.71
CA GLU A 8 5.90 18.33 -6.62
C GLU A 8 7.05 17.67 -5.85
N ILE A 9 7.57 16.58 -6.42
CA ILE A 9 8.68 15.86 -5.79
C ILE A 9 10.02 16.35 -6.33
N SER A 10 11.08 16.11 -5.55
CA SER A 10 12.42 16.52 -5.94
C SER A 10 13.38 15.33 -5.94
N GLY A 11 13.47 14.66 -7.09
CA GLY A 11 14.35 13.52 -7.20
C GLY A 11 13.85 12.32 -6.42
N PHE A 12 14.73 11.71 -5.64
CA PHE A 12 14.36 10.54 -4.84
C PHE A 12 14.07 10.94 -3.40
N GLY A 13 13.75 9.96 -2.57
CA GLY A 13 13.46 10.22 -1.17
C GLY A 13 12.67 9.09 -0.53
N GLN A 14 11.51 9.42 0.03
CA GLN A 14 10.67 8.43 0.69
C GLN A 14 9.19 8.77 0.52
N CYS A 15 8.33 7.77 0.71
CA CYS A 15 6.90 7.96 0.57
C CYS A 15 6.13 6.86 1.31
N LEU A 16 4.85 7.10 1.54
CA LEU A 16 4.00 6.14 2.24
C LEU A 16 2.58 6.16 1.69
N VAL A 17 2.23 5.14 0.91
CA VAL A 17 0.90 5.04 0.32
C VAL A 17 0.25 3.71 0.66
N TRP A 18 -0.90 3.77 1.32
CA TRP A 18 -1.63 2.57 1.71
C TRP A 18 -2.99 2.51 1.03
N VAL A 19 -3.45 1.30 0.72
CA VAL A 19 -4.73 1.11 0.06
C VAL A 19 -5.59 0.11 0.83
N GLN A 20 -6.82 0.50 1.14
CA GLN A 20 -7.74 -0.38 1.87
C GLN A 20 -8.58 -1.20 0.89
N CYS A 21 -8.65 -2.51 1.15
CA CYS A 21 -9.41 -3.40 0.29
C CYS A 21 -10.84 -2.90 0.12
N SER A 22 -11.48 -3.32 -0.98
CA SER A 22 -12.84 -2.91 -1.27
C SER A 22 -13.84 -3.76 -0.50
N PHE A 23 -13.46 -5.00 -0.21
CA PHE A 23 -14.33 -5.92 0.52
C PHE A 23 -14.40 -5.55 1.99
N PRO A 24 -15.58 -5.73 2.59
CA PRO A 24 -15.81 -5.41 4.01
C PRO A 24 -15.08 -6.38 4.93
N ASN A 25 -15.22 -7.68 4.68
CA ASN A 25 -14.57 -8.70 5.50
C ASN A 25 -13.06 -8.47 5.54
N CYS A 26 -12.54 -7.80 4.52
CA CYS A 26 -11.10 -7.52 4.45
C CYS A 26 -10.77 -6.23 5.19
N GLY A 27 -11.08 -5.10 4.56
CA GLY A 27 -10.80 -3.81 5.18
C GLY A 27 -9.37 -3.69 5.63
N LYS A 28 -8.46 -4.40 4.96
CA LYS A 28 -7.05 -4.37 5.30
C LYS A 28 -6.31 -3.36 4.44
N TRP A 29 -5.29 -2.72 5.02
CA TRP A 29 -4.51 -1.73 4.29
C TRP A 29 -3.24 -2.36 3.72
N ARG A 30 -3.27 -2.64 2.42
CA ARG A 30 -2.12 -3.24 1.74
C ARG A 30 -1.06 -2.18 1.42
N ARG A 31 0.19 -2.62 1.32
CA ARG A 31 1.29 -1.71 1.02
C ARG A 31 1.61 -1.73 -0.47
N LEU A 32 1.90 -0.55 -1.02
CA LEU A 32 2.21 -0.42 -2.43
C LEU A 32 3.66 0.02 -2.63
N CYS A 33 4.12 0.01 -3.87
CA CYS A 33 5.48 0.40 -4.20
C CYS A 33 5.79 1.78 -3.62
N GLY A 34 5.16 2.81 -4.17
CA GLY A 34 5.38 4.16 -3.70
C GLY A 34 4.91 5.20 -4.69
N ASN A 35 4.89 4.83 -5.97
CA ASN A 35 4.45 5.75 -7.02
C ASN A 35 3.01 5.48 -7.42
N ILE A 36 2.16 5.24 -6.42
CA ILE A 36 0.75 4.98 -6.66
C ILE A 36 -0.14 5.85 -5.77
N ASP A 37 -1.23 6.33 -6.35
CA ASP A 37 -2.17 7.18 -5.60
C ASP A 37 -3.57 6.58 -5.63
N PRO A 38 -4.35 6.87 -4.57
CA PRO A 38 -5.72 6.36 -4.44
C PRO A 38 -6.67 7.02 -5.43
N SER A 39 -6.47 8.30 -5.68
CA SER A 39 -7.32 9.05 -6.62
C SER A 39 -7.35 8.36 -7.98
N VAL A 40 -6.18 7.94 -8.45
CA VAL A 40 -6.07 7.27 -9.74
C VAL A 40 -6.47 5.80 -9.64
N LEU A 41 -6.32 5.23 -8.44
CA LEU A 41 -6.67 3.84 -8.22
C LEU A 41 -8.18 3.64 -8.31
N PRO A 42 -8.59 2.41 -8.64
CA PRO A 42 -10.01 2.05 -8.78
C PRO A 42 -10.73 2.03 -7.44
N ASP A 43 -12.03 2.25 -7.46
CA ASP A 43 -12.84 2.26 -6.25
C ASP A 43 -13.07 0.84 -5.75
N ASN A 44 -13.03 -0.12 -6.66
CA ASN A 44 -13.25 -1.52 -6.31
C ASN A 44 -11.91 -2.25 -6.15
N TRP A 45 -10.88 -1.50 -5.75
CA TRP A 45 -9.56 -2.07 -5.55
C TRP A 45 -9.56 -3.10 -4.42
N SER A 46 -8.77 -4.15 -4.58
CA SER A 46 -8.69 -5.20 -3.57
C SER A 46 -7.25 -5.65 -3.37
N CYS A 47 -7.04 -6.57 -2.43
CA CYS A 47 -5.71 -7.08 -2.13
C CYS A 47 -5.09 -7.74 -3.37
N ASP A 48 -5.95 -8.30 -4.22
CA ASP A 48 -5.49 -8.95 -5.44
C ASP A 48 -4.84 -7.94 -6.38
N GLN A 49 -5.11 -6.66 -6.16
CA GLN A 49 -4.56 -5.60 -6.99
C GLN A 49 -3.33 -4.97 -6.33
N ASN A 50 -2.65 -5.75 -5.49
CA ASN A 50 -1.47 -5.27 -4.80
C ASN A 50 -0.20 -5.61 -5.58
N THR A 51 0.86 -4.86 -5.33
CA THR A 51 2.13 -5.07 -6.01
C THR A 51 3.05 -5.97 -5.19
N ASP A 52 2.80 -6.03 -3.88
CA ASP A 52 3.60 -6.85 -3.00
C ASP A 52 3.00 -8.25 -2.86
N VAL A 53 3.68 -9.23 -3.45
CA VAL A 53 3.23 -10.62 -3.41
C VAL A 53 3.02 -11.08 -1.96
N GLN A 54 3.74 -10.45 -1.03
CA GLN A 54 3.63 -10.80 0.38
C GLN A 54 2.25 -10.46 0.92
N TYR A 55 1.56 -9.53 0.25
CA TYR A 55 0.23 -9.11 0.66
C TYR A 55 -0.64 -8.78 -0.55
N ASN A 56 -0.72 -9.73 -1.48
CA ASN A 56 -1.51 -9.54 -2.69
C ASN A 56 -2.74 -10.45 -2.67
N ARG A 57 -3.15 -10.88 -1.48
CA ARG A 57 -4.30 -11.75 -1.33
C ARG A 57 -5.24 -11.24 -0.24
N CYS A 58 -6.51 -11.63 -0.33
CA CYS A 58 -7.51 -11.19 0.65
C CYS A 58 -7.46 -12.10 1.88
N ASP A 59 -6.59 -13.09 1.87
CA ASP A 59 -6.45 -14.01 2.99
C ASP A 59 -5.26 -13.63 3.87
N ILE A 60 -4.30 -12.94 3.28
CA ILE A 60 -3.11 -12.51 4.01
C ILE A 60 -3.46 -11.47 5.07
N PRO A 61 -2.95 -11.68 6.29
CA PRO A 61 -3.19 -10.78 7.42
C PRO A 61 -2.47 -9.43 7.24
N GLU A 62 -2.87 -8.45 8.04
CA GLU A 62 -2.28 -7.11 7.97
C GLU A 62 -0.91 -7.11 8.64
N GLU A 63 0.00 -6.29 8.10
CA GLU A 63 1.35 -6.19 8.65
C GLU A 63 1.38 -5.23 9.83
N THR A 64 1.51 -5.78 11.03
CA THR A 64 1.55 -4.98 12.25
C THR A 64 2.86 -4.21 12.35
N TRP A 65 2.78 -2.89 12.41
CA TRP A 65 3.95 -2.05 12.52
C TRP A 65 4.03 -1.36 13.88
N THR A 66 3.40 -1.98 14.88
CA THR A 66 3.39 -1.43 16.23
C THR A 66 4.79 -1.41 16.83
N GLY A 67 5.62 -2.36 16.40
CA GLY A 67 6.98 -2.43 16.91
C GLY A 67 7.64 -3.77 16.59
N LEU A 68 8.43 -3.79 15.52
CA LEU A 68 9.12 -5.01 15.11
C LEU A 68 10.63 -4.83 15.19
N GLU A 69 11.08 -3.59 15.09
CA GLU A 69 12.52 -3.28 15.16
C GLU A 69 12.80 -2.32 16.30
ZN ZN B . -8.91 -8.01 0.34
N GLY A 1 -19.76 6.72 7.37
CA GLY A 1 -19.14 8.01 7.10
C GLY A 1 -17.71 7.87 6.64
N SER A 2 -16.89 8.87 6.96
CA SER A 2 -15.48 8.86 6.57
C SER A 2 -14.59 9.16 7.77
N SER A 3 -13.28 9.00 7.58
CA SER A 3 -12.32 9.26 8.65
C SER A 3 -11.73 10.66 8.52
N GLY A 4 -11.67 11.17 7.29
CA GLY A 4 -11.13 12.50 7.06
C GLY A 4 -9.75 12.46 6.44
N SER A 5 -9.19 13.63 6.19
CA SER A 5 -7.86 13.73 5.59
C SER A 5 -6.90 14.44 6.54
N SER A 6 -5.61 14.43 6.18
CA SER A 6 -4.59 15.07 6.99
C SER A 6 -3.87 16.16 6.21
N GLY A 7 -3.33 17.14 6.93
CA GLY A 7 -2.63 18.23 6.29
C GLY A 7 -1.14 18.21 6.57
N GLU A 8 -0.53 17.03 6.49
CA GLU A 8 0.90 16.88 6.74
C GLU A 8 1.68 16.83 5.44
N ILE A 9 2.57 17.81 5.26
CA ILE A 9 3.39 17.87 4.06
C ILE A 9 4.34 16.68 3.96
N SER A 10 4.98 16.52 2.81
CA SER A 10 5.91 15.43 2.60
C SER A 10 7.13 15.90 1.81
N GLY A 11 8.20 15.11 1.86
CA GLY A 11 9.41 15.46 1.15
C GLY A 11 9.54 14.73 -0.17
N PHE A 12 10.77 14.61 -0.66
CA PHE A 12 11.02 13.93 -1.93
C PHE A 12 11.70 12.59 -1.70
N GLY A 13 11.40 11.63 -2.58
CA GLY A 13 11.98 10.31 -2.46
C GLY A 13 10.95 9.21 -2.58
N GLN A 14 10.74 8.47 -1.49
CA GLN A 14 9.77 7.38 -1.48
C GLN A 14 8.41 7.86 -0.98
N CYS A 15 7.35 7.28 -1.52
CA CYS A 15 6.00 7.65 -1.13
C CYS A 15 5.27 6.46 -0.52
N LEU A 16 5.21 6.43 0.82
CA LEU A 16 4.54 5.34 1.53
C LEU A 16 3.02 5.48 1.45
N VAL A 17 2.44 4.86 0.43
CA VAL A 17 0.99 4.91 0.24
C VAL A 17 0.34 3.59 0.64
N TRP A 18 -0.85 3.68 1.23
CA TRP A 18 -1.58 2.49 1.65
C TRP A 18 -2.97 2.46 1.03
N VAL A 19 -3.41 1.27 0.62
CA VAL A 19 -4.74 1.12 0.02
C VAL A 19 -5.57 0.11 0.79
N GLN A 20 -6.80 0.49 1.10
CA GLN A 20 -7.72 -0.39 1.84
C GLN A 20 -8.57 -1.22 0.89
N CYS A 21 -8.63 -2.52 1.13
CA CYS A 21 -9.41 -3.42 0.30
C CYS A 21 -10.85 -2.91 0.14
N SER A 22 -11.49 -3.32 -0.95
CA SER A 22 -12.87 -2.89 -1.22
C SER A 22 -13.86 -3.76 -0.44
N PHE A 23 -13.47 -4.99 -0.16
CA PHE A 23 -14.32 -5.92 0.57
C PHE A 23 -14.38 -5.54 2.05
N PRO A 24 -15.56 -5.72 2.67
CA PRO A 24 -15.78 -5.41 4.08
C PRO A 24 -15.03 -6.36 5.01
N ASN A 25 -15.18 -7.66 4.75
CA ASN A 25 -14.52 -8.68 5.55
C ASN A 25 -13.01 -8.46 5.59
N CYS A 26 -12.49 -7.79 4.57
CA CYS A 26 -11.07 -7.51 4.47
C CYS A 26 -10.72 -6.23 5.21
N GLY A 27 -11.03 -5.09 4.59
CA GLY A 27 -10.74 -3.81 5.20
C GLY A 27 -9.30 -3.69 5.64
N LYS A 28 -8.42 -4.41 4.96
CA LYS A 28 -6.99 -4.39 5.29
C LYS A 28 -6.26 -3.37 4.42
N TRP A 29 -5.24 -2.74 4.99
CA TRP A 29 -4.45 -1.74 4.27
C TRP A 29 -3.20 -2.38 3.67
N ARG A 30 -3.22 -2.62 2.37
CA ARG A 30 -2.08 -3.22 1.68
C ARG A 30 -1.04 -2.17 1.34
N ARG A 31 0.22 -2.45 1.68
CA ARG A 31 1.31 -1.53 1.42
C ARG A 31 1.64 -1.49 -0.08
N LEU A 32 1.58 -0.30 -0.66
CA LEU A 32 1.87 -0.13 -2.08
C LEU A 32 3.21 0.59 -2.28
N CYS A 33 3.59 0.76 -3.54
CA CYS A 33 4.85 1.43 -3.87
C CYS A 33 4.59 2.87 -4.30
N GLY A 34 5.62 3.71 -4.18
CA GLY A 34 5.50 5.10 -4.56
C GLY A 34 5.06 5.27 -6.00
N ASN A 35 5.37 4.28 -6.83
CA ASN A 35 5.01 4.32 -8.24
C ASN A 35 3.49 4.37 -8.41
N ILE A 36 2.78 3.84 -7.42
CA ILE A 36 1.32 3.81 -7.47
C ILE A 36 0.73 4.97 -6.67
N ASP A 37 -0.40 5.49 -7.15
CA ASP A 37 -1.06 6.61 -6.48
C ASP A 37 -2.55 6.34 -6.34
N PRO A 38 -3.16 6.90 -5.28
CA PRO A 38 -4.60 6.73 -5.00
C PRO A 38 -5.46 7.47 -6.02
N SER A 39 -4.88 8.47 -6.69
CA SER A 39 -5.61 9.25 -7.68
C SER A 39 -5.79 8.45 -8.97
N VAL A 40 -4.86 7.54 -9.23
CA VAL A 40 -4.92 6.72 -10.43
C VAL A 40 -5.28 5.28 -10.09
N LEU A 41 -6.16 5.11 -9.11
CA LEU A 41 -6.59 3.79 -8.69
C LEU A 41 -8.11 3.64 -8.83
N PRO A 42 -8.56 2.39 -9.01
CA PRO A 42 -9.99 2.08 -9.16
C PRO A 42 -10.77 2.29 -7.87
N ASP A 43 -12.08 2.08 -7.94
CA ASP A 43 -12.94 2.24 -6.77
C ASP A 43 -13.18 0.90 -6.07
N ASN A 44 -13.08 -0.18 -6.84
CA ASN A 44 -13.29 -1.52 -6.30
C ASN A 44 -11.96 -2.25 -6.14
N TRP A 45 -10.92 -1.51 -5.75
CA TRP A 45 -9.60 -2.09 -5.55
C TRP A 45 -9.61 -3.12 -4.44
N SER A 46 -8.79 -4.16 -4.58
CA SER A 46 -8.71 -5.21 -3.58
C SER A 46 -7.28 -5.68 -3.38
N CYS A 47 -7.08 -6.59 -2.44
CA CYS A 47 -5.75 -7.11 -2.16
C CYS A 47 -5.14 -7.78 -3.39
N ASP A 48 -6.00 -8.34 -4.24
CA ASP A 48 -5.56 -9.00 -5.46
C ASP A 48 -4.92 -8.01 -6.42
N GLN A 49 -5.17 -6.72 -6.18
CA GLN A 49 -4.61 -5.67 -7.03
C GLN A 49 -3.38 -5.05 -6.38
N ASN A 50 -2.72 -5.81 -5.52
CA ASN A 50 -1.52 -5.33 -4.83
C ASN A 50 -0.26 -5.70 -5.61
N THR A 51 0.78 -4.91 -5.42
CA THR A 51 2.05 -5.14 -6.11
C THR A 51 2.97 -6.02 -5.28
N ASP A 52 2.74 -6.05 -3.97
CA ASP A 52 3.55 -6.85 -3.07
C ASP A 52 2.97 -8.26 -2.92
N VAL A 53 3.66 -9.24 -3.50
CA VAL A 53 3.21 -10.62 -3.44
C VAL A 53 3.01 -11.07 -1.98
N GLN A 54 3.73 -10.43 -1.07
CA GLN A 54 3.63 -10.76 0.34
C GLN A 54 2.24 -10.43 0.89
N TYR A 55 1.56 -9.50 0.22
CA TYR A 55 0.23 -9.08 0.63
C TYR A 55 -0.64 -8.76 -0.58
N ASN A 56 -0.74 -9.71 -1.50
CA ASN A 56 -1.53 -9.53 -2.71
C ASN A 56 -2.76 -10.45 -2.69
N ARG A 57 -3.16 -10.87 -1.50
CA ARG A 57 -4.30 -11.76 -1.35
C ARG A 57 -5.23 -11.26 -0.24
N CYS A 58 -6.50 -11.61 -0.35
CA CYS A 58 -7.49 -11.20 0.64
C CYS A 58 -7.45 -12.11 1.87
N ASP A 59 -6.57 -13.10 1.83
CA ASP A 59 -6.43 -14.04 2.95
C ASP A 59 -5.25 -13.65 3.83
N ILE A 60 -4.28 -12.95 3.24
CA ILE A 60 -3.10 -12.53 3.98
C ILE A 60 -3.46 -11.49 5.04
N PRO A 61 -2.94 -11.70 6.27
CA PRO A 61 -3.19 -10.80 7.39
C PRO A 61 -2.50 -9.45 7.22
N GLU A 62 -2.89 -8.47 8.04
CA GLU A 62 -2.30 -7.15 7.98
C GLU A 62 -0.93 -7.12 8.65
N GLU A 63 0.03 -6.45 8.02
CA GLU A 63 1.38 -6.36 8.55
C GLU A 63 1.40 -5.51 9.82
N THR A 64 2.59 -5.34 10.39
CA THR A 64 2.75 -4.54 11.61
C THR A 64 2.11 -3.17 11.45
N TRP A 65 1.73 -2.58 12.58
CA TRP A 65 1.10 -1.25 12.57
C TRP A 65 2.01 -0.22 13.23
N THR A 66 3.31 -0.46 13.15
CA THR A 66 4.29 0.46 13.74
C THR A 66 4.58 1.63 12.80
N GLY A 67 4.96 2.77 13.37
CA GLY A 67 5.26 3.93 12.57
C GLY A 67 6.35 4.79 13.18
N LEU A 68 7.27 5.26 12.35
CA LEU A 68 8.37 6.09 12.82
C LEU A 68 8.01 7.57 12.75
N GLU A 69 7.94 8.10 11.53
CA GLU A 69 7.61 9.50 11.33
C GLU A 69 6.10 9.68 11.18
ZN ZN B . -8.92 -8.02 0.35
N GLY A 1 31.66 -2.47 6.66
CA GLY A 1 30.23 -2.19 6.66
C GLY A 1 29.90 -0.82 6.09
N SER A 2 30.16 -0.64 4.80
CA SER A 2 29.89 0.64 4.14
C SER A 2 28.68 0.53 3.22
N SER A 3 28.59 -0.58 2.50
CA SER A 3 27.47 -0.80 1.58
C SER A 3 26.48 -1.81 2.15
N GLY A 4 26.43 -1.88 3.48
CA GLY A 4 25.53 -2.82 4.13
C GLY A 4 26.27 -3.96 4.81
N SER A 5 25.51 -4.82 5.49
CA SER A 5 26.10 -5.95 6.20
C SER A 5 25.14 -7.14 6.21
N SER A 6 25.62 -8.28 5.71
CA SER A 6 24.79 -9.49 5.66
C SER A 6 23.45 -9.21 4.99
N GLY A 7 23.50 -8.58 3.83
CA GLY A 7 22.29 -8.25 3.10
C GLY A 7 22.34 -6.89 2.43
N GLU A 8 21.79 -6.81 1.23
CA GLU A 8 21.78 -5.55 0.49
C GLU A 8 20.38 -4.95 0.44
N ILE A 9 20.13 -3.97 1.29
CA ILE A 9 18.83 -3.32 1.34
C ILE A 9 18.70 -2.27 0.25
N SER A 10 17.51 -1.68 0.14
CA SER A 10 17.26 -0.65 -0.87
C SER A 10 16.07 0.22 -0.47
N GLY A 11 16.19 1.52 -0.73
CA GLY A 11 15.11 2.44 -0.40
C GLY A 11 14.42 2.99 -1.62
N PHE A 12 13.09 3.01 -1.58
CA PHE A 12 12.30 3.52 -2.70
C PHE A 12 11.72 4.90 -2.38
N GLY A 13 12.52 5.70 -1.68
CA GLY A 13 12.08 7.05 -1.33
C GLY A 13 11.52 7.12 0.08
N GLN A 14 10.64 8.08 0.32
CA GLN A 14 10.03 8.26 1.63
C GLN A 14 8.51 8.34 1.52
N CYS A 15 7.97 7.75 0.47
CA CYS A 15 6.52 7.76 0.25
C CYS A 15 5.88 6.52 0.86
N LEU A 16 4.87 6.74 1.69
CA LEU A 16 4.15 5.65 2.34
C LEU A 16 2.68 5.66 1.97
N VAL A 17 2.36 5.15 0.78
CA VAL A 17 0.98 5.10 0.31
C VAL A 17 0.33 3.75 0.64
N TRP A 18 -0.88 3.81 1.17
CA TRP A 18 -1.62 2.60 1.53
C TRP A 18 -2.94 2.52 0.80
N VAL A 19 -3.50 1.32 0.71
CA VAL A 19 -4.78 1.12 0.03
C VAL A 19 -5.64 0.10 0.77
N GLN A 20 -6.82 0.52 1.19
CA GLN A 20 -7.74 -0.35 1.91
C GLN A 20 -8.57 -1.18 0.94
N CYS A 21 -8.63 -2.49 1.18
CA CYS A 21 -9.39 -3.40 0.33
C CYS A 21 -10.82 -2.89 0.14
N SER A 22 -11.46 -3.33 -0.94
CA SER A 22 -12.83 -2.92 -1.23
C SER A 22 -13.84 -3.77 -0.46
N PHE A 23 -13.44 -5.01 -0.16
CA PHE A 23 -14.31 -5.93 0.57
C PHE A 23 -14.36 -5.55 2.05
N PRO A 24 -15.55 -5.74 2.66
CA PRO A 24 -15.76 -5.43 4.07
C PRO A 24 -15.03 -6.38 5.00
N ASN A 25 -15.17 -7.68 4.74
CA ASN A 25 -14.52 -8.69 5.56
C ASN A 25 -13.01 -8.47 5.59
N CYS A 26 -12.49 -7.80 4.57
CA CYS A 26 -11.06 -7.53 4.48
C CYS A 26 -10.71 -6.24 5.22
N GLY A 27 -11.03 -5.10 4.61
CA GLY A 27 -10.74 -3.82 5.22
C GLY A 27 -9.30 -3.70 5.65
N LYS A 28 -8.41 -4.42 4.97
CA LYS A 28 -6.99 -4.39 5.29
C LYS A 28 -6.25 -3.38 4.42
N TRP A 29 -5.25 -2.72 4.99
CA TRP A 29 -4.47 -1.74 4.27
C TRP A 29 -3.21 -2.36 3.68
N ARG A 30 -3.24 -2.66 2.38
CA ARG A 30 -2.09 -3.26 1.70
C ARG A 30 -1.05 -2.20 1.38
N ARG A 31 0.22 -2.51 1.68
CA ARG A 31 1.31 -1.60 1.42
C ARG A 31 1.70 -1.61 -0.05
N LEU A 32 1.93 -0.44 -0.62
CA LEU A 32 2.31 -0.32 -2.02
C LEU A 32 3.73 0.21 -2.16
N CYS A 33 4.23 0.23 -3.39
CA CYS A 33 5.59 0.70 -3.66
C CYS A 33 5.75 2.15 -3.21
N GLY A 34 5.10 3.06 -3.91
CA GLY A 34 5.18 4.47 -3.57
C GLY A 34 4.69 5.37 -4.67
N ASN A 35 4.73 4.88 -5.90
CA ASN A 35 4.29 5.65 -7.06
C ASN A 35 2.84 5.33 -7.39
N ILE A 36 2.00 5.23 -6.36
CA ILE A 36 0.59 4.93 -6.55
C ILE A 36 -0.28 5.91 -5.78
N ASP A 37 -1.43 6.25 -6.35
CA ASP A 37 -2.36 7.19 -5.70
C ASP A 37 -3.79 6.66 -5.79
N PRO A 38 -4.61 7.04 -4.80
CA PRO A 38 -6.01 6.62 -4.74
C PRO A 38 -6.87 7.28 -5.81
N SER A 39 -6.44 8.45 -6.27
CA SER A 39 -7.16 9.18 -7.30
C SER A 39 -7.14 8.42 -8.62
N VAL A 40 -5.97 7.88 -8.96
CA VAL A 40 -5.82 7.12 -10.20
C VAL A 40 -6.24 5.67 -10.02
N LEU A 41 -6.25 5.21 -8.78
CA LEU A 41 -6.63 3.84 -8.46
C LEU A 41 -8.12 3.64 -8.71
N PRO A 42 -8.51 2.38 -8.98
CA PRO A 42 -9.91 2.01 -9.24
C PRO A 42 -10.77 2.10 -7.98
N ASP A 43 -12.07 2.31 -8.17
CA ASP A 43 -13.00 2.42 -7.06
C ASP A 43 -13.20 1.06 -6.39
N ASN A 44 -12.98 0.00 -7.15
CA ASN A 44 -13.14 -1.36 -6.64
C ASN A 44 -11.80 -2.06 -6.53
N TRP A 45 -10.89 -1.50 -5.72
CA TRP A 45 -9.56 -2.08 -5.54
C TRP A 45 -9.58 -3.12 -4.41
N SER A 46 -8.78 -4.16 -4.57
CA SER A 46 -8.70 -5.22 -3.57
C SER A 46 -7.25 -5.68 -3.37
N CYS A 47 -7.05 -6.59 -2.44
CA CYS A 47 -5.72 -7.11 -2.14
C CYS A 47 -5.12 -7.77 -3.38
N ASP A 48 -5.98 -8.31 -4.24
CA ASP A 48 -5.52 -8.98 -5.46
C ASP A 48 -4.87 -7.97 -6.41
N GLN A 49 -5.14 -6.68 -6.17
CA GLN A 49 -4.59 -5.63 -7.01
C GLN A 49 -3.37 -5.00 -6.35
N ASN A 50 -2.68 -5.78 -5.51
CA ASN A 50 -1.50 -5.30 -4.81
C ASN A 50 -0.23 -5.61 -5.60
N THR A 51 0.84 -4.87 -5.34
CA THR A 51 2.11 -5.07 -6.02
C THR A 51 3.03 -5.98 -5.21
N ASP A 52 2.79 -6.04 -3.91
CA ASP A 52 3.59 -6.88 -3.02
C ASP A 52 3.00 -8.28 -2.90
N VAL A 53 3.68 -9.25 -3.49
CA VAL A 53 3.22 -10.64 -3.45
C VAL A 53 3.03 -11.10 -2.01
N GLN A 54 3.74 -10.48 -1.09
CA GLN A 54 3.64 -10.82 0.33
C GLN A 54 2.26 -10.48 0.89
N TYR A 55 1.57 -9.55 0.21
CA TYR A 55 0.24 -9.13 0.64
C TYR A 55 -0.63 -8.80 -0.56
N ASN A 56 -0.72 -9.74 -1.50
CA ASN A 56 -1.53 -9.55 -2.70
C ASN A 56 -2.75 -10.46 -2.69
N ARG A 57 -3.15 -10.88 -1.49
CA ARG A 57 -4.30 -11.76 -1.35
C ARG A 57 -5.24 -11.25 -0.25
N CYS A 58 -6.51 -11.63 -0.35
CA CYS A 58 -7.50 -11.20 0.64
C CYS A 58 -7.47 -12.11 1.87
N ASP A 59 -6.57 -13.09 1.85
CA ASP A 59 -6.45 -14.02 2.96
C ASP A 59 -5.24 -13.65 3.85
N ILE A 60 -4.29 -12.94 3.26
CA ILE A 60 -3.10 -12.52 3.99
C ILE A 60 -3.44 -11.48 5.05
N PRO A 61 -2.92 -11.70 6.28
CA PRO A 61 -3.16 -10.79 7.41
C PRO A 61 -2.43 -9.46 7.23
N GLU A 62 -2.82 -8.47 8.03
CA GLU A 62 -2.22 -7.15 7.96
C GLU A 62 -0.86 -7.14 8.65
N GLU A 63 -0.16 -6.01 8.57
CA GLU A 63 1.15 -5.87 9.18
C GLU A 63 1.05 -5.95 10.71
N THR A 64 2.05 -6.55 11.33
CA THR A 64 2.07 -6.70 12.78
C THR A 64 2.28 -5.35 13.47
N TRP A 65 1.85 -5.26 14.71
CA TRP A 65 1.98 -4.03 15.48
C TRP A 65 2.97 -4.20 16.63
N THR A 66 3.93 -5.11 16.45
CA THR A 66 4.94 -5.38 17.47
C THR A 66 6.23 -4.64 17.17
N GLY A 67 6.11 -3.40 16.73
CA GLY A 67 7.29 -2.60 16.41
C GLY A 67 7.07 -1.69 15.23
N LEU A 68 8.15 -1.37 14.52
CA LEU A 68 8.07 -0.50 13.34
C LEU A 68 9.36 -0.57 12.53
N GLU A 69 9.24 -0.31 11.23
CA GLU A 69 10.40 -0.35 10.34
C GLU A 69 11.03 1.03 10.22
ZN ZN B . -8.91 -8.01 0.36
N GLY A 1 15.96 21.38 -9.54
CA GLY A 1 16.07 20.09 -10.19
C GLY A 1 17.29 19.32 -9.75
N SER A 2 17.16 18.56 -8.67
CA SER A 2 18.26 17.77 -8.15
C SER A 2 18.68 16.69 -9.13
N SER A 3 19.99 16.52 -9.30
CA SER A 3 20.52 15.53 -10.23
C SER A 3 22.00 15.28 -9.96
N GLY A 4 22.39 14.00 -10.01
CA GLY A 4 23.78 13.65 -9.77
C GLY A 4 24.08 12.22 -10.14
N SER A 5 23.92 11.32 -9.18
CA SER A 5 24.18 9.90 -9.40
C SER A 5 22.89 9.09 -9.36
N SER A 6 22.48 8.61 -10.54
CA SER A 6 21.25 7.83 -10.64
C SER A 6 21.55 6.39 -11.07
N GLY A 7 20.75 5.45 -10.59
CA GLY A 7 20.96 4.06 -10.93
C GLY A 7 20.87 3.14 -9.72
N GLU A 8 21.97 3.01 -8.99
CA GLU A 8 22.01 2.16 -7.82
C GLU A 8 21.26 2.80 -6.65
N ILE A 9 19.93 2.71 -6.70
CA ILE A 9 19.10 3.28 -5.64
C ILE A 9 19.20 2.48 -4.36
N SER A 10 18.89 3.11 -3.24
CA SER A 10 18.95 2.45 -1.94
C SER A 10 17.76 2.87 -1.07
N GLY A 11 17.58 2.17 0.05
CA GLY A 11 16.49 2.47 0.95
C GLY A 11 15.34 1.49 0.83
N PHE A 12 14.25 1.76 1.52
CA PHE A 12 13.08 0.89 1.48
C PHE A 12 12.05 1.41 0.48
N GLY A 13 11.92 2.73 0.38
CA GLY A 13 10.98 3.32 -0.53
C GLY A 13 11.05 4.84 -0.53
N GLN A 14 10.13 5.47 -1.26
CA GLN A 14 10.10 6.92 -1.35
C GLN A 14 8.96 7.50 -0.50
N CYS A 15 7.73 7.25 -0.92
CA CYS A 15 6.56 7.75 -0.20
C CYS A 15 5.80 6.59 0.46
N LEU A 16 5.00 6.91 1.46
CA LEU A 16 4.21 5.91 2.17
C LEU A 16 2.76 5.92 1.71
N VAL A 17 2.41 4.98 0.85
CA VAL A 17 1.04 4.88 0.34
C VAL A 17 0.38 3.58 0.79
N TRP A 18 -0.85 3.70 1.28
CA TRP A 18 -1.59 2.54 1.75
C TRP A 18 -2.97 2.48 1.10
N VAL A 19 -3.39 1.28 0.71
CA VAL A 19 -4.69 1.09 0.07
C VAL A 19 -5.54 0.11 0.85
N GLN A 20 -6.80 0.47 1.08
CA GLN A 20 -7.72 -0.39 1.81
C GLN A 20 -8.58 -1.21 0.86
N CYS A 21 -8.64 -2.51 1.10
CA CYS A 21 -9.41 -3.42 0.26
C CYS A 21 -10.85 -2.92 0.11
N SER A 22 -11.48 -3.27 -1.00
CA SER A 22 -12.84 -2.85 -1.27
C SER A 22 -13.84 -3.72 -0.51
N PHE A 23 -13.45 -4.96 -0.24
CA PHE A 23 -14.30 -5.89 0.48
C PHE A 23 -14.38 -5.52 1.96
N PRO A 24 -15.57 -5.72 2.56
CA PRO A 24 -15.80 -5.41 3.97
C PRO A 24 -15.07 -6.38 4.90
N ASN A 25 -15.21 -7.68 4.62
CA ASN A 25 -14.56 -8.70 5.43
C ASN A 25 -13.06 -8.47 5.49
N CYS A 26 -12.52 -7.80 4.47
CA CYS A 26 -11.09 -7.51 4.41
C CYS A 26 -10.76 -6.23 5.15
N GLY A 27 -11.08 -5.10 4.52
CA GLY A 27 -10.81 -3.81 5.13
C GLY A 27 -9.37 -3.68 5.61
N LYS A 28 -8.47 -4.39 4.95
CA LYS A 28 -7.06 -4.36 5.30
C LYS A 28 -6.31 -3.33 4.45
N TRP A 29 -5.32 -2.68 5.06
CA TRP A 29 -4.52 -1.68 4.36
C TRP A 29 -3.24 -2.30 3.79
N ARG A 30 -3.28 -2.62 2.50
CA ARG A 30 -2.12 -3.21 1.83
C ARG A 30 -1.06 -2.16 1.54
N ARG A 31 0.16 -2.61 1.28
CA ARG A 31 1.27 -1.71 0.99
C ARG A 31 1.57 -1.67 -0.51
N LEU A 32 1.77 -0.47 -1.04
CA LEU A 32 2.06 -0.29 -2.46
C LEU A 32 3.41 0.39 -2.66
N CYS A 33 3.89 0.38 -3.90
CA CYS A 33 5.17 1.00 -4.22
C CYS A 33 5.00 2.50 -4.44
N GLY A 34 6.11 3.24 -4.40
CA GLY A 34 6.07 4.67 -4.61
C GLY A 34 5.65 5.05 -6.02
N ASN A 35 5.80 4.10 -6.94
CA ASN A 35 5.44 4.34 -8.33
C ASN A 35 3.92 4.47 -8.50
N ILE A 36 3.18 3.79 -7.62
CA ILE A 36 1.73 3.84 -7.67
C ILE A 36 1.19 5.00 -6.84
N ASP A 37 0.11 5.62 -7.32
CA ASP A 37 -0.50 6.73 -6.62
C ASP A 37 -1.94 6.40 -6.22
N PRO A 38 -2.40 7.01 -5.12
CA PRO A 38 -3.76 6.79 -4.61
C PRO A 38 -4.82 7.41 -5.51
N SER A 39 -4.39 8.30 -6.40
CA SER A 39 -5.31 8.97 -7.31
C SER A 39 -5.48 8.15 -8.60
N VAL A 40 -4.46 7.38 -8.94
CA VAL A 40 -4.49 6.56 -10.14
C VAL A 40 -4.95 5.13 -9.81
N LEU A 41 -5.93 5.03 -8.92
CA LEU A 41 -6.45 3.72 -8.52
C LEU A 41 -7.94 3.62 -8.84
N PRO A 42 -8.42 2.38 -9.03
CA PRO A 42 -9.83 2.12 -9.34
C PRO A 42 -10.75 2.40 -8.16
N ASP A 43 -12.02 2.04 -8.30
CA ASP A 43 -12.99 2.25 -7.24
C ASP A 43 -13.24 0.96 -6.46
N ASN A 44 -13.01 -0.18 -7.12
CA ASN A 44 -13.20 -1.47 -6.50
C ASN A 44 -11.87 -2.20 -6.34
N TRP A 45 -10.87 -1.50 -5.80
CA TRP A 45 -9.56 -2.07 -5.59
C TRP A 45 -9.58 -3.11 -4.47
N SER A 46 -8.75 -4.13 -4.60
CA SER A 46 -8.68 -5.20 -3.60
C SER A 46 -7.24 -5.66 -3.40
N CYS A 47 -7.05 -6.58 -2.47
CA CYS A 47 -5.73 -7.12 -2.17
C CYS A 47 -5.11 -7.77 -3.40
N ASP A 48 -5.96 -8.33 -4.25
CA ASP A 48 -5.50 -8.99 -5.48
C ASP A 48 -4.85 -7.98 -6.41
N GLN A 49 -5.11 -6.70 -6.18
CA GLN A 49 -4.56 -5.65 -7.01
C GLN A 49 -3.34 -5.01 -6.35
N ASN A 50 -2.67 -5.79 -5.49
CA ASN A 50 -1.49 -5.31 -4.79
C ASN A 50 -0.22 -5.65 -5.56
N THR A 51 0.82 -4.85 -5.37
CA THR A 51 2.09 -5.08 -6.03
C THR A 51 3.01 -5.96 -5.20
N ASP A 52 2.76 -6.01 -3.90
CA ASP A 52 3.57 -6.81 -2.99
C ASP A 52 2.98 -8.23 -2.87
N VAL A 53 3.67 -9.19 -3.45
CA VAL A 53 3.23 -10.58 -3.41
C VAL A 53 3.02 -11.05 -1.98
N GLN A 54 3.72 -10.41 -1.05
CA GLN A 54 3.62 -10.76 0.37
C GLN A 54 2.23 -10.42 0.91
N TYR A 55 1.55 -9.50 0.24
CA TYR A 55 0.22 -9.09 0.66
C TYR A 55 -0.66 -8.77 -0.55
N ASN A 56 -0.74 -9.70 -1.48
CA ASN A 56 -1.54 -9.52 -2.69
C ASN A 56 -2.76 -10.43 -2.68
N ARG A 57 -3.16 -10.87 -1.48
CA ARG A 57 -4.31 -11.74 -1.34
C ARG A 57 -5.26 -11.23 -0.26
N CYS A 58 -6.52 -11.64 -0.35
CA CYS A 58 -7.53 -11.21 0.62
C CYS A 58 -7.50 -12.11 1.86
N ASP A 59 -6.58 -13.07 1.86
CA ASP A 59 -6.46 -14.00 2.98
C ASP A 59 -5.27 -13.62 3.87
N ILE A 60 -4.31 -12.92 3.28
CA ILE A 60 -3.12 -12.49 4.01
C ILE A 60 -3.46 -11.45 5.07
N PRO A 61 -2.96 -11.67 6.29
CA PRO A 61 -3.21 -10.76 7.42
C PRO A 61 -2.49 -9.42 7.25
N GLU A 62 -2.88 -8.44 8.05
CA GLU A 62 -2.27 -7.11 7.98
C GLU A 62 -0.91 -7.10 8.68
N GLU A 63 -0.06 -6.17 8.27
CA GLU A 63 1.27 -6.06 8.85
C GLU A 63 1.20 -5.78 10.35
N THR A 64 2.12 -6.38 11.10
CA THR A 64 2.15 -6.20 12.54
C THR A 64 2.56 -4.78 12.92
N TRP A 65 1.59 -4.02 13.44
CA TRP A 65 1.84 -2.64 13.83
C TRP A 65 2.97 -2.56 14.85
N THR A 66 3.53 -1.36 15.03
CA THR A 66 4.62 -1.16 15.98
C THR A 66 4.37 0.07 16.84
N GLY A 67 4.52 -0.09 18.16
CA GLY A 67 4.31 1.01 19.07
C GLY A 67 5.27 2.16 18.82
N LEU A 68 6.54 1.82 18.63
CA LEU A 68 7.56 2.83 18.39
C LEU A 68 7.99 2.84 16.93
N GLU A 69 8.02 4.03 16.33
CA GLU A 69 8.41 4.17 14.93
C GLU A 69 9.92 4.31 14.80
ZN ZN B . -8.94 -8.03 0.29
N GLY A 1 23.06 8.16 17.54
CA GLY A 1 23.80 7.40 18.53
C GLY A 1 23.68 7.99 19.92
N SER A 2 24.81 8.49 20.44
CA SER A 2 24.84 9.09 21.77
C SER A 2 23.85 10.25 21.86
N SER A 3 24.09 11.28 21.07
CA SER A 3 23.23 12.46 21.05
C SER A 3 22.57 12.65 19.70
N GLY A 4 23.28 12.24 18.65
CA GLY A 4 22.74 12.37 17.29
C GLY A 4 22.97 13.75 16.72
N SER A 5 22.16 14.11 15.73
CA SER A 5 22.28 15.42 15.08
C SER A 5 20.91 16.04 14.84
N SER A 6 20.86 17.37 14.88
CA SER A 6 19.60 18.09 14.68
C SER A 6 19.20 18.06 13.21
N GLY A 7 18.52 17.00 12.81
CA GLY A 7 18.08 16.87 11.42
C GLY A 7 16.84 16.01 11.28
N GLU A 8 15.72 16.65 10.97
CA GLU A 8 14.46 15.93 10.81
C GLU A 8 13.69 16.45 9.59
N ILE A 9 13.58 15.62 8.57
CA ILE A 9 12.88 15.98 7.35
C ILE A 9 13.41 17.30 6.78
N SER A 10 14.66 17.30 6.36
CA SER A 10 15.28 18.50 5.80
C SER A 10 15.35 18.42 4.27
N GLY A 11 15.40 17.19 3.75
CA GLY A 11 15.47 17.00 2.32
C GLY A 11 14.41 16.03 1.80
N PHE A 12 14.81 15.15 0.90
CA PHE A 12 13.89 14.17 0.33
C PHE A 12 13.93 12.87 1.13
N GLY A 13 13.08 12.78 2.16
CA GLY A 13 13.03 11.59 2.97
C GLY A 13 12.52 10.38 2.22
N GLN A 14 11.23 10.10 2.36
CA GLN A 14 10.61 8.96 1.69
C GLN A 14 9.10 9.00 1.82
N CYS A 15 8.41 8.76 0.71
CA CYS A 15 6.95 8.77 0.70
C CYS A 15 6.40 7.35 0.71
N LEU A 16 5.20 7.19 1.29
CA LEU A 16 4.57 5.88 1.36
C LEU A 16 3.05 6.02 1.25
N VAL A 17 2.44 5.09 0.50
CA VAL A 17 0.99 5.10 0.30
C VAL A 17 0.38 3.75 0.67
N TRP A 18 -0.85 3.78 1.18
CA TRP A 18 -1.55 2.57 1.57
C TRP A 18 -2.94 2.51 0.94
N VAL A 19 -3.38 1.30 0.61
CA VAL A 19 -4.69 1.11 0.00
C VAL A 19 -5.52 0.10 0.79
N GLN A 20 -6.77 0.46 1.06
CA GLN A 20 -7.67 -0.41 1.81
C GLN A 20 -8.54 -1.24 0.86
N CYS A 21 -8.61 -2.54 1.13
CA CYS A 21 -9.40 -3.44 0.31
C CYS A 21 -10.83 -2.93 0.14
N SER A 22 -11.49 -3.35 -0.94
CA SER A 22 -12.86 -2.92 -1.22
C SER A 22 -13.86 -3.77 -0.45
N PHE A 23 -13.47 -5.01 -0.14
CA PHE A 23 -14.34 -5.93 0.59
C PHE A 23 -14.39 -5.55 2.07
N PRO A 24 -15.57 -5.74 2.68
CA PRO A 24 -15.79 -5.43 4.10
C PRO A 24 -15.05 -6.40 5.02
N ASN A 25 -15.19 -7.69 4.76
CA ASN A 25 -14.54 -8.71 5.56
C ASN A 25 -13.03 -8.49 5.59
N CYS A 26 -12.51 -7.82 4.57
CA CYS A 26 -11.08 -7.55 4.47
C CYS A 26 -10.73 -6.25 5.21
N GLY A 27 -11.05 -5.12 4.59
CA GLY A 27 -10.75 -3.84 5.20
C GLY A 27 -9.31 -3.72 5.64
N LYS A 28 -8.42 -4.45 4.97
CA LYS A 28 -7.00 -4.42 5.28
C LYS A 28 -6.27 -3.41 4.42
N TRP A 29 -5.24 -2.79 4.99
CA TRP A 29 -4.45 -1.80 4.26
C TRP A 29 -3.20 -2.43 3.67
N ARG A 30 -3.22 -2.64 2.35
CA ARG A 30 -2.09 -3.24 1.66
C ARG A 30 -1.05 -2.19 1.30
N ARG A 31 0.15 -2.32 1.85
CA ARG A 31 1.23 -1.38 1.59
C ARG A 31 1.62 -1.41 0.11
N LEU A 32 1.99 -0.25 -0.42
CA LEU A 32 2.39 -0.13 -1.81
C LEU A 32 3.79 0.47 -1.93
N CYS A 33 4.33 0.47 -3.14
CA CYS A 33 5.66 1.01 -3.39
C CYS A 33 5.75 2.46 -2.91
N GLY A 34 4.98 3.33 -3.54
CA GLY A 34 4.98 4.74 -3.17
C GLY A 34 4.47 5.64 -4.27
N ASN A 35 4.62 5.20 -5.51
CA ASN A 35 4.16 5.97 -6.67
C ASN A 35 2.74 5.56 -7.06
N ILE A 36 1.85 5.51 -6.09
CA ILE A 36 0.47 5.13 -6.35
C ILE A 36 -0.50 6.04 -5.58
N ASP A 37 -1.52 6.53 -6.28
CA ASP A 37 -2.50 7.41 -5.67
C ASP A 37 -3.89 6.77 -5.72
N PRO A 38 -4.73 7.12 -4.74
CA PRO A 38 -6.11 6.59 -4.64
C PRO A 38 -7.01 7.14 -5.75
N SER A 39 -6.69 8.35 -6.21
CA SER A 39 -7.48 8.98 -7.26
C SER A 39 -7.42 8.19 -8.56
N VAL A 40 -6.21 7.88 -9.00
CA VAL A 40 -6.02 7.11 -10.22
C VAL A 40 -6.42 5.65 -10.03
N LEU A 41 -6.36 5.20 -8.78
CA LEU A 41 -6.72 3.82 -8.45
C LEU A 41 -8.21 3.57 -8.70
N PRO A 42 -8.57 2.30 -8.97
CA PRO A 42 -9.95 1.91 -9.21
C PRO A 42 -10.81 1.99 -7.96
N ASP A 43 -12.10 2.29 -8.15
CA ASP A 43 -13.02 2.39 -7.02
C ASP A 43 -13.23 1.04 -6.35
N ASN A 44 -13.02 -0.03 -7.12
CA ASN A 44 -13.18 -1.38 -6.61
C ASN A 44 -11.83 -2.10 -6.51
N TRP A 45 -10.93 -1.52 -5.72
CA TRP A 45 -9.60 -2.10 -5.53
C TRP A 45 -9.60 -3.13 -4.40
N SER A 46 -8.82 -4.19 -4.56
CA SER A 46 -8.73 -5.24 -3.56
C SER A 46 -7.29 -5.70 -3.37
N CYS A 47 -7.09 -6.61 -2.42
CA CYS A 47 -5.75 -7.13 -2.14
C CYS A 47 -5.16 -7.79 -3.38
N ASP A 48 -6.02 -8.34 -4.23
CA ASP A 48 -5.57 -9.01 -5.44
C ASP A 48 -4.92 -8.01 -6.39
N GLN A 49 -5.18 -6.73 -6.17
CA GLN A 49 -4.62 -5.67 -7.01
C GLN A 49 -3.39 -5.05 -6.35
N ASN A 50 -2.71 -5.83 -5.52
CA ASN A 50 -1.52 -5.35 -4.83
C ASN A 50 -0.26 -5.69 -5.62
N THR A 51 0.80 -4.91 -5.41
CA THR A 51 2.06 -5.13 -6.10
C THR A 51 2.98 -6.02 -5.27
N ASP A 52 2.75 -6.06 -3.97
CA ASP A 52 3.56 -6.87 -3.07
C ASP A 52 2.97 -8.27 -2.93
N VAL A 53 3.66 -9.26 -3.52
CA VAL A 53 3.20 -10.64 -3.46
C VAL A 53 3.01 -11.10 -2.02
N GLN A 54 3.73 -10.46 -1.10
CA GLN A 54 3.63 -10.80 0.31
C GLN A 54 2.25 -10.47 0.86
N TYR A 55 1.57 -9.54 0.20
CA TYR A 55 0.24 -9.13 0.62
C TYR A 55 -0.64 -8.80 -0.58
N ASN A 56 -0.74 -9.74 -1.52
CA ASN A 56 -1.54 -9.55 -2.72
C ASN A 56 -2.76 -10.47 -2.70
N ARG A 57 -3.16 -10.89 -1.51
CA ARG A 57 -4.31 -11.78 -1.36
C ARG A 57 -5.23 -11.27 -0.26
N CYS A 58 -6.51 -11.65 -0.34
CA CYS A 58 -7.50 -11.23 0.65
C CYS A 58 -7.46 -12.13 1.87
N ASP A 59 -6.56 -13.12 1.84
CA ASP A 59 -6.42 -14.06 2.96
C ASP A 59 -5.22 -13.69 3.83
N ILE A 60 -4.28 -12.96 3.24
CA ILE A 60 -3.08 -12.54 3.97
C ILE A 60 -3.42 -11.51 5.04
N PRO A 61 -2.91 -11.72 6.26
CA PRO A 61 -3.14 -10.82 7.39
C PRO A 61 -2.43 -9.48 7.22
N GLU A 62 -2.83 -8.50 8.02
CA GLU A 62 -2.23 -7.17 7.95
C GLU A 62 -0.88 -7.15 8.65
N GLU A 63 -0.03 -6.19 8.29
CA GLU A 63 1.30 -6.06 8.89
C GLU A 63 1.20 -5.97 10.41
N THR A 64 1.61 -7.03 11.09
CA THR A 64 1.57 -7.07 12.54
C THR A 64 2.59 -6.10 13.15
N TRP A 65 2.15 -5.32 14.13
CA TRP A 65 3.02 -4.36 14.79
C TRP A 65 3.94 -5.06 15.78
N THR A 66 5.24 -4.79 15.66
CA THR A 66 6.23 -5.40 16.54
C THR A 66 7.12 -4.33 17.18
N GLY A 67 7.55 -3.37 16.36
CA GLY A 67 8.40 -2.31 16.86
C GLY A 67 9.64 -2.11 16.00
N LEU A 68 9.68 -0.99 15.28
CA LEU A 68 10.82 -0.68 14.41
C LEU A 68 11.24 0.78 14.57
N GLU A 69 12.40 1.11 14.01
CA GLU A 69 12.90 2.48 14.09
C GLU A 69 13.29 3.00 12.70
ZN ZN B . -8.91 -8.05 0.37
N GLY A 1 -1.09 14.35 16.07
CA GLY A 1 -0.63 15.50 15.32
C GLY A 1 0.86 15.73 15.45
N SER A 2 1.24 16.94 15.81
CA SER A 2 2.66 17.28 15.97
C SER A 2 3.04 17.32 17.45
N SER A 3 4.11 16.61 17.79
CA SER A 3 4.59 16.55 19.17
C SER A 3 5.56 17.69 19.45
N GLY A 4 6.34 18.06 18.44
CA GLY A 4 7.30 19.14 18.60
C GLY A 4 7.20 20.17 17.50
N SER A 5 8.19 20.19 16.61
CA SER A 5 8.21 21.15 15.51
C SER A 5 8.93 20.56 14.30
N SER A 6 8.16 20.19 13.28
CA SER A 6 8.72 19.62 12.05
C SER A 6 8.24 20.38 10.83
N GLY A 7 9.15 20.59 9.88
CA GLY A 7 8.80 21.30 8.67
C GLY A 7 8.58 20.37 7.49
N GLU A 8 9.52 20.39 6.55
CA GLU A 8 9.42 19.53 5.37
C GLU A 8 10.25 18.27 5.54
N ILE A 9 9.63 17.12 5.35
CA ILE A 9 10.31 15.84 5.49
C ILE A 9 10.70 15.29 4.12
N SER A 10 10.07 15.80 3.07
CA SER A 10 10.36 15.35 1.71
C SER A 10 11.80 15.65 1.33
N GLY A 11 12.35 14.86 0.41
CA GLY A 11 13.71 15.06 -0.03
C GLY A 11 14.65 13.99 0.52
N PHE A 12 14.47 13.62 1.77
CA PHE A 12 15.30 12.61 2.40
C PHE A 12 14.45 11.48 2.97
N GLY A 13 14.05 10.55 2.11
CA GLY A 13 13.23 9.43 2.55
C GLY A 13 12.58 8.71 1.39
N GLN A 14 11.73 7.74 1.70
CA GLN A 14 11.04 6.96 0.68
C GLN A 14 9.52 7.12 0.81
N CYS A 15 8.84 7.30 -0.31
CA CYS A 15 7.39 7.46 -0.32
C CYS A 15 6.71 6.26 0.31
N LEU A 16 5.42 6.39 0.59
CA LEU A 16 4.65 5.33 1.20
C LEU A 16 3.15 5.59 1.08
N VAL A 17 2.46 4.69 0.38
CA VAL A 17 1.01 4.82 0.19
C VAL A 17 0.29 3.52 0.55
N TRP A 18 -0.82 3.66 1.27
CA TRP A 18 -1.60 2.50 1.68
C TRP A 18 -2.97 2.49 0.99
N VAL A 19 -3.51 1.30 0.76
CA VAL A 19 -4.81 1.16 0.12
C VAL A 19 -5.69 0.16 0.87
N GLN A 20 -6.91 0.57 1.19
CA GLN A 20 -7.84 -0.29 1.89
C GLN A 20 -8.65 -1.13 0.92
N CYS A 21 -8.68 -2.44 1.15
CA CYS A 21 -9.42 -3.35 0.29
C CYS A 21 -10.86 -2.89 0.11
N SER A 22 -11.47 -3.31 -0.99
CA SER A 22 -12.85 -2.93 -1.29
C SER A 22 -13.83 -3.78 -0.49
N PHE A 23 -13.45 -5.03 -0.24
CA PHE A 23 -14.30 -5.96 0.52
C PHE A 23 -14.37 -5.55 1.99
N PRO A 24 -15.56 -5.74 2.59
CA PRO A 24 -15.78 -5.40 4.00
C PRO A 24 -15.04 -6.34 4.94
N ASN A 25 -15.17 -7.64 4.70
CA ASN A 25 -14.51 -8.64 5.54
C ASN A 25 -13.01 -8.41 5.58
N CYS A 26 -12.49 -7.76 4.55
CA CYS A 26 -11.06 -7.47 4.46
C CYS A 26 -10.72 -6.17 5.19
N GLY A 27 -11.06 -5.05 4.57
CA GLY A 27 -10.77 -3.75 5.17
C GLY A 27 -9.34 -3.62 5.63
N LYS A 28 -8.43 -4.34 4.96
CA LYS A 28 -7.01 -4.30 5.29
C LYS A 28 -6.28 -3.28 4.43
N TRP A 29 -5.24 -2.68 4.99
CA TRP A 29 -4.45 -1.68 4.27
C TRP A 29 -3.20 -2.31 3.67
N ARG A 30 -3.26 -2.63 2.38
CA ARG A 30 -2.13 -3.23 1.70
C ARG A 30 -1.07 -2.19 1.36
N ARG A 31 0.20 -2.59 1.46
CA ARG A 31 1.31 -1.68 1.17
C ARG A 31 1.55 -1.58 -0.34
N LEU A 32 1.85 -0.39 -0.81
CA LEU A 32 2.10 -0.17 -2.23
C LEU A 32 3.48 0.45 -2.45
N CYS A 33 3.87 0.60 -3.71
CA CYS A 33 5.16 1.17 -4.05
C CYS A 33 5.15 2.68 -3.88
N GLY A 34 6.24 3.34 -4.29
CA GLY A 34 6.34 4.77 -4.17
C GLY A 34 5.85 5.49 -5.42
N ASN A 35 5.80 4.76 -6.53
CA ASN A 35 5.36 5.33 -7.79
C ASN A 35 3.87 5.05 -8.03
N ILE A 36 3.09 5.07 -6.96
CA ILE A 36 1.67 4.81 -7.05
C ILE A 36 0.88 5.79 -6.18
N ASP A 37 -0.28 6.21 -6.67
CA ASP A 37 -1.13 7.14 -5.93
C ASP A 37 -2.58 6.65 -5.91
N PRO A 38 -3.29 6.98 -4.83
CA PRO A 38 -4.70 6.59 -4.64
C PRO A 38 -5.63 7.32 -5.61
N SER A 39 -5.18 8.47 -6.10
CA SER A 39 -5.98 9.27 -7.03
C SER A 39 -6.08 8.57 -8.39
N VAL A 40 -5.07 7.78 -8.71
CA VAL A 40 -5.04 7.06 -9.99
C VAL A 40 -5.37 5.59 -9.79
N LEU A 41 -6.13 5.29 -8.73
CA LEU A 41 -6.51 3.92 -8.43
C LEU A 41 -8.03 3.74 -8.48
N PRO A 42 -8.47 2.52 -8.77
CA PRO A 42 -9.91 2.20 -8.85
C PRO A 42 -10.59 2.24 -7.49
N ASP A 43 -11.91 2.29 -7.50
CA ASP A 43 -12.69 2.32 -6.26
C ASP A 43 -12.94 0.92 -5.73
N ASN A 44 -12.95 -0.06 -6.64
CA ASN A 44 -13.18 -1.45 -6.27
C ASN A 44 -11.85 -2.20 -6.10
N TRP A 45 -10.81 -1.45 -5.74
CA TRP A 45 -9.48 -2.04 -5.56
C TRP A 45 -9.51 -3.08 -4.44
N SER A 46 -8.74 -4.15 -4.61
CA SER A 46 -8.67 -5.21 -3.61
C SER A 46 -7.23 -5.67 -3.40
N CYS A 47 -7.03 -6.57 -2.45
CA CYS A 47 -5.71 -7.09 -2.14
C CYS A 47 -5.09 -7.76 -3.38
N ASP A 48 -5.94 -8.30 -4.23
CA ASP A 48 -5.49 -8.98 -5.44
C ASP A 48 -4.83 -7.98 -6.40
N GLN A 49 -5.09 -6.70 -6.17
CA GLN A 49 -4.52 -5.65 -7.01
C GLN A 49 -3.29 -5.04 -6.36
N ASN A 50 -2.63 -5.81 -5.52
CA ASN A 50 -1.43 -5.35 -4.82
C ASN A 50 -0.17 -5.71 -5.61
N THR A 51 0.89 -4.92 -5.41
CA THR A 51 2.15 -5.16 -6.10
C THR A 51 3.07 -6.06 -5.28
N ASP A 52 2.84 -6.09 -3.97
CA ASP A 52 3.64 -6.92 -3.08
C ASP A 52 3.04 -8.31 -2.93
N VAL A 53 3.71 -9.30 -3.50
CA VAL A 53 3.23 -10.68 -3.43
C VAL A 53 3.03 -11.13 -1.99
N GLN A 54 3.75 -10.49 -1.07
CA GLN A 54 3.65 -10.81 0.34
C GLN A 54 2.27 -10.45 0.89
N TYR A 55 1.60 -9.53 0.22
CA TYR A 55 0.27 -9.10 0.63
C TYR A 55 -0.61 -8.77 -0.58
N ASN A 56 -0.70 -9.73 -1.49
CA ASN A 56 -1.51 -9.55 -2.69
C ASN A 56 -2.74 -10.46 -2.67
N ARG A 57 -3.14 -10.88 -1.48
CA ARG A 57 -4.30 -11.75 -1.31
C ARG A 57 -5.24 -11.21 -0.24
N CYS A 58 -6.50 -11.60 -0.31
CA CYS A 58 -7.50 -11.16 0.65
C CYS A 58 -7.48 -12.05 1.89
N ASP A 59 -6.57 -13.01 1.92
CA ASP A 59 -6.45 -13.92 3.05
C ASP A 59 -5.25 -13.55 3.92
N ILE A 60 -4.27 -12.86 3.32
CA ILE A 60 -3.08 -12.44 4.04
C ILE A 60 -3.41 -11.40 5.10
N PRO A 61 -2.89 -11.60 6.32
CA PRO A 61 -3.12 -10.68 7.44
C PRO A 61 -2.40 -9.36 7.26
N GLU A 62 -2.79 -8.36 8.04
CA GLU A 62 -2.19 -7.04 7.96
C GLU A 62 -0.81 -7.03 8.61
N GLU A 63 0.04 -6.10 8.21
CA GLU A 63 1.38 -5.98 8.75
C GLU A 63 1.34 -5.37 10.15
N THR A 64 2.27 -5.80 11.01
CA THR A 64 2.34 -5.29 12.37
C THR A 64 2.37 -3.77 12.39
N TRP A 65 1.88 -3.19 13.48
CA TRP A 65 1.86 -1.73 13.63
C TRP A 65 3.23 -1.20 13.99
N THR A 66 3.69 -0.19 13.26
CA THR A 66 4.99 0.41 13.51
C THR A 66 4.88 1.92 13.72
N GLY A 67 5.76 2.47 14.53
CA GLY A 67 5.74 3.90 14.80
C GLY A 67 7.14 4.48 14.93
N LEU A 68 8.10 3.88 14.25
CA LEU A 68 9.48 4.34 14.30
C LEU A 68 9.69 5.51 13.33
N GLU A 69 10.06 6.66 13.88
CA GLU A 69 10.29 7.85 13.07
C GLU A 69 11.60 7.73 12.30
ZN ZN B . -8.91 -7.97 0.34
N GLY A 1 20.65 17.39 2.21
CA GLY A 1 22.01 17.07 1.79
C GLY A 1 22.09 16.69 0.32
N SER A 2 21.92 15.40 0.04
CA SER A 2 21.98 14.91 -1.33
C SER A 2 21.55 13.45 -1.40
N SER A 3 20.50 13.17 -2.16
CA SER A 3 20.00 11.81 -2.30
C SER A 3 20.50 11.17 -3.60
N GLY A 4 20.35 9.86 -3.70
CA GLY A 4 20.80 9.16 -4.89
C GLY A 4 19.80 9.26 -6.03
N SER A 5 20.24 8.89 -7.23
CA SER A 5 19.40 8.94 -8.41
C SER A 5 19.01 7.55 -8.87
N SER A 6 18.67 6.69 -7.91
CA SER A 6 18.29 5.31 -8.22
C SER A 6 16.78 5.11 -8.03
N GLY A 7 16.01 6.17 -8.32
CA GLY A 7 14.57 6.09 -8.18
C GLY A 7 13.96 7.42 -7.80
N GLU A 8 13.92 7.71 -6.50
CA GLU A 8 13.35 8.97 -6.02
C GLU A 8 14.32 10.13 -6.23
N ILE A 9 13.97 11.01 -7.16
CA ILE A 9 14.80 12.17 -7.46
C ILE A 9 14.19 13.45 -6.91
N SER A 10 13.51 13.33 -5.78
CA SER A 10 12.87 14.49 -5.14
C SER A 10 11.98 15.22 -6.13
N GLY A 11 11.22 14.46 -6.91
CA GLY A 11 10.32 15.06 -7.89
C GLY A 11 8.92 14.50 -7.80
N PHE A 12 8.72 13.30 -8.34
CA PHE A 12 7.41 12.65 -8.32
C PHE A 12 7.46 11.35 -7.53
N GLY A 13 7.90 11.43 -6.28
CA GLY A 13 7.99 10.25 -5.45
C GLY A 13 6.92 10.23 -4.36
N GLN A 14 5.78 9.63 -4.67
CA GLN A 14 4.68 9.54 -3.73
C GLN A 14 4.73 8.24 -2.94
N CYS A 15 5.66 8.17 -1.99
CA CYS A 15 5.82 6.97 -1.17
C CYS A 15 4.93 7.04 0.07
N LEU A 16 5.03 6.03 0.92
CA LEU A 16 4.24 5.97 2.14
C LEU A 16 2.74 5.97 1.83
N VAL A 17 2.36 5.24 0.79
CA VAL A 17 0.97 5.16 0.37
C VAL A 17 0.36 3.81 0.76
N TRP A 18 -0.88 3.84 1.23
CA TRP A 18 -1.58 2.63 1.63
C TRP A 18 -2.96 2.56 0.99
N VAL A 19 -3.39 1.35 0.64
CA VAL A 19 -4.69 1.14 0.02
C VAL A 19 -5.52 0.13 0.80
N GLN A 20 -6.77 0.47 1.07
CA GLN A 20 -7.66 -0.42 1.80
C GLN A 20 -8.53 -1.24 0.86
N CYS A 21 -8.60 -2.54 1.11
CA CYS A 21 -9.40 -3.43 0.27
C CYS A 21 -10.83 -2.91 0.12
N SER A 22 -11.48 -3.32 -0.96
CA SER A 22 -12.85 -2.90 -1.23
C SER A 22 -13.84 -3.75 -0.45
N PHE A 23 -13.46 -4.99 -0.17
CA PHE A 23 -14.33 -5.91 0.56
C PHE A 23 -14.38 -5.54 2.04
N PRO A 24 -15.57 -5.72 2.64
CA PRO A 24 -15.78 -5.41 4.07
C PRO A 24 -15.05 -6.37 4.98
N ASN A 25 -15.19 -7.67 4.72
CA ASN A 25 -14.53 -8.69 5.53
C ASN A 25 -13.02 -8.47 5.57
N CYS A 26 -12.51 -7.80 4.54
CA CYS A 26 -11.08 -7.53 4.46
C CYS A 26 -10.72 -6.24 5.19
N GLY A 27 -11.04 -5.11 4.57
CA GLY A 27 -10.75 -3.82 5.18
C GLY A 27 -9.31 -3.69 5.62
N LYS A 28 -8.43 -4.42 4.94
CA LYS A 28 -7.00 -4.40 5.28
C LYS A 28 -6.27 -3.39 4.41
N TRP A 29 -5.24 -2.75 4.98
CA TRP A 29 -4.45 -1.77 4.25
C TRP A 29 -3.19 -2.39 3.66
N ARG A 30 -3.21 -2.63 2.36
CA ARG A 30 -2.07 -3.23 1.67
C ARG A 30 -1.03 -2.17 1.31
N ARG A 31 0.17 -2.34 1.85
CA ARG A 31 1.26 -1.39 1.60
C ARG A 31 1.71 -1.47 0.14
N LEU A 32 2.03 -0.32 -0.44
CA LEU A 32 2.48 -0.26 -1.82
C LEU A 32 3.87 0.38 -1.92
N CYS A 33 4.46 0.32 -3.11
CA CYS A 33 5.77 0.90 -3.33
C CYS A 33 5.74 2.41 -3.19
N GLY A 34 5.20 3.08 -4.21
CA GLY A 34 5.11 4.52 -4.19
C GLY A 34 4.61 5.10 -5.49
N ASN A 35 4.88 4.40 -6.59
CA ASN A 35 4.44 4.85 -7.91
C ASN A 35 2.93 4.83 -8.02
N ILE A 36 2.29 3.99 -7.20
CA ILE A 36 0.83 3.88 -7.21
C ILE A 36 0.19 5.00 -6.39
N ASP A 37 -0.96 5.49 -6.85
CA ASP A 37 -1.67 6.55 -6.16
C ASP A 37 -3.17 6.27 -6.13
N PRO A 38 -3.84 6.75 -5.07
CA PRO A 38 -5.28 6.57 -4.90
C PRO A 38 -6.10 7.37 -5.91
N SER A 39 -5.48 8.41 -6.47
CA SER A 39 -6.15 9.26 -7.44
C SER A 39 -6.35 8.52 -8.77
N VAL A 40 -5.37 7.72 -9.14
CA VAL A 40 -5.43 6.94 -10.37
C VAL A 40 -6.00 5.55 -10.13
N LEU A 41 -5.90 5.09 -8.88
CA LEU A 41 -6.41 3.77 -8.51
C LEU A 41 -7.92 3.71 -8.64
N PRO A 42 -8.44 2.50 -8.88
CA PRO A 42 -9.88 2.27 -9.03
C PRO A 42 -10.64 2.45 -7.71
N ASP A 43 -11.94 2.16 -7.74
CA ASP A 43 -12.76 2.29 -6.55
C ASP A 43 -13.03 0.92 -5.91
N ASN A 44 -13.03 -0.12 -6.74
CA ASN A 44 -13.26 -1.47 -6.26
C ASN A 44 -11.94 -2.22 -6.10
N TRP A 45 -10.89 -1.49 -5.76
CA TRP A 45 -9.57 -2.09 -5.57
C TRP A 45 -9.60 -3.12 -4.45
N SER A 46 -8.77 -4.15 -4.58
CA SER A 46 -8.71 -5.21 -3.58
C SER A 46 -7.27 -5.68 -3.38
N CYS A 47 -7.09 -6.61 -2.45
CA CYS A 47 -5.76 -7.14 -2.16
C CYS A 47 -5.16 -7.82 -3.39
N ASP A 48 -6.02 -8.36 -4.23
CA ASP A 48 -5.59 -9.04 -5.45
C ASP A 48 -4.92 -8.05 -6.41
N GLN A 49 -5.18 -6.77 -6.18
CA GLN A 49 -4.61 -5.72 -7.03
C GLN A 49 -3.38 -5.09 -6.37
N ASN A 50 -2.71 -5.87 -5.53
CA ASN A 50 -1.52 -5.39 -4.84
C ASN A 50 -0.25 -5.75 -5.62
N THR A 51 0.79 -4.93 -5.45
CA THR A 51 2.05 -5.18 -6.13
C THR A 51 2.96 -6.06 -5.30
N ASP A 52 2.74 -6.08 -3.99
CA ASP A 52 3.54 -6.89 -3.09
C ASP A 52 2.96 -8.30 -2.95
N VAL A 53 3.65 -9.27 -3.54
CA VAL A 53 3.20 -10.66 -3.48
C VAL A 53 3.01 -11.11 -2.04
N GLN A 54 3.72 -10.47 -1.12
CA GLN A 54 3.63 -10.82 0.30
C GLN A 54 2.25 -10.48 0.84
N TYR A 55 1.56 -9.55 0.18
CA TYR A 55 0.23 -9.14 0.61
C TYR A 55 -0.65 -8.81 -0.59
N ASN A 56 -0.74 -9.76 -1.53
CA ASN A 56 -1.55 -9.57 -2.72
C ASN A 56 -2.77 -10.49 -2.71
N ARG A 57 -3.17 -10.91 -1.51
CA ARG A 57 -4.32 -11.79 -1.35
C ARG A 57 -5.24 -11.27 -0.26
N CYS A 58 -6.52 -11.65 -0.35
CA CYS A 58 -7.51 -11.22 0.63
C CYS A 58 -7.48 -12.11 1.87
N ASP A 59 -6.58 -13.09 1.87
CA ASP A 59 -6.44 -14.01 2.98
C ASP A 59 -5.24 -13.64 3.86
N ILE A 60 -4.28 -12.95 3.26
CA ILE A 60 -3.09 -12.53 3.99
C ILE A 60 -3.43 -11.49 5.05
N PRO A 61 -2.90 -11.70 6.27
CA PRO A 61 -3.14 -10.79 7.39
C PRO A 61 -2.42 -9.45 7.22
N GLU A 62 -2.82 -8.47 8.01
CA GLU A 62 -2.21 -7.14 7.94
C GLU A 62 -0.85 -7.12 8.63
N GLU A 63 -0.09 -6.07 8.39
CA GLU A 63 1.25 -5.93 8.99
C GLU A 63 1.13 -5.62 10.48
N THR A 64 1.51 -6.59 11.30
CA THR A 64 1.47 -6.42 12.75
C THR A 64 2.20 -5.17 13.18
N TRP A 65 1.56 -4.37 14.03
CA TRP A 65 2.16 -3.14 14.53
C TRP A 65 3.22 -3.43 15.58
N THR A 66 3.06 -4.55 16.28
CA THR A 66 4.01 -4.95 17.32
C THR A 66 5.44 -4.94 16.78
N GLY A 67 6.33 -4.28 17.53
CA GLY A 67 7.72 -4.20 17.11
C GLY A 67 8.13 -2.81 16.69
N LEU A 68 7.15 -2.00 16.29
CA LEU A 68 7.41 -0.64 15.86
C LEU A 68 7.58 0.28 17.06
N GLU A 69 6.92 -0.04 18.16
CA GLU A 69 7.00 0.76 19.37
C GLU A 69 7.78 0.02 20.46
ZN ZN B . -8.93 -8.04 0.33
N GLY A 1 -3.87 2.88 15.96
CA GLY A 1 -3.79 3.83 14.88
C GLY A 1 -3.78 5.27 15.37
N SER A 2 -2.69 5.67 16.00
CA SER A 2 -2.55 7.02 16.52
C SER A 2 -1.62 7.86 15.65
N SER A 3 -1.87 9.17 15.61
CA SER A 3 -1.05 10.07 14.81
C SER A 3 0.40 10.07 15.30
N GLY A 4 1.32 10.30 14.37
CA GLY A 4 2.73 10.32 14.73
C GLY A 4 3.14 11.61 15.41
N SER A 5 4.36 11.65 15.93
CA SER A 5 4.86 12.83 16.61
C SER A 5 4.97 14.02 15.66
N SER A 6 5.43 15.15 16.18
CA SER A 6 5.58 16.36 15.38
C SER A 6 6.96 16.42 14.75
N GLY A 7 7.10 17.26 13.72
CA GLY A 7 8.37 17.40 13.04
C GLY A 7 8.37 16.76 11.66
N GLU A 8 8.80 17.52 10.65
CA GLU A 8 8.84 17.03 9.29
C GLU A 8 10.26 17.02 8.76
N ILE A 9 10.75 15.83 8.39
CA ILE A 9 12.10 15.69 7.87
C ILE A 9 12.24 16.38 6.52
N SER A 10 13.42 16.26 5.92
CA SER A 10 13.69 16.89 4.62
C SER A 10 14.30 15.88 3.66
N GLY A 11 14.08 16.10 2.37
CA GLY A 11 14.61 15.21 1.35
C GLY A 11 13.53 14.43 0.64
N PHE A 12 13.92 13.63 -0.35
CA PHE A 12 12.97 12.84 -1.12
C PHE A 12 12.37 11.73 -0.25
N GLY A 13 13.18 10.73 0.05
CA GLY A 13 12.72 9.62 0.87
C GLY A 13 11.86 8.64 0.08
N GLN A 14 11.05 7.86 0.80
CA GLN A 14 10.17 6.89 0.15
C GLN A 14 8.71 7.19 0.46
N CYS A 15 7.95 7.53 -0.58
CA CYS A 15 6.54 7.85 -0.43
C CYS A 15 5.81 6.73 0.32
N LEU A 16 4.78 7.10 1.07
CA LEU A 16 4.00 6.12 1.82
C LEU A 16 2.52 6.19 1.44
N VAL A 17 2.07 5.22 0.65
CA VAL A 17 0.68 5.17 0.21
C VAL A 17 0.05 3.84 0.54
N TRP A 18 -1.01 3.86 1.33
CA TRP A 18 -1.71 2.64 1.73
C TRP A 18 -3.08 2.56 1.05
N VAL A 19 -3.46 1.34 0.67
CA VAL A 19 -4.75 1.12 0.01
C VAL A 19 -5.59 0.11 0.79
N GLN A 20 -6.83 0.50 1.10
CA GLN A 20 -7.74 -0.37 1.83
C GLN A 20 -8.59 -1.20 0.88
N CYS A 21 -8.63 -2.50 1.12
CA CYS A 21 -9.41 -3.41 0.28
C CYS A 21 -10.85 -2.91 0.13
N SER A 22 -11.49 -3.29 -0.97
CA SER A 22 -12.86 -2.89 -1.23
C SER A 22 -13.85 -3.74 -0.45
N PHE A 23 -13.46 -4.99 -0.19
CA PHE A 23 -14.31 -5.91 0.56
C PHE A 23 -14.36 -5.53 2.03
N PRO A 24 -15.55 -5.72 2.64
CA PRO A 24 -15.77 -5.40 4.05
C PRO A 24 -15.03 -6.36 4.98
N ASN A 25 -15.16 -7.65 4.73
CA ASN A 25 -14.51 -8.67 5.55
C ASN A 25 -12.99 -8.44 5.59
N CYS A 26 -12.48 -7.77 4.56
CA CYS A 26 -11.05 -7.49 4.47
C CYS A 26 -10.71 -6.20 5.20
N GLY A 27 -11.03 -5.06 4.58
CA GLY A 27 -10.74 -3.78 5.19
C GLY A 27 -9.30 -3.65 5.63
N LYS A 28 -8.42 -4.37 4.97
CA LYS A 28 -7.00 -4.33 5.29
C LYS A 28 -6.25 -3.32 4.43
N TRP A 29 -5.25 -2.68 5.00
CA TRP A 29 -4.46 -1.69 4.28
C TRP A 29 -3.19 -2.32 3.70
N ARG A 30 -3.23 -2.63 2.40
CA ARG A 30 -2.09 -3.24 1.74
C ARG A 30 -1.02 -2.20 1.43
N ARG A 31 0.25 -2.62 1.47
CA ARG A 31 1.36 -1.73 1.21
C ARG A 31 1.62 -1.61 -0.29
N LEU A 32 2.20 -0.49 -0.71
CA LEU A 32 2.51 -0.27 -2.12
C LEU A 32 3.92 0.28 -2.29
N CYS A 33 4.43 0.21 -3.50
CA CYS A 33 5.78 0.71 -3.79
C CYS A 33 5.95 2.13 -3.30
N GLY A 34 5.23 3.06 -3.91
CA GLY A 34 5.32 4.46 -3.52
C GLY A 34 4.84 5.40 -4.59
N ASN A 35 4.85 4.92 -5.84
CA ASN A 35 4.42 5.73 -6.97
C ASN A 35 2.96 5.46 -7.30
N ILE A 36 2.20 5.03 -6.30
CA ILE A 36 0.78 4.74 -6.50
C ILE A 36 -0.09 5.91 -6.05
N ASP A 37 -1.23 6.07 -6.70
CA ASP A 37 -2.16 7.15 -6.38
C ASP A 37 -3.61 6.67 -6.44
N PRO A 38 -4.46 7.26 -5.59
CA PRO A 38 -5.89 6.90 -5.53
C PRO A 38 -6.64 7.37 -6.77
N SER A 39 -6.28 8.54 -7.27
CA SER A 39 -6.95 9.10 -8.45
C SER A 39 -6.90 8.11 -9.62
N VAL A 40 -5.72 7.57 -9.89
CA VAL A 40 -5.53 6.61 -10.96
C VAL A 40 -6.08 5.24 -10.58
N LEU A 41 -6.08 4.95 -9.28
CA LEU A 41 -6.57 3.68 -8.78
C LEU A 41 -8.08 3.56 -8.97
N PRO A 42 -8.58 2.32 -9.09
CA PRO A 42 -10.00 2.05 -9.28
C PRO A 42 -10.81 2.34 -8.03
N ASP A 43 -12.08 1.95 -8.05
CA ASP A 43 -12.97 2.18 -6.92
C ASP A 43 -13.21 0.87 -6.15
N ASN A 44 -13.09 -0.25 -6.85
CA ASN A 44 -13.30 -1.55 -6.23
C ASN A 44 -11.97 -2.28 -6.04
N TRP A 45 -10.91 -1.52 -5.76
CA TRP A 45 -9.59 -2.09 -5.56
C TRP A 45 -9.61 -3.12 -4.44
N SER A 46 -8.77 -4.15 -4.57
CA SER A 46 -8.69 -5.20 -3.57
C SER A 46 -7.26 -5.67 -3.38
N CYS A 47 -7.05 -6.57 -2.43
CA CYS A 47 -5.72 -7.10 -2.14
C CYS A 47 -5.11 -7.75 -3.38
N ASP A 48 -5.97 -8.32 -4.21
CA ASP A 48 -5.52 -8.98 -5.44
C ASP A 48 -4.87 -7.98 -6.39
N GLN A 49 -5.13 -6.69 -6.16
CA GLN A 49 -4.58 -5.64 -7.00
C GLN A 49 -3.35 -5.00 -6.35
N ASN A 50 -2.69 -5.77 -5.49
CA ASN A 50 -1.50 -5.29 -4.80
C ASN A 50 -0.23 -5.61 -5.59
N THR A 51 0.83 -4.86 -5.33
CA THR A 51 2.10 -5.06 -6.02
C THR A 51 3.02 -5.97 -5.20
N ASP A 52 2.79 -6.04 -3.90
CA ASP A 52 3.60 -6.87 -3.03
C ASP A 52 3.00 -8.27 -2.89
N VAL A 53 3.68 -9.25 -3.48
CA VAL A 53 3.23 -10.63 -3.44
C VAL A 53 3.02 -11.10 -2.00
N GLN A 54 3.73 -10.46 -1.07
CA GLN A 54 3.63 -10.81 0.34
C GLN A 54 2.24 -10.46 0.89
N TYR A 55 1.56 -9.54 0.21
CA TYR A 55 0.23 -9.12 0.63
C TYR A 55 -0.64 -8.80 -0.57
N ASN A 56 -0.73 -9.75 -1.50
CA ASN A 56 -1.53 -9.57 -2.70
C ASN A 56 -2.76 -10.48 -2.68
N ARG A 57 -3.16 -10.90 -1.49
CA ARG A 57 -4.31 -11.77 -1.34
C ARG A 57 -5.25 -11.25 -0.24
N CYS A 58 -6.52 -11.63 -0.33
CA CYS A 58 -7.51 -11.20 0.65
C CYS A 58 -7.48 -12.09 1.88
N ASP A 59 -6.58 -13.07 1.88
CA ASP A 59 -6.45 -13.99 2.99
C ASP A 59 -5.26 -13.61 3.87
N ILE A 60 -4.30 -12.91 3.28
CA ILE A 60 -3.10 -12.50 4.01
C ILE A 60 -3.45 -11.44 5.06
N PRO A 61 -2.93 -11.65 6.29
CA PRO A 61 -3.17 -10.73 7.41
C PRO A 61 -2.46 -9.39 7.21
N GLU A 62 -2.84 -8.41 8.02
CA GLU A 62 -2.23 -7.08 7.94
C GLU A 62 -0.86 -7.07 8.60
N GLU A 63 0.05 -6.28 8.04
CA GLU A 63 1.41 -6.18 8.58
C GLU A 63 1.46 -5.20 9.76
N THR A 64 1.80 -5.73 10.93
CA THR A 64 1.88 -4.91 12.13
C THR A 64 2.90 -3.80 11.97
N TRP A 65 2.63 -2.66 12.60
CA TRP A 65 3.52 -1.51 12.53
C TRP A 65 4.29 -1.32 13.83
N THR A 66 5.58 -1.04 13.72
CA THR A 66 6.42 -0.85 14.90
C THR A 66 7.35 0.35 14.71
N GLY A 67 7.53 1.12 15.78
CA GLY A 67 8.40 2.29 15.72
C GLY A 67 9.64 2.13 16.56
N LEU A 68 10.78 2.58 16.03
CA LEU A 68 12.04 2.48 16.75
C LEU A 68 11.98 3.25 18.07
N GLU A 69 13.09 3.24 18.81
CA GLU A 69 13.16 3.92 20.08
C GLU A 69 13.67 5.36 19.91
ZN ZN B . -8.92 -8.01 0.34
N GLY A 1 34.45 10.60 12.37
CA GLY A 1 35.71 10.40 11.69
C GLY A 1 35.60 10.64 10.20
N SER A 2 35.39 9.57 9.44
CA SER A 2 35.27 9.68 7.99
C SER A 2 33.83 9.93 7.57
N SER A 3 32.96 8.96 7.84
CA SER A 3 31.55 9.09 7.49
C SER A 3 30.79 9.82 8.58
N GLY A 4 30.14 10.92 8.19
CA GLY A 4 29.37 11.70 9.15
C GLY A 4 27.93 11.24 9.27
N SER A 5 27.18 11.87 10.16
CA SER A 5 25.78 11.52 10.36
C SER A 5 24.86 12.56 9.74
N SER A 6 24.84 12.61 8.41
CA SER A 6 24.00 13.56 7.69
C SER A 6 23.28 12.88 6.52
N GLY A 7 21.96 12.95 6.52
CA GLY A 7 21.18 12.33 5.46
C GLY A 7 19.96 13.15 5.09
N GLU A 8 18.78 12.54 5.22
CA GLU A 8 17.54 13.22 4.89
C GLU A 8 16.34 12.46 5.47
N ILE A 9 15.19 13.13 5.54
CA ILE A 9 13.98 12.52 6.07
C ILE A 9 13.07 12.07 4.94
N SER A 10 13.66 11.53 3.88
CA SER A 10 12.90 11.05 2.73
C SER A 10 13.16 9.58 2.48
N GLY A 11 14.43 9.22 2.37
CA GLY A 11 14.80 7.84 2.12
C GLY A 11 15.21 7.59 0.68
N PHE A 12 14.51 8.23 -0.24
CA PHE A 12 14.81 8.08 -1.66
C PHE A 12 14.61 6.62 -2.10
N GLY A 13 13.76 5.91 -1.40
CA GLY A 13 13.49 4.52 -1.73
C GLY A 13 12.08 4.30 -2.24
N GLN A 14 11.10 4.82 -1.51
CA GLN A 14 9.70 4.68 -1.90
C GLN A 14 8.81 5.62 -1.09
N CYS A 15 7.52 5.64 -1.42
CA CYS A 15 6.58 6.50 -0.74
C CYS A 15 5.70 5.69 0.22
N LEU A 16 5.17 6.35 1.24
CA LEU A 16 4.32 5.70 2.22
C LEU A 16 2.86 5.72 1.79
N VAL A 17 2.52 4.88 0.81
CA VAL A 17 1.16 4.80 0.30
C VAL A 17 0.48 3.50 0.72
N TRP A 18 -0.74 3.61 1.21
CA TRP A 18 -1.50 2.44 1.66
C TRP A 18 -2.90 2.44 1.05
N VAL A 19 -3.37 1.25 0.67
CA VAL A 19 -4.69 1.12 0.07
C VAL A 19 -5.53 0.10 0.84
N GLN A 20 -6.78 0.48 1.14
CA GLN A 20 -7.68 -0.40 1.88
C GLN A 20 -8.53 -1.23 0.91
N CYS A 21 -8.61 -2.53 1.18
CA CYS A 21 -9.40 -3.43 0.35
C CYS A 21 -10.81 -2.91 0.15
N SER A 22 -11.46 -3.36 -0.91
CA SER A 22 -12.83 -2.94 -1.22
C SER A 22 -13.84 -3.80 -0.47
N PHE A 23 -13.44 -5.03 -0.14
CA PHE A 23 -14.31 -5.95 0.57
C PHE A 23 -14.39 -5.60 2.05
N PRO A 24 -15.57 -5.80 2.65
CA PRO A 24 -15.80 -5.51 4.07
C PRO A 24 -15.05 -6.47 4.99
N ASN A 25 -15.18 -7.77 4.71
CA ASN A 25 -14.53 -8.79 5.51
C ASN A 25 -13.01 -8.57 5.55
N CYS A 26 -12.50 -7.88 4.53
CA CYS A 26 -11.08 -7.59 4.46
C CYS A 26 -10.74 -6.31 5.20
N GLY A 27 -11.06 -5.17 4.59
CA GLY A 27 -10.79 -3.89 5.20
C GLY A 27 -9.35 -3.76 5.66
N LYS A 28 -8.45 -4.46 4.98
CA LYS A 28 -7.03 -4.43 5.32
C LYS A 28 -6.30 -3.39 4.48
N TRP A 29 -5.27 -2.77 5.07
CA TRP A 29 -4.49 -1.76 4.37
C TRP A 29 -3.24 -2.37 3.76
N ARG A 30 -3.28 -2.63 2.45
CA ARG A 30 -2.15 -3.22 1.75
C ARG A 30 -1.12 -2.15 1.39
N ARG A 31 0.15 -2.53 1.40
CA ARG A 31 1.23 -1.61 1.09
C ARG A 31 1.68 -1.78 -0.36
N LEU A 32 1.55 -0.70 -1.14
CA LEU A 32 1.94 -0.74 -2.55
C LEU A 32 3.43 -0.44 -2.70
N CYS A 33 3.90 -0.50 -3.95
CA CYS A 33 5.31 -0.24 -4.23
C CYS A 33 5.75 1.10 -3.65
N GLY A 34 5.21 2.18 -4.19
CA GLY A 34 5.56 3.50 -3.71
C GLY A 34 5.21 4.59 -4.71
N ASN A 35 5.24 4.25 -5.99
CA ASN A 35 4.94 5.20 -7.05
C ASN A 35 3.48 5.07 -7.50
N ILE A 36 2.58 4.94 -6.54
CA ILE A 36 1.16 4.81 -6.85
C ILE A 36 0.33 5.75 -6.00
N ASP A 37 -0.72 6.31 -6.60
CA ASP A 37 -1.60 7.24 -5.89
C ASP A 37 -3.02 6.68 -5.80
N PRO A 38 -3.74 7.06 -4.73
CA PRO A 38 -5.12 6.60 -4.50
C PRO A 38 -6.10 7.21 -5.51
N SER A 39 -5.92 8.48 -5.80
CA SER A 39 -6.79 9.18 -6.74
C SER A 39 -6.77 8.51 -8.11
N VAL A 40 -5.66 7.84 -8.41
CA VAL A 40 -5.51 7.15 -9.68
C VAL A 40 -5.72 5.65 -9.52
N LEU A 41 -6.53 5.27 -8.54
CA LEU A 41 -6.82 3.86 -8.28
C LEU A 41 -8.31 3.60 -8.36
N PRO A 42 -8.67 2.34 -8.67
CA PRO A 42 -10.08 1.92 -8.79
C PRO A 42 -10.78 1.88 -7.44
N ASP A 43 -12.05 2.24 -7.43
CA ASP A 43 -12.85 2.25 -6.20
C ASP A 43 -13.07 0.83 -5.70
N ASN A 44 -13.05 -0.13 -6.61
CA ASN A 44 -13.26 -1.54 -6.26
C ASN A 44 -11.93 -2.26 -6.13
N TRP A 45 -10.90 -1.54 -5.69
CA TRP A 45 -9.58 -2.11 -5.51
C TRP A 45 -9.57 -3.13 -4.39
N SER A 46 -8.79 -4.20 -4.56
CA SER A 46 -8.70 -5.25 -3.56
C SER A 46 -7.26 -5.71 -3.37
N CYS A 47 -7.05 -6.64 -2.44
CA CYS A 47 -5.72 -7.15 -2.17
C CYS A 47 -5.12 -7.80 -3.41
N ASP A 48 -5.97 -8.35 -4.26
CA ASP A 48 -5.53 -8.99 -5.49
C ASP A 48 -4.87 -7.98 -6.43
N GLN A 49 -5.14 -6.70 -6.18
CA GLN A 49 -4.58 -5.64 -7.01
C GLN A 49 -3.37 -5.00 -6.33
N ASN A 50 -2.66 -5.79 -5.52
CA ASN A 50 -1.49 -5.30 -4.82
C ASN A 50 -0.21 -5.63 -5.58
N THR A 51 0.83 -4.83 -5.35
CA THR A 51 2.12 -5.04 -6.03
C THR A 51 3.03 -5.93 -5.19
N ASP A 52 2.77 -5.99 -3.89
CA ASP A 52 3.58 -6.81 -2.98
C ASP A 52 3.00 -8.22 -2.87
N VAL A 53 3.72 -9.18 -3.42
CA VAL A 53 3.28 -10.58 -3.38
C VAL A 53 3.03 -11.03 -1.95
N GLN A 54 3.71 -10.38 -1.00
CA GLN A 54 3.57 -10.72 0.41
C GLN A 54 2.17 -10.37 0.92
N TYR A 55 1.51 -9.45 0.22
CA TYR A 55 0.16 -9.03 0.61
C TYR A 55 -0.68 -8.72 -0.63
N ASN A 56 -0.73 -9.68 -1.55
CA ASN A 56 -1.50 -9.51 -2.78
C ASN A 56 -2.72 -10.43 -2.79
N ARG A 57 -3.14 -10.86 -1.60
CA ARG A 57 -4.29 -11.74 -1.46
C ARG A 57 -5.22 -11.26 -0.35
N CYS A 58 -6.49 -11.65 -0.44
CA CYS A 58 -7.47 -11.26 0.57
C CYS A 58 -7.43 -12.19 1.77
N ASP A 59 -6.53 -13.17 1.72
CA ASP A 59 -6.38 -14.13 2.80
C ASP A 59 -5.18 -13.78 3.68
N ILE A 60 -4.24 -13.04 3.12
CA ILE A 60 -3.04 -12.63 3.85
C ILE A 60 -3.37 -11.58 4.90
N PRO A 61 -2.97 -11.85 6.15
CA PRO A 61 -3.21 -10.94 7.27
C PRO A 61 -2.37 -9.67 7.18
N GLU A 62 -2.80 -8.63 7.88
CA GLU A 62 -2.08 -7.36 7.88
C GLU A 62 -0.77 -7.47 8.64
N GLU A 63 0.15 -6.55 8.38
CA GLU A 63 1.45 -6.54 9.04
C GLU A 63 1.29 -6.51 10.56
N THR A 64 2.39 -6.75 11.26
CA THR A 64 2.37 -6.74 12.72
C THR A 64 2.86 -5.41 13.27
N TRP A 65 1.92 -4.59 13.73
CA TRP A 65 2.26 -3.27 14.28
C TRP A 65 2.54 -3.38 15.77
N THR A 66 3.72 -3.89 16.11
CA THR A 66 4.12 -4.04 17.50
C THR A 66 5.39 -3.25 17.81
N GLY A 67 6.36 -3.33 16.90
CA GLY A 67 7.61 -2.63 17.08
C GLY A 67 8.75 -3.55 17.45
N LEU A 68 8.85 -4.68 16.78
CA LEU A 68 9.90 -5.66 17.04
C LEU A 68 10.83 -5.80 15.84
N GLU A 69 12.14 -5.73 16.10
CA GLU A 69 13.13 -5.85 15.03
C GLU A 69 13.41 -7.31 14.71
ZN ZN B . -8.88 -8.06 0.37
N GLY A 1 23.72 12.01 -29.65
CA GLY A 1 24.25 13.16 -28.92
C GLY A 1 23.40 13.52 -27.73
N SER A 2 23.84 13.12 -26.54
CA SER A 2 23.11 13.41 -25.31
C SER A 2 21.67 12.91 -25.41
N SER A 3 21.49 11.71 -25.98
CA SER A 3 20.17 11.13 -26.14
C SER A 3 20.01 9.90 -25.25
N GLY A 4 18.76 9.52 -24.99
CA GLY A 4 18.49 8.37 -24.15
C GLY A 4 17.24 8.55 -23.31
N SER A 5 17.14 7.77 -22.24
CA SER A 5 16.00 7.84 -21.35
C SER A 5 16.43 7.77 -19.89
N SER A 6 15.47 7.96 -18.99
CA SER A 6 15.76 7.92 -17.56
C SER A 6 15.25 6.62 -16.93
N GLY A 7 13.93 6.47 -16.87
CA GLY A 7 13.34 5.28 -16.30
C GLY A 7 12.62 5.56 -15.00
N GLU A 8 12.84 4.69 -14.01
CA GLU A 8 12.21 4.84 -12.71
C GLU A 8 12.85 5.99 -11.92
N ILE A 9 12.16 6.44 -10.87
CA ILE A 9 12.66 7.52 -10.04
C ILE A 9 13.52 6.99 -8.91
N SER A 10 14.83 6.92 -9.14
CA SER A 10 15.77 6.43 -8.13
C SER A 10 16.52 7.59 -7.49
N GLY A 11 15.81 8.68 -7.23
CA GLY A 11 16.44 9.83 -6.61
C GLY A 11 16.23 9.87 -5.10
N PHE A 12 15.63 10.95 -4.61
CA PHE A 12 15.39 11.10 -3.18
C PHE A 12 13.90 11.31 -2.91
N GLY A 13 13.49 10.97 -1.68
CA GLY A 13 12.09 11.12 -1.31
C GLY A 13 11.37 9.79 -1.21
N GLN A 14 11.30 9.26 0.01
CA GLN A 14 10.64 7.98 0.24
C GLN A 14 9.16 8.19 0.57
N CYS A 15 8.30 7.84 -0.37
CA CYS A 15 6.85 7.99 -0.18
C CYS A 15 6.20 6.63 0.04
N LEU A 16 5.44 6.52 1.12
CA LEU A 16 4.76 5.27 1.46
C LEU A 16 3.25 5.46 1.46
N VAL A 17 2.56 4.76 0.56
CA VAL A 17 1.11 4.84 0.46
C VAL A 17 0.45 3.54 0.86
N TRP A 18 -0.79 3.62 1.32
CA TRP A 18 -1.54 2.43 1.73
C TRP A 18 -2.92 2.42 1.11
N VAL A 19 -3.36 1.24 0.68
CA VAL A 19 -4.68 1.09 0.07
C VAL A 19 -5.53 0.08 0.82
N GLN A 20 -6.76 0.46 1.15
CA GLN A 20 -7.66 -0.41 1.87
C GLN A 20 -8.51 -1.24 0.91
N CYS A 21 -8.60 -2.54 1.17
CA CYS A 21 -9.38 -3.44 0.32
C CYS A 21 -10.79 -2.91 0.12
N SER A 22 -11.44 -3.36 -0.95
CA SER A 22 -12.80 -2.93 -1.25
C SER A 22 -13.82 -3.80 -0.51
N PHE A 23 -13.42 -5.02 -0.18
CA PHE A 23 -14.31 -5.94 0.53
C PHE A 23 -14.38 -5.59 2.01
N PRO A 24 -15.57 -5.78 2.61
CA PRO A 24 -15.80 -5.48 4.02
C PRO A 24 -15.06 -6.45 4.94
N ASN A 25 -15.19 -7.74 4.67
CA ASN A 25 -14.54 -8.77 5.47
C ASN A 25 -13.03 -8.55 5.52
N CYS A 26 -12.51 -7.86 4.51
CA CYS A 26 -11.09 -7.58 4.43
C CYS A 26 -10.74 -6.29 5.18
N GLY A 27 -11.06 -5.16 4.56
CA GLY A 27 -10.79 -3.88 5.18
C GLY A 27 -9.34 -3.75 5.63
N LYS A 28 -8.45 -4.47 4.96
CA LYS A 28 -7.04 -4.44 5.30
C LYS A 28 -6.29 -3.40 4.46
N TRP A 29 -5.29 -2.77 5.06
CA TRP A 29 -4.50 -1.75 4.37
C TRP A 29 -3.24 -2.36 3.77
N ARG A 30 -3.28 -2.62 2.46
CA ARG A 30 -2.14 -3.20 1.76
C ARG A 30 -1.11 -2.14 1.41
N ARG A 31 0.15 -2.55 1.26
CA ARG A 31 1.22 -1.63 0.92
C ARG A 31 1.42 -1.56 -0.59
N LEU A 32 1.97 -0.44 -1.05
CA LEU A 32 2.22 -0.25 -2.48
C LEU A 32 3.65 0.25 -2.72
N CYS A 33 4.01 0.41 -3.99
CA CYS A 33 5.34 0.90 -4.35
C CYS A 33 5.65 2.20 -3.62
N GLY A 34 4.93 3.26 -3.96
CA GLY A 34 5.16 4.54 -3.34
C GLY A 34 4.67 5.70 -4.18
N ASN A 35 4.73 5.53 -5.50
CA ASN A 35 4.29 6.57 -6.43
C ASN A 35 2.86 6.32 -6.88
N ILE A 36 2.09 5.62 -6.05
CA ILE A 36 0.70 5.31 -6.38
C ILE A 36 -0.26 6.14 -5.53
N ASP A 37 -1.31 6.64 -6.16
CA ASP A 37 -2.30 7.46 -5.46
C ASP A 37 -3.68 6.81 -5.54
N PRO A 38 -4.50 7.05 -4.51
CA PRO A 38 -5.86 6.50 -4.43
C PRO A 38 -6.80 7.13 -5.45
N SER A 39 -6.51 8.36 -5.84
CA SER A 39 -7.33 9.07 -6.82
C SER A 39 -7.29 8.38 -8.17
N VAL A 40 -6.11 7.90 -8.55
CA VAL A 40 -5.94 7.22 -9.83
C VAL A 40 -6.32 5.74 -9.71
N LEU A 41 -6.31 5.23 -8.49
CA LEU A 41 -6.65 3.83 -8.23
C LEU A 41 -8.15 3.61 -8.36
N PRO A 42 -8.54 2.37 -8.68
CA PRO A 42 -9.95 1.99 -8.84
C PRO A 42 -10.69 1.97 -7.50
N ASP A 43 -11.99 2.27 -7.55
CA ASP A 43 -12.81 2.28 -6.34
C ASP A 43 -13.04 0.86 -5.83
N ASN A 44 -12.98 -0.10 -6.73
CA ASN A 44 -13.19 -1.51 -6.37
C ASN A 44 -11.86 -2.23 -6.22
N TRP A 45 -10.85 -1.51 -5.74
CA TRP A 45 -9.53 -2.09 -5.54
C TRP A 45 -9.54 -3.11 -4.41
N SER A 46 -8.76 -4.18 -4.57
CA SER A 46 -8.68 -5.24 -3.57
C SER A 46 -7.24 -5.70 -3.38
N CYS A 47 -7.04 -6.62 -2.45
CA CYS A 47 -5.72 -7.14 -2.16
C CYS A 47 -5.10 -7.78 -3.41
N ASP A 48 -5.96 -8.33 -4.26
CA ASP A 48 -5.51 -8.98 -5.49
C ASP A 48 -4.86 -7.95 -6.43
N GLN A 49 -5.12 -6.67 -6.18
CA GLN A 49 -4.57 -5.61 -7.00
C GLN A 49 -3.37 -4.97 -6.33
N ASN A 50 -2.66 -5.76 -5.52
CA ASN A 50 -1.48 -5.27 -4.81
C ASN A 50 -0.21 -5.60 -5.59
N THR A 51 0.85 -4.83 -5.31
CA THR A 51 2.12 -5.03 -5.99
C THR A 51 3.04 -5.92 -5.16
N ASP A 52 2.79 -6.00 -3.85
CA ASP A 52 3.59 -6.82 -2.97
C ASP A 52 3.01 -8.22 -2.84
N VAL A 53 3.72 -9.19 -3.40
CA VAL A 53 3.27 -10.59 -3.35
C VAL A 53 3.03 -11.04 -1.92
N GLN A 54 3.71 -10.39 -0.98
CA GLN A 54 3.57 -10.73 0.43
C GLN A 54 2.16 -10.39 0.94
N TYR A 55 1.51 -9.46 0.25
CA TYR A 55 0.17 -9.03 0.63
C TYR A 55 -0.68 -8.72 -0.61
N ASN A 56 -0.73 -9.67 -1.53
CA ASN A 56 -1.49 -9.50 -2.76
C ASN A 56 -2.71 -10.42 -2.78
N ARG A 57 -3.13 -10.85 -1.59
CA ARG A 57 -4.28 -11.73 -1.46
C ARG A 57 -5.21 -11.26 -0.35
N CYS A 58 -6.48 -11.65 -0.44
CA CYS A 58 -7.47 -11.27 0.56
C CYS A 58 -7.42 -12.20 1.76
N ASP A 59 -6.52 -13.18 1.71
CA ASP A 59 -6.37 -14.14 2.80
C ASP A 59 -5.18 -13.78 3.68
N ILE A 60 -4.22 -13.05 3.10
CA ILE A 60 -3.03 -12.64 3.84
C ILE A 60 -3.37 -11.59 4.90
N PRO A 61 -2.97 -11.87 6.15
CA PRO A 61 -3.22 -10.96 7.26
C PRO A 61 -2.38 -9.68 7.18
N GLU A 62 -2.81 -8.65 7.89
CA GLU A 62 -2.10 -7.38 7.90
C GLU A 62 -0.79 -7.48 8.67
N GLU A 63 0.07 -6.49 8.49
CA GLU A 63 1.36 -6.48 9.17
C GLU A 63 1.18 -6.41 10.69
N THR A 64 2.20 -6.82 11.43
CA THR A 64 2.15 -6.81 12.89
C THR A 64 2.01 -5.39 13.42
N TRP A 65 1.17 -5.22 14.42
CA TRP A 65 0.94 -3.92 15.03
C TRP A 65 1.64 -3.81 16.38
N THR A 66 1.79 -2.58 16.86
CA THR A 66 2.45 -2.34 18.14
C THR A 66 1.49 -1.77 19.16
N GLY A 67 1.65 -2.14 20.42
CA GLY A 67 0.80 -1.66 21.48
C GLY A 67 1.56 -1.26 22.72
N LEU A 68 2.81 -0.87 22.55
CA LEU A 68 3.65 -0.48 23.66
C LEU A 68 4.17 0.95 23.47
N GLU A 69 3.95 1.80 24.47
CA GLU A 69 4.40 3.18 24.42
C GLU A 69 5.47 3.45 25.46
ZN ZN B . -8.90 -8.07 0.33
N GLY A 1 -8.49 11.82 -24.13
CA GLY A 1 -8.14 10.90 -23.07
C GLY A 1 -7.10 11.44 -22.13
N SER A 2 -7.26 12.71 -21.73
CA SER A 2 -6.32 13.36 -20.83
C SER A 2 -6.57 12.95 -19.38
N SER A 3 -7.80 13.14 -18.93
CA SER A 3 -8.17 12.79 -17.56
C SER A 3 -7.31 13.55 -16.55
N GLY A 4 -7.03 14.81 -16.87
CA GLY A 4 -6.22 15.63 -15.98
C GLY A 4 -4.87 15.97 -16.57
N SER A 5 -3.86 16.11 -15.71
CA SER A 5 -2.52 16.44 -16.15
C SER A 5 -1.47 15.84 -15.21
N SER A 6 -0.58 15.04 -15.78
CA SER A 6 0.47 14.39 -14.99
C SER A 6 1.72 15.28 -14.91
N GLY A 7 2.77 14.75 -14.29
CA GLY A 7 4.00 15.50 -14.17
C GLY A 7 5.17 14.64 -13.71
N GLU A 8 6.23 15.28 -13.25
CA GLU A 8 7.42 14.56 -12.80
C GLU A 8 7.77 14.95 -11.36
N ILE A 9 8.04 13.94 -10.54
CA ILE A 9 8.39 14.17 -9.14
C ILE A 9 9.59 15.12 -9.02
N SER A 10 9.64 15.86 -7.92
CA SER A 10 10.74 16.80 -7.69
C SER A 10 11.32 16.62 -6.28
N GLY A 11 12.45 15.95 -6.21
CA GLY A 11 13.09 15.72 -4.92
C GLY A 11 13.44 14.26 -4.70
N PHE A 12 13.65 13.88 -3.44
CA PHE A 12 13.99 12.51 -3.09
C PHE A 12 13.24 12.07 -1.83
N GLY A 13 12.87 10.79 -1.80
CA GLY A 13 12.15 10.26 -0.66
C GLY A 13 10.99 9.37 -1.06
N GLN A 14 11.08 8.09 -0.71
CA GLN A 14 10.04 7.13 -1.05
C GLN A 14 8.70 7.56 -0.45
N CYS A 15 7.63 7.42 -1.24
CA CYS A 15 6.30 7.79 -0.78
C CYS A 15 5.57 6.59 -0.20
N LEU A 16 5.17 6.70 1.06
CA LEU A 16 4.46 5.63 1.75
C LEU A 16 2.95 5.76 1.56
N VAL A 17 2.40 4.94 0.67
CA VAL A 17 0.98 4.96 0.39
C VAL A 17 0.33 3.64 0.77
N TRP A 18 -0.88 3.71 1.33
CA TRP A 18 -1.61 2.52 1.73
C TRP A 18 -3.00 2.48 1.09
N VAL A 19 -3.42 1.28 0.68
CA VAL A 19 -4.72 1.11 0.06
C VAL A 19 -5.57 0.10 0.81
N GLN A 20 -6.80 0.48 1.15
CA GLN A 20 -7.71 -0.39 1.87
C GLN A 20 -8.55 -1.22 0.91
N CYS A 21 -8.62 -2.52 1.17
CA CYS A 21 -9.38 -3.43 0.33
C CYS A 21 -10.81 -2.92 0.13
N SER A 22 -11.45 -3.38 -0.94
CA SER A 22 -12.81 -2.97 -1.24
C SER A 22 -13.83 -3.83 -0.48
N PHE A 23 -13.42 -5.05 -0.15
CA PHE A 23 -14.29 -5.97 0.58
C PHE A 23 -14.35 -5.60 2.05
N PRO A 24 -15.54 -5.80 2.65
CA PRO A 24 -15.76 -5.50 4.08
C PRO A 24 -15.01 -6.46 4.99
N ASN A 25 -15.15 -7.76 4.72
CA ASN A 25 -14.49 -8.78 5.53
C ASN A 25 -12.97 -8.55 5.57
N CYS A 26 -12.46 -7.87 4.55
CA CYS A 26 -11.03 -7.58 4.47
C CYS A 26 -10.70 -6.29 5.21
N GLY A 27 -11.03 -5.16 4.60
CA GLY A 27 -10.75 -3.87 5.21
C GLY A 27 -9.31 -3.74 5.66
N LYS A 28 -8.41 -4.45 4.97
CA LYS A 28 -6.99 -4.41 5.31
C LYS A 28 -6.27 -3.37 4.46
N TRP A 29 -5.23 -2.76 5.04
CA TRP A 29 -4.46 -1.75 4.33
C TRP A 29 -3.20 -2.36 3.73
N ARG A 30 -3.24 -2.63 2.43
CA ARG A 30 -2.09 -3.21 1.73
C ARG A 30 -1.07 -2.14 1.37
N ARG A 31 0.20 -2.52 1.37
CA ARG A 31 1.28 -1.59 1.05
C ARG A 31 1.41 -1.42 -0.46
N LEU A 32 2.05 -0.32 -0.88
CA LEU A 32 2.24 -0.05 -2.30
C LEU A 32 3.58 0.64 -2.54
N CYS A 33 3.95 0.77 -3.81
CA CYS A 33 5.21 1.40 -4.18
C CYS A 33 5.13 2.92 -3.97
N GLY A 34 6.23 3.60 -4.27
CA GLY A 34 6.27 5.05 -4.12
C GLY A 34 5.90 5.77 -5.39
N ASN A 35 5.24 5.08 -6.31
CA ASN A 35 4.85 5.66 -7.59
C ASN A 35 3.37 5.37 -7.88
N ILE A 36 2.58 5.23 -6.82
CA ILE A 36 1.16 4.95 -6.97
C ILE A 36 0.32 5.84 -6.04
N ASP A 37 -0.80 6.32 -6.55
CA ASP A 37 -1.69 7.18 -5.78
C ASP A 37 -3.10 6.59 -5.71
N PRO A 38 -3.82 6.88 -4.61
CA PRO A 38 -5.18 6.38 -4.41
C PRO A 38 -6.18 7.05 -5.35
N SER A 39 -5.86 8.27 -5.78
CA SER A 39 -6.74 9.01 -6.67
C SER A 39 -6.85 8.30 -8.02
N VAL A 40 -5.71 7.88 -8.57
CA VAL A 40 -5.69 7.21 -9.86
C VAL A 40 -6.19 5.76 -9.73
N LEU A 41 -6.07 5.21 -8.52
CA LEU A 41 -6.51 3.85 -8.26
C LEU A 41 -8.03 3.74 -8.34
N PRO A 42 -8.52 2.53 -8.65
CA PRO A 42 -9.95 2.26 -8.78
C PRO A 42 -10.66 2.30 -7.43
N ASP A 43 -11.98 2.20 -7.46
CA ASP A 43 -12.79 2.23 -6.24
C ASP A 43 -13.02 0.82 -5.71
N ASN A 44 -13.03 -0.16 -6.62
CA ASN A 44 -13.24 -1.55 -6.24
C ASN A 44 -11.91 -2.27 -6.09
N TRP A 45 -10.87 -1.53 -5.71
CA TRP A 45 -9.54 -2.11 -5.53
C TRP A 45 -9.55 -3.13 -4.40
N SER A 46 -8.76 -4.20 -4.57
CA SER A 46 -8.69 -5.25 -3.56
C SER A 46 -7.24 -5.71 -3.38
N CYS A 47 -7.04 -6.63 -2.44
CA CYS A 47 -5.71 -7.15 -2.16
C CYS A 47 -5.10 -7.79 -3.41
N ASP A 48 -5.96 -8.34 -4.25
CA ASP A 48 -5.51 -8.98 -5.49
C ASP A 48 -4.86 -7.97 -6.43
N GLN A 49 -5.13 -6.69 -6.18
CA GLN A 49 -4.57 -5.62 -7.00
C GLN A 49 -3.36 -4.99 -6.34
N ASN A 50 -2.66 -5.77 -5.51
CA ASN A 50 -1.48 -5.29 -4.82
C ASN A 50 -0.21 -5.61 -5.60
N THR A 51 0.85 -4.86 -5.32
CA THR A 51 2.13 -5.07 -6.00
C THR A 51 3.05 -5.97 -5.19
N ASP A 52 2.79 -6.04 -3.88
CA ASP A 52 3.60 -6.87 -2.99
C ASP A 52 3.01 -8.27 -2.87
N VAL A 53 3.72 -9.25 -3.43
CA VAL A 53 3.26 -10.63 -3.38
C VAL A 53 3.02 -11.08 -1.94
N GLN A 54 3.71 -10.45 -1.00
CA GLN A 54 3.57 -10.78 0.41
C GLN A 54 2.17 -10.42 0.92
N TYR A 55 1.51 -9.50 0.22
CA TYR A 55 0.18 -9.07 0.61
C TYR A 55 -0.67 -8.76 -0.62
N ASN A 56 -0.73 -9.71 -1.54
CA ASN A 56 -1.50 -9.55 -2.77
C ASN A 56 -2.73 -10.45 -2.77
N ARG A 57 -3.15 -10.87 -1.58
CA ARG A 57 -4.30 -11.76 -1.44
C ARG A 57 -5.22 -11.27 -0.33
N CYS A 58 -6.50 -11.66 -0.41
CA CYS A 58 -7.47 -11.26 0.59
C CYS A 58 -7.42 -12.19 1.80
N ASP A 59 -6.54 -13.18 1.74
CA ASP A 59 -6.39 -14.13 2.84
C ASP A 59 -5.18 -13.78 3.71
N ILE A 60 -4.23 -13.05 3.13
CA ILE A 60 -3.03 -12.65 3.85
C ILE A 60 -3.35 -11.59 4.90
N PRO A 61 -2.95 -11.86 6.15
CA PRO A 61 -3.18 -10.96 7.27
C PRO A 61 -2.33 -9.68 7.17
N GLU A 62 -2.75 -8.65 7.88
CA GLU A 62 -2.03 -7.37 7.87
C GLU A 62 -0.72 -7.49 8.64
N GLU A 63 0.21 -6.57 8.36
CA GLU A 63 1.51 -6.58 9.03
C GLU A 63 1.34 -6.58 10.54
N THR A 64 2.45 -6.74 11.26
CA THR A 64 2.42 -6.77 12.72
C THR A 64 2.94 -5.46 13.30
N TRP A 65 2.20 -4.90 14.25
CA TRP A 65 2.59 -3.64 14.88
C TRP A 65 3.48 -3.90 16.10
N THR A 66 4.79 -3.76 15.91
CA THR A 66 5.75 -3.98 16.98
C THR A 66 6.38 -2.67 17.44
N GLY A 67 6.60 -2.54 18.74
CA GLY A 67 7.19 -1.33 19.28
C GLY A 67 6.22 -0.53 20.12
N LEU A 68 6.64 0.66 20.55
CA LEU A 68 5.80 1.52 21.37
C LEU A 68 5.71 2.92 20.76
N GLU A 69 4.50 3.48 20.77
CA GLU A 69 4.29 4.81 20.22
C GLU A 69 4.48 5.88 21.29
ZN ZN B . -8.89 -8.08 0.34
N GLY A 1 -6.46 15.19 -22.81
CA GLY A 1 -5.14 14.89 -23.33
C GLY A 1 -4.04 15.14 -22.31
N SER A 2 -3.93 14.24 -21.35
CA SER A 2 -2.92 14.37 -20.30
C SER A 2 -1.57 13.82 -20.77
N SER A 3 -0.49 14.41 -20.27
CA SER A 3 0.85 13.98 -20.64
C SER A 3 1.76 13.92 -19.43
N GLY A 4 3.03 13.59 -19.65
CA GLY A 4 3.98 13.50 -18.56
C GLY A 4 4.35 12.07 -18.22
N SER A 5 5.56 11.66 -18.61
CA SER A 5 6.02 10.30 -18.35
C SER A 5 7.52 10.29 -18.07
N SER A 6 7.91 9.64 -16.97
CA SER A 6 9.32 9.56 -16.60
C SER A 6 9.73 8.11 -16.36
N GLY A 7 10.41 7.52 -17.33
CA GLY A 7 10.85 6.14 -17.21
C GLY A 7 12.30 5.96 -17.59
N GLU A 8 13.06 7.06 -17.58
CA GLU A 8 14.47 7.01 -17.93
C GLU A 8 15.34 6.89 -16.68
N ILE A 9 15.36 5.70 -16.10
CA ILE A 9 16.16 5.45 -14.89
C ILE A 9 15.70 6.35 -13.75
N SER A 10 14.51 6.11 -13.24
CA SER A 10 13.96 6.90 -12.15
C SER A 10 13.31 5.99 -11.10
N GLY A 11 13.75 6.14 -9.85
CA GLY A 11 13.21 5.33 -8.78
C GLY A 11 13.66 5.80 -7.41
N PHE A 12 13.95 7.10 -7.30
CA PHE A 12 14.39 7.68 -6.04
C PHE A 12 13.20 8.00 -5.14
N GLY A 13 12.28 8.81 -5.64
CA GLY A 13 11.11 9.19 -4.87
C GLY A 13 10.27 7.99 -4.48
N GLN A 14 10.35 7.59 -3.22
CA GLN A 14 9.60 6.45 -2.72
C GLN A 14 8.75 6.84 -1.51
N CYS A 15 7.47 7.11 -1.75
CA CYS A 15 6.56 7.51 -0.70
C CYS A 15 5.86 6.28 -0.10
N LEU A 16 5.30 6.45 1.08
CA LEU A 16 4.59 5.36 1.75
C LEU A 16 3.08 5.47 1.54
N VAL A 17 2.59 4.79 0.52
CA VAL A 17 1.16 4.82 0.22
C VAL A 17 0.49 3.50 0.58
N TRP A 18 -0.70 3.57 1.15
CA TRP A 18 -1.44 2.38 1.54
C TRP A 18 -2.87 2.41 0.99
N VAL A 19 -3.37 1.24 0.61
CA VAL A 19 -4.72 1.13 0.07
C VAL A 19 -5.55 0.11 0.84
N GLN A 20 -6.80 0.46 1.13
CA GLN A 20 -7.68 -0.43 1.87
C GLN A 20 -8.53 -1.26 0.91
N CYS A 21 -8.62 -2.55 1.18
CA CYS A 21 -9.41 -3.46 0.35
C CYS A 21 -10.82 -2.94 0.17
N SER A 22 -11.48 -3.37 -0.90
CA SER A 22 -12.85 -2.96 -1.19
C SER A 22 -13.85 -3.81 -0.44
N PHE A 23 -13.46 -5.05 -0.14
CA PHE A 23 -14.33 -5.98 0.57
C PHE A 23 -14.39 -5.62 2.06
N PRO A 24 -15.57 -5.82 2.67
CA PRO A 24 -15.79 -5.52 4.08
C PRO A 24 -15.06 -6.49 5.00
N ASN A 25 -15.19 -7.78 4.72
CA ASN A 25 -14.52 -8.81 5.52
C ASN A 25 -13.02 -8.58 5.56
N CYS A 26 -12.50 -7.90 4.55
CA CYS A 26 -11.08 -7.61 4.46
C CYS A 26 -10.74 -6.33 5.20
N GLY A 27 -11.06 -5.20 4.59
CA GLY A 27 -10.79 -3.91 5.22
C GLY A 27 -9.35 -3.79 5.68
N LYS A 28 -8.45 -4.49 4.99
CA LYS A 28 -7.03 -4.46 5.34
C LYS A 28 -6.29 -3.42 4.51
N TRP A 29 -5.26 -2.83 5.08
CA TRP A 29 -4.46 -1.82 4.38
C TRP A 29 -3.22 -2.44 3.76
N ARG A 30 -3.25 -2.63 2.44
CA ARG A 30 -2.14 -3.21 1.73
C ARG A 30 -1.12 -2.14 1.34
N ARG A 31 0.15 -2.43 1.57
CA ARG A 31 1.22 -1.49 1.25
C ARG A 31 1.63 -1.60 -0.22
N LEU A 32 1.73 -0.46 -0.89
CA LEU A 32 2.10 -0.43 -2.30
C LEU A 32 3.53 0.09 -2.48
N CYS A 33 4.07 -0.08 -3.67
CA CYS A 33 5.43 0.37 -3.97
C CYS A 33 5.58 1.86 -3.65
N GLY A 34 5.00 2.70 -4.49
CA GLY A 34 5.09 4.13 -4.28
C GLY A 34 4.58 4.93 -5.46
N ASN A 35 5.01 4.53 -6.67
CA ASN A 35 4.60 5.21 -7.89
C ASN A 35 3.07 5.24 -8.00
N ILE A 36 2.42 4.29 -7.35
CA ILE A 36 0.96 4.21 -7.39
C ILE A 36 0.33 5.20 -6.42
N ASP A 37 -0.75 5.85 -6.87
CA ASP A 37 -1.45 6.82 -6.04
C ASP A 37 -2.93 6.47 -5.91
N PRO A 38 -3.52 6.85 -4.77
CA PRO A 38 -4.93 6.58 -4.50
C PRO A 38 -5.86 7.40 -5.38
N SER A 39 -5.34 8.48 -5.95
CA SER A 39 -6.13 9.35 -6.82
C SER A 39 -6.32 8.72 -8.19
N VAL A 40 -5.39 7.85 -8.57
CA VAL A 40 -5.45 7.17 -9.86
C VAL A 40 -5.74 5.68 -9.69
N LEU A 41 -6.40 5.34 -8.59
CA LEU A 41 -6.74 3.95 -8.31
C LEU A 41 -8.25 3.73 -8.38
N PRO A 42 -8.65 2.48 -8.67
CA PRO A 42 -10.06 2.11 -8.78
C PRO A 42 -10.77 2.13 -7.43
N ASP A 43 -12.09 2.28 -7.46
CA ASP A 43 -12.88 2.31 -6.24
C ASP A 43 -13.11 0.90 -5.71
N ASN A 44 -13.08 -0.08 -6.61
CA ASN A 44 -13.28 -1.48 -6.23
C ASN A 44 -11.95 -2.21 -6.11
N TRP A 45 -10.93 -1.51 -5.63
CA TRP A 45 -9.61 -2.10 -5.48
C TRP A 45 -9.60 -3.14 -4.37
N SER A 46 -8.80 -4.19 -4.55
CA SER A 46 -8.71 -5.26 -3.55
C SER A 46 -7.26 -5.71 -3.38
N CYS A 47 -7.05 -6.63 -2.45
CA CYS A 47 -5.72 -7.15 -2.18
C CYS A 47 -5.12 -7.79 -3.42
N ASP A 48 -5.98 -8.35 -4.26
CA ASP A 48 -5.54 -9.00 -5.49
C ASP A 48 -4.88 -7.99 -6.43
N GLN A 49 -5.15 -6.72 -6.20
CA GLN A 49 -4.58 -5.65 -7.02
C GLN A 49 -3.38 -5.01 -6.34
N ASN A 50 -2.66 -5.80 -5.54
CA ASN A 50 -1.49 -5.31 -4.84
C ASN A 50 -0.21 -5.67 -5.58
N THR A 51 0.82 -4.85 -5.41
CA THR A 51 2.11 -5.08 -6.07
C THR A 51 3.02 -5.96 -5.22
N ASP A 52 2.76 -5.99 -3.91
CA ASP A 52 3.55 -6.79 -2.99
C ASP A 52 2.98 -8.20 -2.87
N VAL A 53 3.69 -9.18 -3.43
CA VAL A 53 3.26 -10.56 -3.39
C VAL A 53 3.02 -11.02 -1.95
N GLN A 54 3.69 -10.38 -1.01
CA GLN A 54 3.55 -10.71 0.40
C GLN A 54 2.15 -10.37 0.91
N TYR A 55 1.49 -9.45 0.21
CA TYR A 55 0.14 -9.03 0.59
C TYR A 55 -0.70 -8.73 -0.64
N ASN A 56 -0.74 -9.69 -1.56
CA ASN A 56 -1.52 -9.52 -2.79
C ASN A 56 -2.73 -10.45 -2.79
N ARG A 57 -3.14 -10.88 -1.61
CA ARG A 57 -4.30 -11.76 -1.47
C ARG A 57 -5.22 -11.29 -0.35
N CYS A 58 -6.50 -11.66 -0.45
CA CYS A 58 -7.48 -11.27 0.55
C CYS A 58 -7.42 -12.21 1.76
N ASP A 59 -6.55 -13.20 1.68
CA ASP A 59 -6.38 -14.17 2.77
C ASP A 59 -5.20 -13.81 3.65
N ILE A 60 -4.26 -13.07 3.08
CA ILE A 60 -3.07 -12.65 3.83
C ILE A 60 -3.42 -11.60 4.88
N PRO A 61 -3.02 -11.87 6.13
CA PRO A 61 -3.28 -10.95 7.25
C PRO A 61 -2.45 -9.68 7.17
N GLU A 62 -2.89 -8.64 7.87
CA GLU A 62 -2.18 -7.37 7.87
C GLU A 62 -0.83 -7.49 8.56
N GLU A 63 0.13 -6.67 8.14
CA GLU A 63 1.47 -6.69 8.71
C GLU A 63 1.44 -6.20 10.16
N THR A 64 1.22 -4.91 10.33
CA THR A 64 1.18 -4.31 11.67
C THR A 64 0.22 -5.07 12.58
N TRP A 65 0.55 -5.14 13.86
CA TRP A 65 -0.28 -5.84 14.83
C TRP A 65 -1.16 -4.86 15.60
N THR A 66 -1.46 -3.73 14.97
CA THR A 66 -2.30 -2.72 15.59
C THR A 66 -3.72 -3.23 15.80
N GLY A 67 -4.43 -3.48 14.69
CA GLY A 67 -5.79 -3.97 14.77
C GLY A 67 -6.68 -3.37 13.71
N LEU A 68 -7.59 -2.49 14.12
CA LEU A 68 -8.52 -1.86 13.18
C LEU A 68 -9.35 -0.79 13.88
N GLU A 69 -10.21 -0.13 13.12
CA GLU A 69 -11.07 0.92 13.67
C GLU A 69 -12.51 0.43 13.78
ZN ZN B . -8.89 -8.07 0.35
N GLY A 1 33.50 3.62 8.37
CA GLY A 1 33.62 4.56 7.27
C GLY A 1 32.28 5.19 6.90
N SER A 2 32.31 6.48 6.59
CA SER A 2 31.09 7.19 6.22
C SER A 2 30.87 7.15 4.72
N SER A 3 31.96 7.24 3.96
CA SER A 3 31.89 7.20 2.51
C SER A 3 31.17 5.95 2.02
N GLY A 4 31.31 4.87 2.78
CA GLY A 4 30.66 3.62 2.41
C GLY A 4 29.47 3.30 3.28
N SER A 5 28.82 2.18 3.01
CA SER A 5 27.64 1.77 3.77
C SER A 5 26.57 2.86 3.75
N SER A 6 26.43 3.51 2.59
CA SER A 6 25.44 4.58 2.43
C SER A 6 25.15 4.83 0.96
N GLY A 7 23.87 4.82 0.61
CA GLY A 7 23.48 5.04 -0.78
C GLY A 7 23.54 6.51 -1.17
N GLU A 8 22.85 6.86 -2.24
CA GLU A 8 22.82 8.24 -2.71
C GLU A 8 21.59 8.99 -2.18
N ILE A 9 21.71 9.55 -1.00
CA ILE A 9 20.62 10.28 -0.38
C ILE A 9 20.67 11.76 -0.74
N SER A 10 20.37 12.07 -2.01
CA SER A 10 20.39 13.44 -2.49
C SER A 10 18.97 13.95 -2.69
N GLY A 11 18.18 13.23 -3.48
CA GLY A 11 16.82 13.63 -3.74
C GLY A 11 15.94 12.47 -4.20
N PHE A 12 15.89 11.43 -3.38
CA PHE A 12 15.08 10.25 -3.70
C PHE A 12 13.60 10.51 -3.44
N GLY A 13 13.29 10.88 -2.19
CA GLY A 13 11.91 11.15 -1.84
C GLY A 13 11.16 9.89 -1.44
N GLN A 14 11.25 9.53 -0.16
CA GLN A 14 10.57 8.34 0.34
C GLN A 14 9.11 8.64 0.66
N CYS A 15 8.21 7.88 0.04
CA CYS A 15 6.78 8.07 0.25
C CYS A 15 6.12 6.75 0.64
N LEU A 16 5.17 6.82 1.58
CA LEU A 16 4.46 5.62 2.03
C LEU A 16 2.97 5.73 1.71
N VAL A 17 2.51 4.86 0.82
CA VAL A 17 1.11 4.84 0.43
C VAL A 17 0.43 3.53 0.82
N TRP A 18 -0.79 3.62 1.32
CA TRP A 18 -1.54 2.43 1.72
C TRP A 18 -2.93 2.43 1.10
N VAL A 19 -3.39 1.24 0.69
CA VAL A 19 -4.70 1.10 0.08
C VAL A 19 -5.56 0.10 0.84
N GLN A 20 -6.80 0.48 1.15
CA GLN A 20 -7.70 -0.39 1.88
C GLN A 20 -8.54 -1.23 0.91
N CYS A 21 -8.62 -2.53 1.18
CA CYS A 21 -9.39 -3.44 0.34
C CYS A 21 -10.81 -2.92 0.14
N SER A 22 -11.45 -3.39 -0.94
CA SER A 22 -12.80 -2.97 -1.25
C SER A 22 -13.82 -3.83 -0.50
N PHE A 23 -13.42 -5.05 -0.16
CA PHE A 23 -14.28 -5.97 0.56
C PHE A 23 -14.36 -5.60 2.04
N PRO A 24 -15.54 -5.81 2.64
CA PRO A 24 -15.77 -5.50 4.06
C PRO A 24 -15.02 -6.46 4.98
N ASN A 25 -15.16 -7.76 4.72
CA ASN A 25 -14.51 -8.77 5.52
C ASN A 25 -13.00 -8.54 5.56
N CYS A 26 -12.47 -7.87 4.54
CA CYS A 26 -11.04 -7.58 4.46
C CYS A 26 -10.71 -6.29 5.20
N GLY A 27 -11.04 -5.16 4.59
CA GLY A 27 -10.76 -3.87 5.21
C GLY A 27 -9.31 -3.75 5.66
N LYS A 28 -8.43 -4.46 4.98
CA LYS A 28 -7.01 -4.42 5.31
C LYS A 28 -6.28 -3.38 4.46
N TRP A 29 -5.26 -2.75 5.05
CA TRP A 29 -4.49 -1.74 4.35
C TRP A 29 -3.22 -2.34 3.74
N ARG A 30 -3.27 -2.62 2.44
CA ARG A 30 -2.13 -3.20 1.74
C ARG A 30 -1.10 -2.13 1.38
N ARG A 31 0.16 -2.52 1.32
CA ARG A 31 1.23 -1.59 0.98
C ARG A 31 1.59 -1.68 -0.50
N LEU A 32 1.73 -0.52 -1.13
CA LEU A 32 2.07 -0.46 -2.55
C LEU A 32 3.53 -0.06 -2.75
N CYS A 33 3.94 0.07 -4.01
CA CYS A 33 5.30 0.45 -4.33
C CYS A 33 5.66 1.78 -3.68
N GLY A 34 5.01 2.85 -4.12
CA GLY A 34 5.28 4.17 -3.56
C GLY A 34 4.88 5.28 -4.51
N ASN A 35 4.83 4.98 -5.80
CA ASN A 35 4.46 5.97 -6.80
C ASN A 35 3.02 5.76 -7.27
N ILE A 36 2.18 5.31 -6.35
CA ILE A 36 0.77 5.06 -6.66
C ILE A 36 -0.14 5.92 -5.78
N ASP A 37 -1.24 6.38 -6.36
CA ASP A 37 -2.20 7.21 -5.62
C ASP A 37 -3.59 6.59 -5.66
N PRO A 38 -4.38 6.84 -4.61
CA PRO A 38 -5.75 6.32 -4.50
C PRO A 38 -6.70 6.98 -5.49
N SER A 39 -6.47 8.25 -5.79
CA SER A 39 -7.30 8.99 -6.71
C SER A 39 -7.33 8.31 -8.08
N VAL A 40 -6.17 7.83 -8.52
CA VAL A 40 -6.07 7.16 -9.81
C VAL A 40 -6.45 5.69 -9.70
N LEU A 41 -6.36 5.15 -8.49
CA LEU A 41 -6.70 3.75 -8.24
C LEU A 41 -8.22 3.55 -8.31
N PRO A 42 -8.63 2.31 -8.65
CA PRO A 42 -10.04 1.96 -8.75
C PRO A 42 -10.73 1.92 -7.39
N ASP A 43 -12.03 2.22 -7.38
CA ASP A 43 -12.80 2.23 -6.15
C ASP A 43 -13.02 0.80 -5.64
N ASN A 44 -13.04 -0.15 -6.56
CA ASN A 44 -13.25 -1.55 -6.21
C ASN A 44 -11.91 -2.28 -6.07
N TRP A 45 -10.88 -1.54 -5.69
CA TRP A 45 -9.56 -2.11 -5.51
C TRP A 45 -9.55 -3.14 -4.38
N SER A 46 -8.77 -4.20 -4.56
CA SER A 46 -8.68 -5.26 -3.56
C SER A 46 -7.24 -5.71 -3.37
N CYS A 47 -7.03 -6.63 -2.44
CA CYS A 47 -5.69 -7.15 -2.17
C CYS A 47 -5.09 -7.79 -3.41
N ASP A 48 -5.95 -8.34 -4.27
CA ASP A 48 -5.51 -8.99 -5.50
C ASP A 48 -4.86 -7.96 -6.43
N GLN A 49 -5.13 -6.69 -6.19
CA GLN A 49 -4.58 -5.62 -7.01
C GLN A 49 -3.37 -4.98 -6.34
N ASN A 50 -2.66 -5.76 -5.53
CA ASN A 50 -1.49 -5.27 -4.83
C ASN A 50 -0.22 -5.58 -5.61
N THR A 51 0.85 -4.85 -5.31
CA THR A 51 2.13 -5.04 -5.98
C THR A 51 3.05 -5.93 -5.17
N ASP A 52 2.79 -6.02 -3.87
CA ASP A 52 3.60 -6.84 -2.98
C ASP A 52 3.02 -8.25 -2.85
N VAL A 53 3.72 -9.23 -3.41
CA VAL A 53 3.26 -10.61 -3.37
C VAL A 53 3.02 -11.06 -1.94
N GLN A 54 3.70 -10.41 -0.99
CA GLN A 54 3.56 -10.75 0.42
C GLN A 54 2.17 -10.39 0.93
N TYR A 55 1.52 -9.47 0.24
CA TYR A 55 0.18 -9.03 0.62
C TYR A 55 -0.67 -8.73 -0.62
N ASN A 56 -0.73 -9.68 -1.54
CA ASN A 56 -1.49 -9.51 -2.77
C ASN A 56 -2.71 -10.43 -2.77
N ARG A 57 -3.13 -10.86 -1.58
CA ARG A 57 -4.28 -11.74 -1.44
C ARG A 57 -5.22 -11.26 -0.34
N CYS A 58 -6.48 -11.66 -0.42
CA CYS A 58 -7.47 -11.26 0.58
C CYS A 58 -7.41 -12.20 1.79
N ASP A 59 -6.50 -13.15 1.75
CA ASP A 59 -6.35 -14.11 2.84
C ASP A 59 -5.15 -13.75 3.71
N ILE A 60 -4.20 -13.03 3.13
CA ILE A 60 -3.00 -12.63 3.85
C ILE A 60 -3.33 -11.58 4.91
N PRO A 61 -2.92 -11.84 6.16
CA PRO A 61 -3.15 -10.93 7.28
C PRO A 61 -2.31 -9.66 7.18
N GLU A 62 -2.73 -8.62 7.90
CA GLU A 62 -2.02 -7.35 7.88
C GLU A 62 -0.72 -7.45 8.68
N GLU A 63 0.12 -6.43 8.57
CA GLU A 63 1.40 -6.41 9.26
C GLU A 63 1.19 -6.41 10.77
N THR A 64 1.94 -7.27 11.47
CA THR A 64 1.83 -7.38 12.92
C THR A 64 2.89 -6.52 13.60
N TRP A 65 2.66 -6.21 14.87
CA TRP A 65 3.60 -5.39 15.64
C TRP A 65 3.86 -4.07 14.96
N THR A 66 2.78 -3.32 14.68
CA THR A 66 2.90 -2.04 14.02
C THR A 66 3.09 -0.91 15.04
N GLY A 67 2.44 -1.05 16.19
CA GLY A 67 2.54 -0.05 17.22
C GLY A 67 1.97 1.29 16.80
N LEU A 68 0.97 1.25 15.91
CA LEU A 68 0.33 2.46 15.43
C LEU A 68 -0.89 2.80 16.28
N GLU A 69 -0.83 3.95 16.95
CA GLU A 69 -1.94 4.39 17.79
C GLU A 69 -3.13 4.85 16.95
ZN ZN B . -8.87 -8.06 0.36
N GLY A 1 -9.86 6.23 11.21
CA GLY A 1 -10.52 7.22 10.38
C GLY A 1 -9.91 7.31 8.99
N SER A 2 -10.45 8.19 8.16
CA SER A 2 -9.97 8.36 6.80
C SER A 2 -9.90 9.83 6.42
N SER A 3 -8.78 10.24 5.84
CA SER A 3 -8.59 11.63 5.43
C SER A 3 -8.50 11.74 3.92
N GLY A 4 -8.76 12.94 3.40
CA GLY A 4 -8.69 13.16 1.97
C GLY A 4 -7.47 13.96 1.55
N SER A 5 -6.55 13.30 0.86
CA SER A 5 -5.33 13.95 0.41
C SER A 5 -5.02 13.59 -1.05
N SER A 6 -4.90 14.61 -1.89
CA SER A 6 -4.61 14.40 -3.30
C SER A 6 -3.23 13.78 -3.49
N GLY A 7 -2.28 14.21 -2.67
CA GLY A 7 -0.93 13.68 -2.76
C GLY A 7 0.04 14.67 -3.37
N GLU A 8 1.32 14.52 -3.04
CA GLU A 8 2.35 15.41 -3.56
C GLU A 8 3.32 14.66 -4.46
N ILE A 9 3.55 15.20 -5.66
CA ILE A 9 4.46 14.58 -6.61
C ILE A 9 5.89 14.52 -6.06
N SER A 10 6.37 13.31 -5.81
CA SER A 10 7.71 13.12 -5.29
C SER A 10 8.50 12.12 -6.13
N GLY A 11 9.71 12.50 -6.51
CA GLY A 11 10.54 11.63 -7.32
C GLY A 11 11.66 10.97 -6.53
N PHE A 12 12.33 11.76 -5.70
CA PHE A 12 13.42 11.25 -4.88
C PHE A 12 13.02 11.20 -3.41
N GLY A 13 13.08 10.02 -2.81
CA GLY A 13 12.73 9.86 -1.42
C GLY A 13 11.85 8.65 -1.17
N GLN A 14 11.37 8.52 0.05
CA GLN A 14 10.51 7.39 0.42
C GLN A 14 9.12 7.87 0.82
N CYS A 15 8.10 7.18 0.33
CA CYS A 15 6.71 7.53 0.65
C CYS A 15 5.99 6.38 1.34
N LEU A 16 4.92 6.71 2.05
CA LEU A 16 4.15 5.69 2.76
C LEU A 16 2.70 5.66 2.26
N VAL A 17 2.47 4.96 1.16
CA VAL A 17 1.14 4.84 0.58
C VAL A 17 0.45 3.56 1.03
N TRP A 18 -0.81 3.68 1.40
CA TRP A 18 -1.59 2.51 1.86
C TRP A 18 -2.94 2.46 1.15
N VAL A 19 -3.37 1.26 0.81
CA VAL A 19 -4.65 1.07 0.14
C VAL A 19 -5.53 0.07 0.88
N GLN A 20 -6.76 0.46 1.17
CA GLN A 20 -7.69 -0.41 1.89
C GLN A 20 -8.52 -1.23 0.91
N CYS A 21 -8.60 -2.53 1.15
CA CYS A 21 -9.37 -3.43 0.29
C CYS A 21 -10.78 -2.91 0.10
N SER A 22 -11.42 -3.35 -0.99
CA SER A 22 -12.78 -2.93 -1.30
C SER A 22 -13.81 -3.79 -0.56
N PHE A 23 -13.42 -5.02 -0.25
CA PHE A 23 -14.29 -5.94 0.46
C PHE A 23 -14.37 -5.59 1.94
N PRO A 24 -15.57 -5.79 2.53
CA PRO A 24 -15.80 -5.49 3.94
C PRO A 24 -15.08 -6.47 4.87
N ASN A 25 -15.21 -7.76 4.59
CA ASN A 25 -14.56 -8.79 5.40
C ASN A 25 -13.06 -8.56 5.46
N CYS A 26 -12.52 -7.87 4.44
CA CYS A 26 -11.10 -7.59 4.38
C CYS A 26 -10.76 -6.32 5.14
N GLY A 27 -11.07 -5.17 4.54
CA GLY A 27 -10.79 -3.90 5.17
C GLY A 27 -9.36 -3.78 5.64
N LYS A 28 -8.46 -4.49 4.96
CA LYS A 28 -7.05 -4.45 5.32
C LYS A 28 -6.30 -3.41 4.49
N TRP A 29 -5.28 -2.80 5.09
CA TRP A 29 -4.48 -1.79 4.41
C TRP A 29 -3.22 -2.41 3.80
N ARG A 30 -3.25 -2.63 2.49
CA ARG A 30 -2.12 -3.21 1.79
C ARG A 30 -1.09 -2.14 1.44
N ARG A 31 0.03 -2.56 0.87
CA ARG A 31 1.09 -1.65 0.48
C ARG A 31 1.30 -1.65 -1.03
N LEU A 32 1.49 -0.46 -1.59
CA LEU A 32 1.70 -0.33 -3.04
C LEU A 32 3.13 0.11 -3.34
N CYS A 33 3.48 0.11 -4.62
CA CYS A 33 4.81 0.52 -5.05
C CYS A 33 4.90 2.04 -5.18
N GLY A 34 6.13 2.55 -5.23
CA GLY A 34 6.33 3.98 -5.36
C GLY A 34 5.92 4.51 -6.72
N ASN A 35 5.86 3.61 -7.70
CA ASN A 35 5.47 4.00 -9.06
C ASN A 35 3.97 4.25 -9.16
N ILE A 36 3.21 3.53 -8.33
CA ILE A 36 1.76 3.68 -8.32
C ILE A 36 1.32 4.69 -7.27
N ASP A 37 0.44 5.61 -7.67
CA ASP A 37 -0.07 6.63 -6.76
C ASP A 37 -1.45 6.24 -6.22
N PRO A 38 -1.75 6.70 -5.00
CA PRO A 38 -3.04 6.41 -4.35
C PRO A 38 -4.20 7.13 -5.01
N SER A 39 -3.88 8.15 -5.81
CA SER A 39 -4.90 8.92 -6.51
C SER A 39 -5.34 8.22 -7.78
N VAL A 40 -4.38 7.72 -8.54
CA VAL A 40 -4.66 7.01 -9.78
C VAL A 40 -5.01 5.55 -9.52
N LEU A 41 -6.01 5.32 -8.67
CA LEU A 41 -6.43 3.98 -8.33
C LEU A 41 -7.91 3.76 -8.68
N PRO A 42 -8.28 2.50 -8.93
CA PRO A 42 -9.66 2.15 -9.28
C PRO A 42 -10.62 2.29 -8.10
N ASP A 43 -11.91 2.32 -8.40
CA ASP A 43 -12.92 2.46 -7.36
C ASP A 43 -13.14 1.14 -6.62
N ASN A 44 -12.83 0.03 -7.31
CA ASN A 44 -12.99 -1.29 -6.72
C ASN A 44 -11.64 -2.01 -6.60
N TRP A 45 -10.77 -1.46 -5.76
CA TRP A 45 -9.45 -2.04 -5.55
C TRP A 45 -9.48 -3.07 -4.43
N SER A 46 -8.69 -4.13 -4.59
CA SER A 46 -8.64 -5.19 -3.59
C SER A 46 -7.20 -5.67 -3.39
N CYS A 47 -7.01 -6.60 -2.46
CA CYS A 47 -5.70 -7.13 -2.16
C CYS A 47 -5.07 -7.76 -3.40
N ASP A 48 -5.93 -8.30 -4.27
CA ASP A 48 -5.46 -8.93 -5.50
C ASP A 48 -4.80 -7.91 -6.42
N GLN A 49 -5.06 -6.63 -6.17
CA GLN A 49 -4.49 -5.56 -6.97
C GLN A 49 -3.28 -4.94 -6.29
N ASN A 50 -2.60 -5.74 -5.46
CA ASN A 50 -1.42 -5.26 -4.74
C ASN A 50 -0.15 -5.58 -5.51
N THR A 51 0.91 -4.82 -5.22
CA THR A 51 2.19 -5.02 -5.89
C THR A 51 3.10 -5.93 -5.07
N ASP A 52 2.83 -6.02 -3.77
CA ASP A 52 3.62 -6.84 -2.88
C ASP A 52 3.03 -8.25 -2.77
N VAL A 53 3.74 -9.22 -3.33
CA VAL A 53 3.29 -10.60 -3.30
C VAL A 53 3.02 -11.07 -1.87
N GLN A 54 3.70 -10.44 -0.92
CA GLN A 54 3.54 -10.79 0.49
C GLN A 54 2.14 -10.43 0.98
N TYR A 55 1.50 -9.49 0.29
CA TYR A 55 0.15 -9.06 0.66
C TYR A 55 -0.67 -8.74 -0.58
N ASN A 56 -0.72 -9.69 -1.51
CA ASN A 56 -1.48 -9.51 -2.75
C ASN A 56 -2.71 -10.42 -2.78
N ARG A 57 -3.13 -10.86 -1.59
CA ARG A 57 -4.28 -11.74 -1.48
C ARG A 57 -5.23 -11.27 -0.38
N CYS A 58 -6.50 -11.66 -0.48
CA CYS A 58 -7.50 -11.27 0.51
C CYS A 58 -7.45 -12.20 1.72
N ASP A 59 -6.56 -13.18 1.67
CA ASP A 59 -6.42 -14.15 2.75
C ASP A 59 -5.23 -13.80 3.63
N ILE A 60 -4.28 -13.08 3.08
CA ILE A 60 -3.09 -12.67 3.82
C ILE A 60 -3.42 -11.62 4.87
N PRO A 61 -3.04 -11.90 6.13
CA PRO A 61 -3.30 -10.99 7.25
C PRO A 61 -2.45 -9.72 7.17
N GLU A 62 -2.88 -8.68 7.88
CA GLU A 62 -2.16 -7.41 7.88
C GLU A 62 -0.84 -7.54 8.63
N GLU A 63 0.10 -6.65 8.32
CA GLU A 63 1.41 -6.66 8.97
C GLU A 63 1.41 -5.81 10.23
N THR A 64 1.53 -6.45 11.38
CA THR A 64 1.54 -5.75 12.66
C THR A 64 2.94 -5.79 13.29
N TRP A 65 3.19 -4.84 14.18
CA TRP A 65 4.49 -4.75 14.85
C TRP A 65 4.44 -5.46 16.20
N THR A 66 5.59 -5.98 16.63
CA THR A 66 5.68 -6.68 17.90
C THR A 66 6.05 -5.74 19.04
N GLY A 67 5.10 -4.90 19.44
CA GLY A 67 5.34 -3.95 20.50
C GLY A 67 4.86 -2.56 20.17
N LEU A 68 4.49 -1.79 21.19
CA LEU A 68 4.01 -0.43 21.00
C LEU A 68 5.14 0.57 21.16
N GLU A 69 5.87 0.82 20.07
CA GLU A 69 6.98 1.76 20.08
C GLU A 69 6.47 3.19 20.05
ZN ZN B . -8.91 -8.08 0.28
N GLY A 1 8.22 31.95 -32.61
CA GLY A 1 8.34 31.58 -31.21
C GLY A 1 7.93 30.15 -30.95
N SER A 2 8.23 29.26 -31.89
CA SER A 2 7.87 27.85 -31.76
C SER A 2 9.07 27.02 -31.34
N SER A 3 9.66 27.37 -30.19
CA SER A 3 10.82 26.67 -29.69
C SER A 3 10.49 25.93 -28.39
N GLY A 4 10.82 24.64 -28.35
CA GLY A 4 10.55 23.84 -27.17
C GLY A 4 11.43 24.22 -26.00
N SER A 5 10.81 24.48 -24.85
CA SER A 5 11.54 24.87 -23.65
C SER A 5 11.12 24.02 -22.46
N SER A 6 11.35 22.71 -22.55
CA SER A 6 10.98 21.79 -21.49
C SER A 6 11.83 22.03 -20.24
N GLY A 7 11.25 21.78 -19.07
CA GLY A 7 11.97 21.98 -17.83
C GLY A 7 12.38 20.68 -17.18
N GLU A 8 13.23 20.76 -16.16
CA GLU A 8 13.71 19.57 -15.47
C GLU A 8 12.60 18.98 -14.58
N ILE A 9 12.39 17.68 -14.71
CA ILE A 9 11.37 16.99 -13.94
C ILE A 9 11.78 16.86 -12.48
N SER A 10 11.05 17.55 -11.60
CA SER A 10 11.34 17.52 -10.17
C SER A 10 10.23 16.79 -9.41
N GLY A 11 10.64 15.78 -8.63
CA GLY A 11 9.67 15.01 -7.87
C GLY A 11 10.33 13.93 -7.03
N PHE A 12 9.63 13.49 -5.99
CA PHE A 12 10.16 12.46 -5.09
C PHE A 12 10.12 11.09 -5.78
N GLY A 13 11.11 10.26 -5.48
CA GLY A 13 11.17 8.94 -6.06
C GLY A 13 10.34 7.93 -5.30
N GLN A 14 10.75 7.62 -4.07
CA GLN A 14 10.03 6.65 -3.25
C GLN A 14 9.03 7.37 -2.33
N CYS A 15 7.98 6.65 -1.96
CA CYS A 15 6.95 7.21 -1.09
C CYS A 15 6.19 6.10 -0.37
N LEU A 16 5.44 6.48 0.66
CA LEU A 16 4.65 5.52 1.44
C LEU A 16 3.16 5.69 1.17
N VAL A 17 2.58 4.73 0.46
CA VAL A 17 1.15 4.77 0.13
C VAL A 17 0.47 3.47 0.53
N TRP A 18 -0.71 3.59 1.14
CA TRP A 18 -1.46 2.42 1.57
C TRP A 18 -2.86 2.43 0.95
N VAL A 19 -3.38 1.23 0.67
CA VAL A 19 -4.71 1.10 0.08
C VAL A 19 -5.56 0.09 0.85
N GLN A 20 -6.79 0.47 1.16
CA GLN A 20 -7.70 -0.42 1.89
C GLN A 20 -8.53 -1.25 0.93
N CYS A 21 -8.62 -2.55 1.18
CA CYS A 21 -9.39 -3.45 0.34
C CYS A 21 -10.82 -2.95 0.15
N SER A 22 -11.46 -3.39 -0.92
CA SER A 22 -12.83 -2.98 -1.21
C SER A 22 -13.84 -3.84 -0.46
N PHE A 23 -13.43 -5.07 -0.14
CA PHE A 23 -14.29 -6.00 0.58
C PHE A 23 -14.36 -5.64 2.06
N PRO A 24 -15.54 -5.84 2.66
CA PRO A 24 -15.77 -5.55 4.08
C PRO A 24 -15.03 -6.51 5.00
N ASN A 25 -15.15 -7.81 4.72
CA ASN A 25 -14.48 -8.82 5.53
C ASN A 25 -12.98 -8.59 5.56
N CYS A 26 -12.47 -7.91 4.55
CA CYS A 26 -11.04 -7.61 4.47
C CYS A 26 -10.70 -6.33 5.21
N GLY A 27 -11.04 -5.19 4.60
CA GLY A 27 -10.76 -3.91 5.23
C GLY A 27 -9.32 -3.78 5.67
N LYS A 28 -8.43 -4.48 4.98
CA LYS A 28 -7.01 -4.45 5.32
C LYS A 28 -6.28 -3.40 4.47
N TRP A 29 -5.26 -2.77 5.06
CA TRP A 29 -4.49 -1.76 4.36
C TRP A 29 -3.23 -2.36 3.75
N ARG A 30 -3.28 -2.63 2.44
CA ARG A 30 -2.15 -3.20 1.74
C ARG A 30 -1.13 -2.13 1.37
N ARG A 31 0.16 -2.45 1.52
CA ARG A 31 1.22 -1.51 1.21
C ARG A 31 1.67 -1.66 -0.24
N LEU A 32 1.69 -0.55 -0.97
CA LEU A 32 2.10 -0.55 -2.36
C LEU A 32 3.56 -0.15 -2.51
N CYS A 33 4.12 -0.37 -3.70
CA CYS A 33 5.50 -0.02 -3.97
C CYS A 33 5.70 1.48 -3.99
N GLY A 34 5.20 2.12 -5.04
CA GLY A 34 5.33 3.57 -5.17
C GLY A 34 4.78 4.09 -6.48
N ASN A 35 4.74 5.41 -6.61
CA ASN A 35 4.22 6.04 -7.82
C ASN A 35 2.76 5.67 -8.04
N ILE A 36 2.01 5.56 -6.95
CA ILE A 36 0.59 5.22 -7.02
C ILE A 36 -0.24 6.12 -6.12
N ASP A 37 -1.44 6.45 -6.57
CA ASP A 37 -2.34 7.31 -5.81
C ASP A 37 -3.75 6.72 -5.76
N PRO A 38 -4.47 7.00 -4.66
CA PRO A 38 -5.84 6.51 -4.48
C PRO A 38 -6.83 7.17 -5.42
N SER A 39 -6.53 8.41 -5.81
CA SER A 39 -7.40 9.16 -6.72
C SER A 39 -7.46 8.50 -8.08
N VAL A 40 -6.35 7.92 -8.52
CA VAL A 40 -6.28 7.25 -9.81
C VAL A 40 -6.65 5.78 -9.67
N LEU A 41 -6.47 5.23 -8.48
CA LEU A 41 -6.78 3.83 -8.22
C LEU A 41 -8.28 3.59 -8.30
N PRO A 42 -8.66 2.34 -8.62
CA PRO A 42 -10.07 1.94 -8.73
C PRO A 42 -10.78 1.93 -7.38
N ASP A 43 -12.07 2.24 -7.39
CA ASP A 43 -12.86 2.26 -6.17
C ASP A 43 -13.09 0.84 -5.65
N ASN A 44 -13.05 -0.13 -6.56
CA ASN A 44 -13.26 -1.53 -6.20
C ASN A 44 -11.93 -2.26 -6.06
N TRP A 45 -10.90 -1.53 -5.65
CA TRP A 45 -9.57 -2.11 -5.49
C TRP A 45 -9.56 -3.15 -4.36
N SER A 46 -8.79 -4.20 -4.55
CA SER A 46 -8.70 -5.26 -3.55
C SER A 46 -7.25 -5.72 -3.37
N CYS A 47 -7.04 -6.64 -2.45
CA CYS A 47 -5.70 -7.16 -2.17
C CYS A 47 -5.10 -7.79 -3.42
N ASP A 48 -5.96 -8.35 -4.27
CA ASP A 48 -5.52 -8.99 -5.50
C ASP A 48 -4.88 -7.98 -6.43
N GLN A 49 -5.14 -6.70 -6.19
CA GLN A 49 -4.60 -5.62 -7.01
C GLN A 49 -3.39 -4.99 -6.33
N ASN A 50 -2.67 -5.78 -5.55
CA ASN A 50 -1.49 -5.28 -4.85
C ASN A 50 -0.23 -5.59 -5.63
N THR A 51 0.84 -4.85 -5.34
CA THR A 51 2.12 -5.04 -6.01
C THR A 51 3.04 -5.93 -5.20
N ASP A 52 2.79 -6.01 -3.90
CA ASP A 52 3.59 -6.85 -3.01
C ASP A 52 3.01 -8.25 -2.89
N VAL A 53 3.71 -9.23 -3.44
CA VAL A 53 3.26 -10.61 -3.39
C VAL A 53 3.02 -11.06 -1.95
N GLN A 54 3.71 -10.41 -1.02
CA GLN A 54 3.56 -10.75 0.40
C GLN A 54 2.17 -10.39 0.91
N TYR A 55 1.51 -9.47 0.21
CA TYR A 55 0.18 -9.03 0.60
C TYR A 55 -0.67 -8.73 -0.64
N ASN A 56 -0.74 -9.69 -1.56
CA ASN A 56 -1.50 -9.53 -2.78
C ASN A 56 -2.72 -10.45 -2.79
N ARG A 57 -3.14 -10.88 -1.59
CA ARG A 57 -4.28 -11.77 -1.46
C ARG A 57 -5.21 -11.28 -0.35
N CYS A 58 -6.47 -11.68 -0.44
CA CYS A 58 -7.47 -11.29 0.56
C CYS A 58 -7.42 -12.22 1.77
N ASP A 59 -6.50 -13.17 1.74
CA ASP A 59 -6.34 -14.12 2.84
C ASP A 59 -5.13 -13.77 3.70
N ILE A 60 -4.19 -13.03 3.12
CA ILE A 60 -2.99 -12.63 3.84
C ILE A 60 -3.32 -11.58 4.90
N PRO A 61 -2.90 -11.84 6.15
CA PRO A 61 -3.14 -10.94 7.27
C PRO A 61 -2.30 -9.67 7.17
N GLU A 62 -2.73 -8.63 7.88
CA GLU A 62 -2.01 -7.35 7.87
C GLU A 62 -0.70 -7.46 8.64
N GLU A 63 0.24 -6.56 8.33
CA GLU A 63 1.53 -6.55 8.99
C GLU A 63 1.37 -6.49 10.51
N THR A 64 2.50 -6.58 11.22
CA THR A 64 2.48 -6.54 12.68
C THR A 64 1.75 -5.28 13.18
N TRP A 65 0.92 -5.46 14.21
CA TRP A 65 0.18 -4.35 14.78
C TRP A 65 1.09 -3.44 15.59
N THR A 66 1.73 -4.00 16.60
CA THR A 66 2.64 -3.23 17.45
C THR A 66 4.04 -3.17 16.85
N GLY A 67 4.42 -1.99 16.35
CA GLY A 67 5.73 -1.83 15.76
C GLY A 67 6.79 -1.52 16.78
N LEU A 68 6.90 -2.34 17.80
CA LEU A 68 7.88 -2.15 18.86
C LEU A 68 8.70 -3.41 19.09
N GLU A 69 9.98 -3.36 18.73
CA GLU A 69 10.87 -4.50 18.89
C GLU A 69 11.70 -4.36 20.16
ZN ZN B . -8.88 -8.09 0.36
N GLY A 1 29.04 1.31 -5.51
CA GLY A 1 27.66 1.74 -5.38
C GLY A 1 27.53 3.24 -5.19
N SER A 2 27.71 4.00 -6.27
CA SER A 2 27.62 5.45 -6.20
C SER A 2 26.25 5.93 -6.67
N SER A 3 25.87 5.53 -7.89
CA SER A 3 24.59 5.93 -8.45
C SER A 3 23.45 5.61 -7.49
N GLY A 4 22.61 6.60 -7.22
CA GLY A 4 21.49 6.41 -6.32
C GLY A 4 21.85 6.69 -4.87
N SER A 5 20.84 6.79 -4.02
CA SER A 5 21.05 7.08 -2.61
C SER A 5 20.02 6.36 -1.75
N SER A 6 20.44 5.91 -0.57
CA SER A 6 19.56 5.21 0.35
C SER A 6 19.05 3.91 -0.28
N GLY A 7 19.91 3.27 -1.06
CA GLY A 7 19.53 2.02 -1.72
C GLY A 7 19.42 0.87 -0.74
N GLU A 8 18.21 0.63 -0.23
CA GLU A 8 17.98 -0.45 0.72
C GLU A 8 17.40 -1.68 0.02
N ILE A 9 17.85 -2.85 0.42
CA ILE A 9 17.38 -4.10 -0.17
C ILE A 9 16.31 -4.74 0.71
N SER A 10 15.10 -4.83 0.20
CA SER A 10 13.98 -5.43 0.93
C SER A 10 13.71 -4.65 2.21
N GLY A 11 13.94 -3.34 2.16
CA GLY A 11 13.72 -2.50 3.33
C GLY A 11 12.49 -1.61 3.17
N PHE A 12 12.22 -0.81 4.19
CA PHE A 12 11.07 0.09 4.16
C PHE A 12 11.16 1.04 2.96
N GLY A 13 10.00 1.38 2.40
CA GLY A 13 9.96 2.28 1.27
C GLY A 13 9.84 3.74 1.68
N GLN A 14 10.36 4.63 0.84
CA GLN A 14 10.30 6.06 1.13
C GLN A 14 8.88 6.60 0.94
N CYS A 15 8.11 5.94 0.08
CA CYS A 15 6.74 6.36 -0.20
C CYS A 15 5.78 5.77 0.84
N LEU A 16 5.02 6.64 1.49
CA LEU A 16 4.06 6.22 2.51
C LEU A 16 2.64 6.20 1.94
N VAL A 17 2.33 5.16 1.17
CA VAL A 17 1.00 5.02 0.58
C VAL A 17 0.38 3.67 0.93
N TRP A 18 -0.86 3.70 1.40
CA TRP A 18 -1.56 2.48 1.76
C TRP A 18 -2.96 2.45 1.14
N VAL A 19 -3.37 1.27 0.70
CA VAL A 19 -4.68 1.10 0.08
C VAL A 19 -5.53 0.09 0.85
N GLN A 20 -6.77 0.46 1.13
CA GLN A 20 -7.69 -0.41 1.87
C GLN A 20 -8.53 -1.24 0.91
N CYS A 21 -8.60 -2.54 1.15
CA CYS A 21 -9.37 -3.44 0.31
C CYS A 21 -10.79 -2.93 0.14
N SER A 22 -11.45 -3.37 -0.93
CA SER A 22 -12.82 -2.96 -1.22
C SER A 22 -13.82 -3.82 -0.45
N PHE A 23 -13.43 -5.05 -0.17
CA PHE A 23 -14.29 -5.99 0.56
C PHE A 23 -14.37 -5.62 2.03
N PRO A 24 -15.54 -5.82 2.65
CA PRO A 24 -15.77 -5.52 4.06
C PRO A 24 -15.02 -6.48 4.97
N ASN A 25 -15.16 -7.77 4.71
CA ASN A 25 -14.49 -8.80 5.51
C ASN A 25 -12.98 -8.56 5.55
N CYS A 26 -12.47 -7.89 4.54
CA CYS A 26 -11.04 -7.59 4.45
C CYS A 26 -10.71 -6.30 5.20
N GLY A 27 -11.04 -5.17 4.58
CA GLY A 27 -10.76 -3.89 5.19
C GLY A 27 -9.33 -3.75 5.65
N LYS A 28 -8.43 -4.46 4.98
CA LYS A 28 -7.01 -4.42 5.31
C LYS A 28 -6.27 -3.38 4.47
N TRP A 29 -5.27 -2.73 5.08
CA TRP A 29 -4.50 -1.72 4.38
C TRP A 29 -3.23 -2.33 3.78
N ARG A 30 -3.27 -2.62 2.49
CA ARG A 30 -2.13 -3.20 1.80
C ARG A 30 -1.09 -2.13 1.46
N ARG A 31 0.14 -2.57 1.20
CA ARG A 31 1.22 -1.65 0.88
C ARG A 31 1.48 -1.63 -0.63
N LEU A 32 1.55 -0.44 -1.19
CA LEU A 32 1.79 -0.28 -2.63
C LEU A 32 3.19 0.30 -2.89
N CYS A 33 3.75 -0.03 -4.04
CA CYS A 33 5.07 0.46 -4.41
C CYS A 33 5.11 1.98 -4.45
N GLY A 34 6.26 2.53 -4.82
CA GLY A 34 6.39 3.98 -4.89
C GLY A 34 6.13 4.53 -6.28
N ASN A 35 5.41 3.76 -7.09
CA ASN A 35 5.08 4.17 -8.45
C ASN A 35 3.58 4.15 -8.68
N ILE A 36 2.82 4.29 -7.60
CA ILE A 36 1.36 4.28 -7.69
C ILE A 36 0.75 5.32 -6.76
N ASP A 37 -0.33 5.95 -7.21
CA ASP A 37 -1.00 6.97 -6.42
C ASP A 37 -2.45 6.56 -6.13
N PRO A 38 -2.97 7.02 -4.98
CA PRO A 38 -4.35 6.71 -4.56
C PRO A 38 -5.38 7.40 -5.43
N SER A 39 -5.01 8.55 -6.00
CA SER A 39 -5.92 9.31 -6.86
C SER A 39 -6.08 8.64 -8.21
N VAL A 40 -5.07 7.86 -8.60
CA VAL A 40 -5.11 7.16 -9.89
C VAL A 40 -5.45 5.69 -9.69
N LEU A 41 -6.19 5.39 -8.62
CA LEU A 41 -6.58 4.03 -8.32
C LEU A 41 -8.09 3.86 -8.44
N PRO A 42 -8.53 2.63 -8.72
CA PRO A 42 -9.96 2.30 -8.87
C PRO A 42 -10.70 2.38 -7.54
N ASP A 43 -12.02 2.23 -7.60
CA ASP A 43 -12.85 2.27 -6.40
C ASP A 43 -13.08 0.86 -5.86
N ASN A 44 -13.03 -0.13 -6.74
CA ASN A 44 -13.23 -1.52 -6.33
C ASN A 44 -11.90 -2.25 -6.20
N TRP A 45 -10.89 -1.53 -5.70
CA TRP A 45 -9.56 -2.11 -5.52
C TRP A 45 -9.57 -3.14 -4.41
N SER A 46 -8.76 -4.20 -4.57
CA SER A 46 -8.68 -5.25 -3.58
C SER A 46 -7.23 -5.71 -3.39
N CYS A 47 -7.03 -6.63 -2.45
CA CYS A 47 -5.70 -7.15 -2.18
C CYS A 47 -5.09 -7.79 -3.42
N ASP A 48 -5.95 -8.34 -4.27
CA ASP A 48 -5.50 -8.98 -5.50
C ASP A 48 -4.85 -7.97 -6.44
N GLN A 49 -5.12 -6.70 -6.19
CA GLN A 49 -4.57 -5.62 -7.01
C GLN A 49 -3.36 -4.97 -6.33
N ASN A 50 -2.65 -5.77 -5.53
CA ASN A 50 -1.48 -5.27 -4.82
C ASN A 50 -0.19 -5.59 -5.59
N THR A 51 0.86 -4.83 -5.31
CA THR A 51 2.15 -5.03 -5.98
C THR A 51 3.06 -5.92 -5.17
N ASP A 52 2.80 -6.00 -3.86
CA ASP A 52 3.60 -6.83 -2.97
C ASP A 52 3.01 -8.23 -2.84
N VAL A 53 3.72 -9.21 -3.40
CA VAL A 53 3.27 -10.59 -3.36
C VAL A 53 3.02 -11.05 -1.93
N GLN A 54 3.70 -10.40 -0.98
CA GLN A 54 3.55 -10.74 0.43
C GLN A 54 2.16 -10.38 0.93
N TYR A 55 1.50 -9.46 0.24
CA TYR A 55 0.16 -9.03 0.62
C TYR A 55 -0.68 -8.73 -0.62
N ASN A 56 -0.74 -9.69 -1.54
CA ASN A 56 -1.51 -9.53 -2.77
C ASN A 56 -2.73 -10.44 -2.77
N ARG A 57 -3.15 -10.87 -1.58
CA ARG A 57 -4.30 -11.75 -1.44
C ARG A 57 -5.23 -11.26 -0.33
N CYS A 58 -6.50 -11.66 -0.41
CA CYS A 58 -7.48 -11.26 0.58
C CYS A 58 -7.43 -12.19 1.80
N ASP A 59 -6.52 -13.15 1.76
CA ASP A 59 -6.37 -14.10 2.85
C ASP A 59 -5.17 -13.75 3.72
N ILE A 60 -4.22 -13.03 3.14
CA ILE A 60 -3.02 -12.61 3.86
C ILE A 60 -3.34 -11.56 4.91
N PRO A 61 -2.94 -11.82 6.17
CA PRO A 61 -3.17 -10.90 7.28
C PRO A 61 -2.33 -9.64 7.18
N GLU A 62 -2.74 -8.61 7.91
CA GLU A 62 -2.03 -7.33 7.90
C GLU A 62 -0.72 -7.44 8.67
N GLU A 63 0.17 -6.47 8.46
CA GLU A 63 1.45 -6.45 9.14
C GLU A 63 1.27 -6.47 10.65
N THR A 64 2.06 -7.30 11.33
CA THR A 64 1.99 -7.41 12.78
C THR A 64 2.58 -6.18 13.45
N TRP A 65 2.28 -6.02 14.74
CA TRP A 65 2.79 -4.88 15.50
C TRP A 65 2.44 -3.56 14.81
N THR A 66 1.26 -3.51 14.22
CA THR A 66 0.81 -2.30 13.53
C THR A 66 -0.65 -2.00 13.84
N GLY A 67 -0.94 -0.75 14.19
CA GLY A 67 -2.29 -0.35 14.51
C GLY A 67 -2.35 0.95 15.27
N LEU A 68 -1.69 1.97 14.76
CA LEU A 68 -1.67 3.28 15.40
C LEU A 68 -2.23 4.36 14.48
N GLU A 69 -3.28 5.03 14.94
CA GLU A 69 -3.90 6.09 14.14
C GLU A 69 -4.02 7.37 14.95
ZN ZN B . -8.88 -8.07 0.34
N GLY A 1 -3.12 4.66 -23.71
CA GLY A 1 -2.72 5.70 -22.78
C GLY A 1 -2.33 5.15 -21.42
N SER A 2 -2.72 5.85 -20.36
CA SER A 2 -2.40 5.43 -19.00
C SER A 2 -0.90 5.15 -18.86
N SER A 3 -0.09 5.99 -19.49
CA SER A 3 1.36 5.83 -19.43
C SER A 3 2.02 7.11 -18.91
N GLY A 4 3.04 6.94 -18.07
CA GLY A 4 3.74 8.09 -17.52
C GLY A 4 4.69 7.69 -16.40
N SER A 5 5.95 8.11 -16.53
CA SER A 5 6.96 7.80 -15.52
C SER A 5 7.71 9.05 -15.10
N SER A 6 7.79 9.28 -13.79
CA SER A 6 8.48 10.45 -13.26
C SER A 6 9.37 10.07 -12.08
N GLY A 7 10.32 10.93 -11.76
CA GLY A 7 11.22 10.67 -10.66
C GLY A 7 11.00 11.61 -9.49
N GLU A 8 9.97 11.34 -8.70
CA GLU A 8 9.66 12.18 -7.55
C GLU A 8 10.62 11.91 -6.39
N ILE A 9 10.79 12.89 -5.51
CA ILE A 9 11.68 12.75 -4.37
C ILE A 9 10.88 12.61 -3.07
N SER A 10 9.77 11.89 -3.15
CA SER A 10 8.93 11.67 -1.98
C SER A 10 9.35 10.41 -1.23
N GLY A 11 9.62 9.35 -1.98
CA GLY A 11 10.04 8.10 -1.38
C GLY A 11 10.86 7.24 -2.31
N PHE A 12 12.13 7.05 -1.98
CA PHE A 12 13.02 6.24 -2.81
C PHE A 12 13.36 4.93 -2.11
N GLY A 13 13.31 4.94 -0.79
CA GLY A 13 13.62 3.74 -0.03
C GLY A 13 12.37 3.04 0.49
N GLN A 14 11.62 3.73 1.33
CA GLN A 14 10.40 3.18 1.90
C GLN A 14 9.17 3.77 1.22
N CYS A 15 8.05 3.05 1.29
CA CYS A 15 6.80 3.50 0.70
C CYS A 15 5.89 4.14 1.74
N LEU A 16 5.20 5.21 1.34
CA LEU A 16 4.28 5.90 2.24
C LEU A 16 2.87 5.90 1.69
N VAL A 17 2.54 4.89 0.91
CA VAL A 17 1.21 4.76 0.33
C VAL A 17 0.55 3.45 0.72
N TRP A 18 -0.69 3.54 1.19
CA TRP A 18 -1.44 2.35 1.60
C TRP A 18 -2.86 2.38 1.05
N VAL A 19 -3.35 1.22 0.64
CA VAL A 19 -4.71 1.12 0.09
C VAL A 19 -5.53 0.10 0.87
N GLN A 20 -6.79 0.43 1.11
CA GLN A 20 -7.69 -0.46 1.84
C GLN A 20 -8.55 -1.28 0.88
N CYS A 21 -8.62 -2.58 1.13
CA CYS A 21 -9.40 -3.47 0.29
C CYS A 21 -10.83 -2.95 0.11
N SER A 22 -11.47 -3.36 -0.98
CA SER A 22 -12.84 -2.93 -1.27
C SER A 22 -13.84 -3.79 -0.52
N PHE A 23 -13.46 -5.03 -0.23
CA PHE A 23 -14.32 -5.96 0.48
C PHE A 23 -14.41 -5.60 1.95
N PRO A 24 -15.59 -5.80 2.55
CA PRO A 24 -15.83 -5.51 3.96
C PRO A 24 -15.10 -6.48 4.89
N ASN A 25 -15.24 -7.77 4.61
CA ASN A 25 -14.59 -8.80 5.41
C ASN A 25 -13.08 -8.57 5.47
N CYS A 26 -12.55 -7.90 4.46
CA CYS A 26 -11.12 -7.61 4.39
C CYS A 26 -10.79 -6.33 5.14
N GLY A 27 -11.11 -5.19 4.52
CA GLY A 27 -10.83 -3.91 5.15
C GLY A 27 -9.41 -3.80 5.63
N LYS A 28 -8.49 -4.50 4.97
CA LYS A 28 -7.09 -4.48 5.34
C LYS A 28 -6.33 -3.43 4.53
N TRP A 29 -5.32 -2.83 5.15
CA TRP A 29 -4.51 -1.81 4.49
C TRP A 29 -3.25 -2.42 3.87
N ARG A 30 -3.27 -2.59 2.56
CA ARG A 30 -2.13 -3.16 1.85
C ARG A 30 -1.08 -2.10 1.52
N ARG A 31 0.13 -2.53 1.24
CA ARG A 31 1.22 -1.60 0.91
C ARG A 31 1.66 -1.79 -0.54
N LEU A 32 1.42 -0.77 -1.36
CA LEU A 32 1.80 -0.82 -2.77
C LEU A 32 3.30 -0.59 -2.94
N CYS A 33 3.73 -0.50 -4.18
CA CYS A 33 5.14 -0.28 -4.49
C CYS A 33 5.67 0.95 -3.76
N GLY A 34 5.02 2.09 -4.01
CA GLY A 34 5.45 3.33 -3.38
C GLY A 34 5.24 4.53 -4.27
N ASN A 35 5.31 4.32 -5.58
CA ASN A 35 5.13 5.41 -6.54
C ASN A 35 3.70 5.42 -7.07
N ILE A 36 2.77 4.90 -6.29
CA ILE A 36 1.37 4.84 -6.69
C ILE A 36 0.50 5.71 -5.78
N ASP A 37 -0.39 6.48 -6.39
CA ASP A 37 -1.28 7.36 -5.63
C ASP A 37 -2.71 6.80 -5.60
N PRO A 38 -3.43 7.12 -4.53
CA PRO A 38 -4.82 6.66 -4.35
C PRO A 38 -5.78 7.33 -5.33
N SER A 39 -5.42 8.53 -5.77
CA SER A 39 -6.26 9.28 -6.70
C SER A 39 -6.31 8.60 -8.06
N VAL A 40 -5.20 7.95 -8.44
CA VAL A 40 -5.12 7.25 -9.71
C VAL A 40 -5.44 5.77 -9.55
N LEU A 41 -6.25 5.45 -8.54
CA LEU A 41 -6.63 4.07 -8.27
C LEU A 41 -8.15 3.90 -8.36
N PRO A 42 -8.58 2.68 -8.70
CA PRO A 42 -10.01 2.35 -8.81
C PRO A 42 -10.72 2.34 -7.45
N ASP A 43 -12.04 2.28 -7.49
CA ASP A 43 -12.84 2.27 -6.26
C ASP A 43 -13.06 0.84 -5.78
N ASN A 44 -13.04 -0.10 -6.71
CA ASN A 44 -13.25 -1.51 -6.38
C ASN A 44 -11.91 -2.23 -6.24
N TRP A 45 -10.90 -1.52 -5.74
CA TRP A 45 -9.58 -2.09 -5.56
C TRP A 45 -9.59 -3.13 -4.44
N SER A 46 -8.80 -4.19 -4.61
CA SER A 46 -8.72 -5.25 -3.62
C SER A 46 -7.28 -5.70 -3.42
N CYS A 47 -7.07 -6.61 -2.48
CA CYS A 47 -5.74 -7.13 -2.19
C CYS A 47 -5.12 -7.77 -3.43
N ASP A 48 -5.98 -8.33 -4.29
CA ASP A 48 -5.52 -8.98 -5.51
C ASP A 48 -4.85 -7.97 -6.44
N GLN A 49 -5.12 -6.68 -6.21
CA GLN A 49 -4.55 -5.62 -7.02
C GLN A 49 -3.34 -4.98 -6.33
N ASN A 50 -2.64 -5.78 -5.52
CA ASN A 50 -1.47 -5.29 -4.79
C ASN A 50 -0.19 -5.63 -5.55
N THR A 51 0.84 -4.81 -5.34
CA THR A 51 2.13 -5.02 -6.00
C THR A 51 3.04 -5.90 -5.16
N ASP A 52 2.77 -5.96 -3.85
CA ASP A 52 3.57 -6.77 -2.94
C ASP A 52 2.99 -8.18 -2.83
N VAL A 53 3.71 -9.16 -3.39
CA VAL A 53 3.28 -10.54 -3.35
C VAL A 53 3.02 -11.01 -1.91
N GLN A 54 3.69 -10.36 -0.97
CA GLN A 54 3.55 -10.70 0.44
C GLN A 54 2.14 -10.36 0.94
N TYR A 55 1.49 -9.43 0.25
CA TYR A 55 0.14 -9.01 0.63
C TYR A 55 -0.70 -8.70 -0.61
N ASN A 56 -0.74 -9.66 -1.53
CA ASN A 56 -1.51 -9.50 -2.77
C ASN A 56 -2.72 -10.43 -2.77
N ARG A 57 -3.14 -10.86 -1.59
CA ARG A 57 -4.29 -11.75 -1.47
C ARG A 57 -5.21 -11.28 -0.35
N CYS A 58 -6.49 -11.66 -0.45
CA CYS A 58 -7.49 -11.28 0.54
C CYS A 58 -7.42 -12.21 1.75
N ASP A 59 -6.58 -13.22 1.67
CA ASP A 59 -6.43 -14.18 2.75
C ASP A 59 -5.25 -13.81 3.65
N ILE A 60 -4.30 -13.06 3.08
CA ILE A 60 -3.12 -12.63 3.83
C ILE A 60 -3.48 -11.59 4.88
N PRO A 61 -3.10 -11.85 6.13
CA PRO A 61 -3.37 -10.93 7.24
C PRO A 61 -2.55 -9.65 7.16
N GLU A 62 -2.99 -8.62 7.87
CA GLU A 62 -2.29 -7.34 7.87
C GLU A 62 -0.92 -7.48 8.51
N GLU A 63 -0.06 -6.48 8.27
CA GLU A 63 1.29 -6.49 8.82
C GLU A 63 1.35 -5.69 10.13
N THR A 64 1.14 -4.38 10.02
CA THR A 64 1.16 -3.51 11.18
C THR A 64 0.26 -4.03 12.29
N TRP A 65 0.59 -3.68 13.53
CA TRP A 65 -0.19 -4.12 14.68
C TRP A 65 -1.18 -3.04 15.11
N THR A 66 -1.74 -2.34 14.13
CA THR A 66 -2.71 -1.28 14.41
C THR A 66 -3.82 -1.78 15.33
N GLY A 67 -4.13 -3.08 15.23
CA GLY A 67 -5.17 -3.65 16.06
C GLY A 67 -6.54 -3.58 15.40
N LEU A 68 -7.19 -4.73 15.28
CA LEU A 68 -8.51 -4.80 14.66
C LEU A 68 -9.61 -4.72 15.72
N GLU A 69 -9.72 -3.56 16.36
CA GLU A 69 -10.73 -3.35 17.38
C GLU A 69 -12.09 -3.01 16.76
ZN ZN B . -8.93 -8.10 0.29
N GLY A 1 -9.75 14.75 -5.79
CA GLY A 1 -8.36 14.36 -5.63
C GLY A 1 -7.44 15.11 -6.58
N SER A 2 -7.49 16.43 -6.52
CA SER A 2 -6.66 17.27 -7.40
C SER A 2 -5.19 17.12 -7.03
N SER A 3 -4.32 17.23 -8.04
CA SER A 3 -2.88 17.11 -7.83
C SER A 3 -2.34 18.31 -7.07
N GLY A 4 -2.38 19.49 -7.70
CA GLY A 4 -1.89 20.69 -7.06
C GLY A 4 -0.46 21.01 -7.44
N SER A 5 0.46 20.87 -6.49
CA SER A 5 1.86 21.15 -6.74
C SER A 5 2.61 19.89 -7.17
N SER A 6 3.83 20.07 -7.64
CA SER A 6 4.65 18.94 -8.09
C SER A 6 4.99 18.03 -6.93
N GLY A 7 5.04 16.72 -7.21
CA GLY A 7 5.35 15.75 -6.17
C GLY A 7 5.53 14.35 -6.73
N GLU A 8 6.06 14.26 -7.94
CA GLU A 8 6.27 12.96 -8.58
C GLU A 8 7.70 12.47 -8.35
N ILE A 9 8.20 12.69 -7.14
CA ILE A 9 9.55 12.27 -6.78
C ILE A 9 9.63 10.76 -6.61
N SER A 10 9.72 10.04 -7.72
CA SER A 10 9.80 8.59 -7.69
C SER A 10 11.25 8.11 -7.75
N GLY A 11 12.06 8.59 -6.80
CA GLY A 11 13.45 8.21 -6.76
C GLY A 11 13.78 7.35 -5.56
N PHE A 12 12.81 6.58 -5.09
CA PHE A 12 12.99 5.71 -3.94
C PHE A 12 13.57 6.48 -2.76
N GLY A 13 12.99 7.66 -2.49
CA GLY A 13 13.47 8.47 -1.39
C GLY A 13 12.71 8.20 -0.11
N GLN A 14 11.40 8.48 -0.12
CA GLN A 14 10.57 8.27 1.05
C GLN A 14 9.10 8.54 0.72
N CYS A 15 8.24 7.59 1.09
CA CYS A 15 6.81 7.72 0.84
C CYS A 15 6.03 6.65 1.59
N LEU A 16 4.86 7.03 2.10
CA LEU A 16 4.02 6.09 2.84
C LEU A 16 2.60 6.09 2.28
N VAL A 17 2.30 5.11 1.43
CA VAL A 17 0.98 4.99 0.82
C VAL A 17 0.37 3.63 1.12
N TRP A 18 -0.88 3.64 1.57
CA TRP A 18 -1.59 2.41 1.89
C TRP A 18 -2.97 2.39 1.24
N VAL A 19 -3.37 1.22 0.73
CA VAL A 19 -4.65 1.06 0.08
C VAL A 19 -5.53 0.06 0.83
N GLN A 20 -6.76 0.47 1.14
CA GLN A 20 -7.69 -0.39 1.86
C GLN A 20 -8.54 -1.21 0.89
N CYS A 21 -8.59 -2.51 1.13
CA CYS A 21 -9.36 -3.42 0.27
C CYS A 21 -10.78 -2.91 0.10
N SER A 22 -11.42 -3.34 -0.99
CA SER A 22 -12.79 -2.93 -1.28
C SER A 22 -13.80 -3.79 -0.52
N PHE A 23 -13.39 -5.02 -0.22
CA PHE A 23 -14.25 -5.95 0.50
C PHE A 23 -14.33 -5.58 1.98
N PRO A 24 -15.52 -5.77 2.57
CA PRO A 24 -15.75 -5.47 3.99
C PRO A 24 -15.01 -6.43 4.92
N ASN A 25 -15.15 -7.73 4.65
CA ASN A 25 -14.49 -8.74 5.46
C ASN A 25 -12.98 -8.51 5.52
N CYS A 26 -12.46 -7.84 4.50
CA CYS A 26 -11.03 -7.56 4.42
C CYS A 26 -10.70 -6.26 5.16
N GLY A 27 -11.02 -5.13 4.55
CA GLY A 27 -10.75 -3.85 5.17
C GLY A 27 -9.31 -3.72 5.63
N LYS A 28 -8.40 -4.42 4.96
CA LYS A 28 -6.99 -4.39 5.31
C LYS A 28 -6.25 -3.35 4.46
N TRP A 29 -5.25 -2.72 5.07
CA TRP A 29 -4.46 -1.72 4.38
C TRP A 29 -3.20 -2.32 3.75
N ARG A 30 -3.26 -2.60 2.45
CA ARG A 30 -2.13 -3.18 1.75
C ARG A 30 -1.09 -2.12 1.38
N ARG A 31 0.13 -2.56 1.11
CA ARG A 31 1.20 -1.64 0.76
C ARG A 31 1.44 -1.65 -0.75
N LEU A 32 1.59 -0.45 -1.33
CA LEU A 32 1.82 -0.32 -2.76
C LEU A 32 3.28 0.07 -3.04
N CYS A 33 3.63 0.14 -4.32
CA CYS A 33 4.98 0.51 -4.72
C CYS A 33 5.21 2.00 -4.56
N GLY A 34 6.48 2.41 -4.54
CA GLY A 34 6.81 3.81 -4.40
C GLY A 34 6.51 4.61 -5.66
N ASN A 35 6.38 3.91 -6.78
CA ASN A 35 6.10 4.55 -8.07
C ASN A 35 4.62 4.47 -8.40
N ILE A 36 3.78 4.47 -7.37
CA ILE A 36 2.34 4.40 -7.56
C ILE A 36 1.61 5.39 -6.66
N ASP A 37 0.63 6.08 -7.22
CA ASP A 37 -0.15 7.06 -6.47
C ASP A 37 -1.58 6.57 -6.24
N PRO A 38 -2.18 7.00 -5.12
CA PRO A 38 -3.55 6.62 -4.77
C PRO A 38 -4.59 7.24 -5.70
N SER A 39 -4.21 8.33 -6.36
CA SER A 39 -5.10 9.03 -7.27
C SER A 39 -5.31 8.22 -8.54
N VAL A 40 -4.29 7.46 -8.94
CA VAL A 40 -4.37 6.64 -10.14
C VAL A 40 -4.83 5.22 -9.81
N LEU A 41 -5.82 5.12 -8.93
CA LEU A 41 -6.35 3.82 -8.53
C LEU A 41 -7.83 3.71 -8.85
N PRO A 42 -8.30 2.47 -9.04
CA PRO A 42 -9.70 2.19 -9.37
C PRO A 42 -10.63 2.48 -8.20
N ASP A 43 -11.91 2.11 -8.36
CA ASP A 43 -12.89 2.33 -7.30
C ASP A 43 -13.14 1.05 -6.52
N ASN A 44 -12.89 -0.09 -7.16
CA ASN A 44 -13.10 -1.39 -6.52
C ASN A 44 -11.77 -2.13 -6.37
N TRP A 45 -10.79 -1.45 -5.78
CA TRP A 45 -9.47 -2.05 -5.58
C TRP A 45 -9.51 -3.09 -4.47
N SER A 46 -8.70 -4.14 -4.61
CA SER A 46 -8.64 -5.20 -3.61
C SER A 46 -7.21 -5.69 -3.42
N CYS A 47 -7.02 -6.59 -2.47
CA CYS A 47 -5.70 -7.14 -2.17
C CYS A 47 -5.09 -7.78 -3.42
N ASP A 48 -5.96 -8.33 -4.26
CA ASP A 48 -5.50 -8.99 -5.49
C ASP A 48 -4.84 -7.98 -6.43
N GLN A 49 -5.10 -6.69 -6.18
CA GLN A 49 -4.53 -5.64 -7.01
C GLN A 49 -3.32 -5.00 -6.33
N ASN A 50 -2.62 -5.80 -5.52
CA ASN A 50 -1.45 -5.32 -4.81
C ASN A 50 -0.17 -5.65 -5.58
N THR A 51 0.88 -4.86 -5.35
CA THR A 51 2.15 -5.07 -6.02
C THR A 51 3.07 -5.96 -5.19
N ASP A 52 2.81 -6.03 -3.90
CA ASP A 52 3.61 -6.84 -2.99
C ASP A 52 3.02 -8.24 -2.85
N VAL A 53 3.72 -9.23 -3.40
CA VAL A 53 3.27 -10.62 -3.34
C VAL A 53 3.02 -11.04 -1.90
N GLN A 54 3.69 -10.40 -0.96
CA GLN A 54 3.54 -10.72 0.45
C GLN A 54 2.14 -10.36 0.94
N TYR A 55 1.49 -9.43 0.24
CA TYR A 55 0.16 -8.99 0.60
C TYR A 55 -0.68 -8.71 -0.63
N ASN A 56 -0.74 -9.68 -1.54
CA ASN A 56 -1.50 -9.53 -2.77
C ASN A 56 -2.72 -10.45 -2.77
N ARG A 57 -3.14 -10.87 -1.58
CA ARG A 57 -4.29 -11.75 -1.44
C ARG A 57 -5.22 -11.26 -0.34
N CYS A 58 -6.48 -11.64 -0.42
CA CYS A 58 -7.48 -11.24 0.57
C CYS A 58 -7.43 -12.16 1.79
N ASP A 59 -6.52 -13.13 1.76
CA ASP A 59 -6.36 -14.07 2.86
C ASP A 59 -5.17 -13.70 3.74
N ILE A 60 -4.21 -12.99 3.14
CA ILE A 60 -3.01 -12.58 3.87
C ILE A 60 -3.34 -11.52 4.91
N PRO A 61 -2.94 -11.78 6.17
CA PRO A 61 -3.19 -10.86 7.29
C PRO A 61 -2.35 -9.59 7.18
N GLU A 62 -2.78 -8.55 7.89
CA GLU A 62 -2.07 -7.27 7.87
C GLU A 62 -0.74 -7.38 8.61
N GLU A 63 0.09 -6.36 8.45
CA GLU A 63 1.40 -6.33 9.11
C GLU A 63 1.35 -5.50 10.38
N THR A 64 0.17 -5.39 10.97
CA THR A 64 0.00 -4.62 12.19
C THR A 64 0.12 -5.50 13.44
N TRP A 65 1.05 -5.15 14.31
CA TRP A 65 1.28 -5.90 15.53
C TRP A 65 0.88 -5.09 16.76
N THR A 66 -0.03 -4.14 16.58
CA THR A 66 -0.48 -3.30 17.66
C THR A 66 -1.98 -3.00 17.55
N GLY A 67 -2.67 -3.02 18.67
CA GLY A 67 -4.10 -2.75 18.68
C GLY A 67 -4.89 -3.82 19.40
N LEU A 68 -5.93 -4.32 18.75
CA LEU A 68 -6.78 -5.35 19.34
C LEU A 68 -6.33 -6.74 18.91
N GLU A 69 -6.02 -6.89 17.63
CA GLU A 69 -5.56 -8.16 17.09
C GLU A 69 -4.04 -8.20 16.96
ZN ZN B . -8.90 -8.06 0.29
#